data_8YPB
#
_entry.id   8YPB
#
_cell.length_a   1.00
_cell.length_b   1.00
_cell.length_c   1.00
_cell.angle_alpha   90.00
_cell.angle_beta   90.00
_cell.angle_gamma   90.00
#
_symmetry.space_group_name_H-M   'P 1'
#
loop_
_entity.id
_entity.type
_entity.pdbx_description
1 polymer 'Beta subunit of light-harvesting 1 complex'
2 polymer 'LH1 alpha polypeptide'
3 non-polymer 'BACTERIOCHLOROPHYLL A'
4 non-polymer 'CALCIUM ION'
5 non-polymer SPIRILLOXANTHIN
#
loop_
_entity_poly.entity_id
_entity_poly.type
_entity_poly.pdbx_seq_one_letter_code
_entity_poly.pdbx_strand_id
1 'polypeptide(L)' MANSSMTGLTEQEAQEFHGIFVQSMTAFFGIVVIAHILAWLWRPWL b,A,C,E,H,J,L,N,P,R,T,V,X,Z
2 'polypeptide(L)' MSPDLWKIWLLIDPRRVLIAVFAFLTILGLAIHMILLSTTEFNWLEDGIPAAKVQQVTPVVPQR F,B,D,G,I,K,M,O,Q,S,U,W,Y,a
#
# COMPACT_ATOMS: atom_id res chain seq x y z
N SER A 5 15.39 -40.50 -10.38
CA SER A 5 16.72 -39.89 -10.30
C SER A 5 16.65 -38.53 -9.60
N MET A 6 16.43 -37.47 -10.38
CA MET A 6 16.30 -36.14 -9.80
C MET A 6 15.01 -36.00 -9.00
N THR A 7 13.94 -36.66 -9.43
CA THR A 7 12.69 -36.67 -8.68
C THR A 7 12.67 -37.70 -7.56
N GLY A 8 13.68 -38.57 -7.48
CA GLY A 8 13.70 -39.64 -6.51
C GLY A 8 12.97 -40.90 -6.94
N LEU A 9 12.35 -40.90 -8.12
CA LEU A 9 11.63 -42.06 -8.61
C LEU A 9 12.59 -43.08 -9.22
N THR A 10 12.22 -44.35 -9.09
CA THR A 10 12.93 -45.42 -9.77
C THR A 10 12.52 -45.46 -11.23
N GLU A 11 13.38 -46.05 -12.07
CA GLU A 11 13.07 -46.16 -13.49
C GLU A 11 11.79 -46.96 -13.71
N GLN A 12 11.62 -48.05 -12.95
CA GLN A 12 10.36 -48.81 -13.02
C GLN A 12 9.19 -47.96 -12.55
N GLU A 13 9.39 -47.19 -11.47
CA GLU A 13 8.35 -46.30 -10.99
C GLU A 13 7.96 -45.28 -12.05
N ALA A 14 8.96 -44.70 -12.71
CA ALA A 14 8.69 -43.72 -13.76
C ALA A 14 7.97 -44.36 -14.93
N GLN A 15 8.37 -45.58 -15.32
CA GLN A 15 7.71 -46.26 -16.43
C GLN A 15 6.24 -46.54 -16.11
N GLU A 16 5.96 -47.03 -14.90
CA GLU A 16 4.59 -47.37 -14.56
C GLU A 16 3.73 -46.12 -14.42
N PHE A 17 4.30 -45.06 -13.83
CA PHE A 17 3.57 -43.80 -13.76
C PHE A 17 3.29 -43.26 -15.16
N HIS A 18 4.26 -43.37 -16.07
CA HIS A 18 4.05 -42.90 -17.43
C HIS A 18 2.94 -43.69 -18.11
N GLY A 19 2.92 -45.01 -17.91
CA GLY A 19 1.86 -45.81 -18.48
C GLY A 19 0.49 -45.40 -17.99
N ILE A 20 0.35 -45.26 -16.67
CA ILE A 20 -0.96 -44.88 -16.11
C ILE A 20 -1.33 -43.47 -16.52
N PHE A 21 -0.35 -42.57 -16.57
CA PHE A 21 -0.59 -41.18 -16.99
C PHE A 21 -1.07 -41.14 -18.43
N VAL A 22 -0.44 -41.89 -19.32
CA VAL A 22 -0.84 -41.90 -20.72
C VAL A 22 -2.22 -42.51 -20.87
N GLN A 23 -2.53 -43.57 -20.12
CA GLN A 23 -3.86 -44.16 -20.19
C GLN A 23 -4.93 -43.18 -19.73
N SER A 24 -4.69 -42.50 -18.61
CA SER A 24 -5.66 -41.54 -18.10
C SER A 24 -5.82 -40.35 -19.06
N MET A 25 -4.72 -39.88 -19.63
CA MET A 25 -4.78 -38.78 -20.58
C MET A 25 -5.53 -39.19 -21.83
N THR A 26 -5.34 -40.44 -22.28
CA THR A 26 -6.08 -40.93 -23.44
C THR A 26 -7.58 -41.02 -23.15
N ALA A 27 -7.94 -41.49 -21.96
CA ALA A 27 -9.36 -41.53 -21.59
C ALA A 27 -9.96 -40.13 -21.55
N PHE A 28 -9.23 -39.18 -20.96
CA PHE A 28 -9.69 -37.79 -20.91
C PHE A 28 -9.83 -37.22 -22.31
N PHE A 29 -8.88 -37.51 -23.19
CA PHE A 29 -8.95 -37.01 -24.56
C PHE A 29 -10.11 -37.63 -25.33
N GLY A 30 -10.40 -38.91 -25.08
CA GLY A 30 -11.55 -39.53 -25.72
C GLY A 30 -12.86 -38.90 -25.26
N ILE A 31 -13.02 -38.57 -23.99
CA ILE A 31 -14.29 -37.96 -23.49
C ILE A 31 -14.43 -36.57 -24.13
N VAL A 32 -13.35 -35.81 -24.18
CA VAL A 32 -13.31 -34.45 -24.80
C VAL A 32 -13.60 -34.51 -26.31
N VAL A 33 -13.33 -35.62 -26.99
CA VAL A 33 -13.58 -35.77 -28.45
C VAL A 33 -15.08 -35.95 -28.64
N ILE A 34 -15.72 -36.80 -27.85
CA ILE A 34 -17.20 -36.96 -27.87
C ILE A 34 -17.86 -35.63 -27.49
N ALA A 35 -17.38 -34.97 -26.43
CA ALA A 35 -17.91 -33.66 -26.02
C ALA A 35 -17.82 -32.72 -27.21
N HIS A 36 -16.71 -32.78 -27.95
CA HIS A 36 -16.56 -31.86 -29.08
C HIS A 36 -17.36 -32.32 -30.29
N ILE A 37 -17.49 -33.63 -30.51
CA ILE A 37 -18.38 -34.12 -31.56
C ILE A 37 -19.81 -33.72 -31.27
N LEU A 38 -20.24 -33.87 -30.01
CA LEU A 38 -21.59 -33.44 -29.63
C LEU A 38 -21.77 -31.95 -29.81
N ALA A 39 -20.75 -31.15 -29.48
CA ALA A 39 -20.83 -29.70 -29.65
C ALA A 39 -20.90 -29.33 -31.12
N TRP A 40 -20.15 -30.02 -31.98
CA TRP A 40 -20.20 -29.74 -33.40
C TRP A 40 -21.55 -30.10 -34.00
N LEU A 41 -22.13 -31.22 -33.55
CA LEU A 41 -23.48 -31.56 -33.99
C LEU A 41 -24.49 -30.53 -33.49
N TRP A 42 -24.31 -30.04 -32.26
CA TRP A 42 -25.21 -29.05 -31.70
C TRP A 42 -25.10 -27.72 -32.44
N ARG A 43 -23.88 -27.21 -32.59
CA ARG A 43 -23.69 -25.90 -33.20
C ARG A 43 -22.27 -25.77 -33.74
N PRO A 44 -22.05 -26.09 -35.02
CA PRO A 44 -20.70 -25.95 -35.59
C PRO A 44 -20.24 -24.50 -35.59
N TRP A 45 -18.94 -24.31 -35.39
CA TRP A 45 -18.36 -22.98 -35.30
C TRP A 45 -17.54 -22.57 -36.52
N LEU A 46 -17.21 -23.51 -37.40
CA LEU A 46 -16.44 -23.21 -38.60
C LEU A 46 -17.22 -23.57 -39.84
N SER B 2 8.98 -40.76 -28.91
CA SER B 2 10.17 -41.35 -28.32
C SER B 2 9.82 -42.46 -27.33
N PRO B 3 10.44 -43.63 -27.50
CA PRO B 3 10.18 -44.74 -26.56
C PRO B 3 10.55 -44.42 -25.13
N ASP B 4 11.54 -43.56 -24.92
CA ASP B 4 12.01 -43.21 -23.58
C ASP B 4 11.37 -41.94 -23.05
N LEU B 5 10.15 -41.64 -23.48
CA LEU B 5 9.43 -40.49 -22.95
C LEU B 5 9.05 -40.67 -21.48
N TRP B 6 9.04 -41.91 -20.98
CA TRP B 6 8.78 -42.16 -19.58
C TRP B 6 9.85 -41.57 -18.68
N LYS B 7 11.04 -41.31 -19.21
CA LYS B 7 12.15 -40.78 -18.43
C LYS B 7 11.92 -39.34 -18.00
N ILE B 8 10.90 -38.66 -18.53
CA ILE B 8 10.60 -37.29 -18.13
C ILE B 8 10.21 -37.21 -16.67
N TRP B 9 9.72 -38.31 -16.09
CA TRP B 9 9.32 -38.31 -14.69
C TRP B 9 10.51 -38.47 -13.75
N LEU B 10 11.71 -38.69 -14.28
CA LEU B 10 12.93 -38.60 -13.49
C LEU B 10 13.43 -37.18 -13.37
N LEU B 11 12.82 -36.22 -14.06
CA LEU B 11 13.20 -34.82 -14.00
C LEU B 11 12.14 -33.94 -13.36
N ILE B 12 10.90 -34.02 -13.83
CA ILE B 12 9.80 -33.23 -13.30
C ILE B 12 8.99 -34.10 -12.34
N ASP B 13 8.64 -33.55 -11.19
CA ASP B 13 7.98 -34.31 -10.15
C ASP B 13 6.60 -34.75 -10.60
N PRO B 14 6.29 -36.05 -10.59
CA PRO B 14 4.94 -36.48 -11.03
C PRO B 14 3.81 -35.87 -10.23
N ARG B 15 3.99 -35.68 -8.92
CA ARG B 15 2.93 -35.11 -8.09
C ARG B 15 2.70 -33.64 -8.44
N ARG B 16 3.78 -32.87 -8.55
CA ARG B 16 3.65 -31.46 -8.91
C ARG B 16 3.09 -31.31 -10.33
N VAL B 17 3.53 -32.18 -11.24
CA VAL B 17 3.02 -32.13 -12.62
C VAL B 17 1.54 -32.46 -12.65
N LEU B 18 1.11 -33.46 -11.88
CA LEU B 18 -0.31 -33.79 -11.83
C LEU B 18 -1.14 -32.65 -11.27
N ILE B 19 -0.66 -32.03 -10.18
CA ILE B 19 -1.39 -30.91 -9.59
C ILE B 19 -1.49 -29.75 -10.58
N ALA B 20 -0.38 -29.42 -11.22
CA ALA B 20 -0.38 -28.32 -12.19
C ALA B 20 -1.28 -28.63 -13.37
N VAL B 21 -1.26 -29.88 -13.85
CA VAL B 21 -2.07 -30.26 -15.00
C VAL B 21 -3.55 -30.15 -14.66
N PHE B 22 -3.93 -30.66 -13.49
CA PHE B 22 -5.34 -30.59 -13.08
C PHE B 22 -5.79 -29.15 -12.92
N ALA B 23 -4.98 -28.32 -12.25
CA ALA B 23 -5.35 -26.93 -12.05
C ALA B 23 -5.45 -26.18 -13.39
N PHE B 24 -4.48 -26.40 -14.28
CA PHE B 24 -4.49 -25.73 -15.57
C PHE B 24 -5.67 -26.16 -16.41
N LEU B 25 -5.99 -27.46 -16.42
CA LEU B 25 -7.13 -27.94 -17.19
C LEU B 25 -8.43 -27.36 -16.66
N THR B 26 -8.58 -27.28 -15.33
CA THR B 26 -9.78 -26.70 -14.76
C THR B 26 -9.90 -25.22 -15.14
N ILE B 27 -8.79 -24.48 -15.01
CA ILE B 27 -8.82 -23.06 -15.35
C ILE B 27 -9.11 -22.87 -16.83
N LEU B 28 -8.53 -23.71 -17.68
CA LEU B 28 -8.77 -23.61 -19.11
C LEU B 28 -10.22 -23.89 -19.46
N GLY B 29 -10.82 -24.91 -18.85
CA GLY B 29 -12.22 -25.18 -19.08
C GLY B 29 -13.11 -24.04 -18.62
N LEU B 30 -12.83 -23.48 -17.44
CA LEU B 30 -13.60 -22.33 -16.97
C LEU B 30 -13.48 -21.16 -17.92
N ALA B 31 -12.26 -20.89 -18.40
CA ALA B 31 -12.03 -19.77 -19.30
C ALA B 31 -12.76 -19.97 -20.63
N ILE B 32 -12.72 -21.19 -21.16
CA ILE B 32 -13.40 -21.45 -22.43
C ILE B 32 -14.91 -21.31 -22.28
N HIS B 33 -15.47 -21.81 -21.16
CA HIS B 33 -16.89 -21.65 -20.93
C HIS B 33 -17.27 -20.17 -20.79
N MET B 34 -16.44 -19.38 -20.11
CA MET B 34 -16.65 -17.94 -20.06
C MET B 34 -16.60 -17.29 -21.44
N ILE B 35 -15.62 -17.69 -22.27
CA ILE B 35 -15.51 -17.09 -23.60
C ILE B 35 -16.73 -17.43 -24.44
N LEU B 36 -17.20 -18.67 -24.35
CA LEU B 36 -18.41 -19.05 -25.08
C LEU B 36 -19.63 -18.31 -24.56
N LEU B 37 -19.74 -18.13 -23.24
CA LEU B 37 -20.85 -17.40 -22.67
C LEU B 37 -20.76 -15.90 -22.93
N SER B 38 -19.55 -15.38 -23.18
CA SER B 38 -19.39 -13.96 -23.47
C SER B 38 -19.84 -13.60 -24.87
N THR B 39 -20.02 -14.59 -25.75
CA THR B 39 -20.50 -14.35 -27.10
C THR B 39 -22.02 -14.50 -27.16
N THR B 40 -22.57 -14.14 -28.31
CA THR B 40 -24.00 -14.30 -28.55
C THR B 40 -24.31 -15.62 -29.23
N GLU B 41 -23.45 -16.04 -30.16
CA GLU B 41 -23.71 -17.25 -30.93
C GLU B 41 -23.61 -18.51 -30.09
N PHE B 42 -22.75 -18.51 -29.06
CA PHE B 42 -22.48 -19.73 -28.30
C PHE B 42 -22.82 -19.59 -26.83
N ASN B 43 -23.57 -18.58 -26.43
CA ASN B 43 -24.13 -18.51 -25.09
C ASN B 43 -25.39 -19.37 -25.09
N TRP B 44 -25.22 -20.64 -24.71
CA TRP B 44 -26.32 -21.59 -24.71
C TRP B 44 -27.39 -21.28 -23.67
N LEU B 45 -27.11 -20.36 -22.74
CA LEU B 45 -28.09 -19.98 -21.74
C LEU B 45 -28.96 -18.81 -22.18
N GLU B 46 -28.42 -17.94 -23.00
CA GLU B 46 -29.16 -16.73 -23.41
C GLU B 46 -29.56 -16.86 -24.87
N ASP B 47 -29.37 -18.02 -25.49
CA ASP B 47 -29.60 -18.17 -26.96
C ASP B 47 -31.07 -18.05 -27.37
N GLY B 48 -32.02 -18.35 -26.48
CA GLY B 48 -33.44 -18.39 -26.84
C GLY B 48 -33.76 -19.77 -27.33
N ILE B 49 -32.85 -20.73 -27.16
CA ILE B 49 -33.05 -22.13 -27.66
C ILE B 49 -32.85 -23.15 -26.52
N PRO B 50 -33.84 -24.01 -26.20
CA PRO B 50 -35.20 -23.94 -26.79
C PRO B 50 -36.00 -22.68 -26.43
N ALA B 51 -37.11 -22.42 -27.12
CA ALA B 51 -37.96 -21.20 -26.94
C ALA B 51 -38.13 -20.75 -25.48
N ALA B 52 -37.97 -19.44 -25.22
CA ALA B 52 -37.98 -18.90 -23.83
C ALA B 52 -39.33 -18.91 -23.10
N LYS B 53 -39.29 -18.84 -21.77
CA LYS B 53 -40.48 -18.88 -20.87
C LYS B 53 -40.51 -17.53 -20.16
N VAL B 54 -39.38 -16.84 -20.10
CA VAL B 54 -39.28 -15.49 -19.49
C VAL B 54 -38.93 -14.55 -20.64
N SER C 5 5.29 1.79 44.45
CA SER C 5 4.85 2.72 43.42
C SER C 5 5.19 2.19 42.03
N MET C 6 4.20 2.23 41.13
CA MET C 6 4.42 1.79 39.75
C MET C 6 5.26 2.78 38.96
N THR C 7 5.45 4.00 39.47
CA THR C 7 6.22 5.02 38.78
C THR C 7 7.63 5.17 39.32
N GLY C 8 7.94 4.56 40.47
CA GLY C 8 9.23 4.71 41.10
C GLY C 8 9.38 5.90 42.00
N LEU C 9 8.39 6.79 42.03
CA LEU C 9 8.43 7.94 42.92
C LEU C 9 8.17 7.53 44.36
N THR C 10 8.71 8.32 45.29
CA THR C 10 8.41 8.15 46.70
C THR C 10 7.17 8.97 47.06
N GLU C 11 6.66 8.73 48.26
CA GLU C 11 5.48 9.48 48.71
C GLU C 11 5.78 10.97 48.80
N GLN C 12 6.94 11.33 49.35
CA GLN C 12 7.32 12.74 49.43
C GLN C 12 7.47 13.34 48.04
N GLU C 13 8.11 12.61 47.12
CA GLU C 13 8.25 13.11 45.75
C GLU C 13 6.89 13.28 45.09
N ALA C 14 5.98 12.33 45.31
CA ALA C 14 4.64 12.46 44.73
C ALA C 14 3.90 13.66 45.29
N GLN C 15 3.97 13.87 46.60
CA GLN C 15 3.31 15.03 47.20
C GLN C 15 3.90 16.33 46.67
N GLU C 16 5.22 16.41 46.58
CA GLU C 16 5.85 17.67 46.18
C GLU C 16 5.64 17.94 44.69
N PHE C 17 5.59 16.89 43.87
CA PHE C 17 5.17 17.08 42.48
C PHE C 17 3.73 17.56 42.40
N HIS C 18 2.84 16.98 43.22
CA HIS C 18 1.44 17.37 43.20
C HIS C 18 1.28 18.83 43.57
N GLY C 19 2.04 19.30 44.55
CA GLY C 19 1.97 20.71 44.93
C GLY C 19 2.35 21.63 43.79
N ILE C 20 3.46 21.32 43.11
CA ILE C 20 3.91 22.16 42.00
C ILE C 20 2.97 22.00 40.80
N PHE C 21 2.50 20.77 40.55
CA PHE C 21 1.57 20.55 39.44
C PHE C 21 0.28 21.33 39.64
N VAL C 22 -0.26 21.30 40.85
CA VAL C 22 -1.51 22.01 41.13
C VAL C 22 -1.31 23.51 41.02
N GLN C 23 -0.19 24.03 41.54
CA GLN C 23 0.07 25.46 41.48
C GLN C 23 0.25 25.94 40.05
N SER C 24 1.01 25.19 39.24
CA SER C 24 1.19 25.56 37.84
C SER C 24 -0.12 25.48 37.08
N MET C 25 -0.93 24.45 37.37
CA MET C 25 -2.24 24.33 36.74
C MET C 25 -3.14 25.50 37.13
N THR C 26 -3.07 25.94 38.38
CA THR C 26 -3.87 27.07 38.83
C THR C 26 -3.43 28.37 38.16
N ALA C 27 -2.12 28.56 37.99
CA ALA C 27 -1.64 29.75 37.29
C ALA C 27 -2.09 29.73 35.83
N PHE C 28 -2.00 28.58 35.18
CA PHE C 28 -2.47 28.44 33.81
C PHE C 28 -3.97 28.72 33.72
N PHE C 29 -4.73 28.20 34.68
CA PHE C 29 -6.18 28.44 34.69
C PHE C 29 -6.49 29.91 34.90
N GLY C 30 -5.75 30.59 35.76
CA GLY C 30 -5.97 32.01 35.96
C GLY C 30 -5.68 32.83 34.72
N ILE C 31 -4.67 32.51 33.94
CA ILE C 31 -4.34 33.22 32.67
C ILE C 31 -5.46 32.95 31.63
N VAL C 32 -5.90 31.71 31.50
CA VAL C 32 -7.01 31.31 30.59
C VAL C 32 -8.30 32.06 30.97
N VAL C 33 -8.55 32.29 32.25
CA VAL C 33 -9.78 32.96 32.75
C VAL C 33 -9.73 34.42 32.34
N ILE C 34 -8.60 35.09 32.57
CA ILE C 34 -8.41 36.49 32.13
C ILE C 34 -8.50 36.55 30.61
N ALA C 35 -7.88 35.61 29.92
CA ALA C 35 -8.06 35.63 28.47
C ALA C 35 -9.53 35.50 28.09
N HIS C 36 -10.27 34.65 28.81
CA HIS C 36 -11.68 34.45 28.50
C HIS C 36 -12.52 35.64 28.89
N ILE C 37 -12.17 36.32 29.99
CA ILE C 37 -12.85 37.56 30.34
C ILE C 37 -12.60 38.61 29.27
N LEU C 38 -11.37 38.70 28.76
CA LEU C 38 -11.08 39.62 27.67
C LEU C 38 -11.87 39.27 26.42
N ALA C 39 -11.99 37.97 26.12
CA ALA C 39 -12.74 37.54 24.95
C ALA C 39 -14.23 37.82 25.09
N TRP C 40 -14.78 37.70 26.30
CA TRP C 40 -16.18 38.02 26.52
C TRP C 40 -16.44 39.51 26.43
N LEU C 41 -15.53 40.33 26.98
CA LEU C 41 -15.64 41.77 26.83
C LEU C 41 -15.49 42.18 25.37
N TRP C 42 -14.71 41.42 24.60
CA TRP C 42 -14.52 41.74 23.19
C TRP C 42 -15.73 41.33 22.36
N ARG C 43 -16.13 40.06 22.44
CA ARG C 43 -17.23 39.53 21.62
C ARG C 43 -17.89 38.38 22.37
N PRO C 44 -18.93 38.68 23.15
CA PRO C 44 -19.64 37.61 23.86
C PRO C 44 -20.29 36.63 22.88
N TRP C 45 -20.28 35.35 23.25
CA TRP C 45 -20.78 34.29 22.38
C TRP C 45 -22.13 33.74 22.81
N LEU C 46 -22.58 34.05 24.02
CA LEU C 46 -23.88 33.61 24.50
C LEU C 46 -24.75 34.79 24.90
N SER D 2 -10.16 15.07 47.15
CA SER D 2 -9.58 14.12 48.09
C SER D 2 -8.20 14.59 48.56
N PRO D 3 -7.97 14.52 49.88
CA PRO D 3 -6.65 14.93 50.40
C PRO D 3 -5.51 14.10 49.85
N ASP D 4 -5.74 12.83 49.52
CA ASP D 4 -4.72 11.93 49.01
C ASP D 4 -4.72 11.86 47.48
N LEU D 5 -5.12 12.96 46.82
CA LEU D 5 -5.06 13.00 45.37
C LEU D 5 -3.63 13.02 44.84
N TRP D 6 -2.66 13.35 45.69
CA TRP D 6 -1.26 13.32 45.29
C TRP D 6 -0.77 11.91 44.99
N LYS D 7 -1.47 10.88 45.49
CA LYS D 7 -1.06 9.50 45.29
C LYS D 7 -1.22 9.05 43.85
N ILE D 8 -1.89 9.83 43.00
CA ILE D 8 -2.04 9.46 41.60
C ILE D 8 -0.70 9.42 40.88
N TRP D 9 0.30 10.15 41.38
CA TRP D 9 1.62 10.13 40.78
C TRP D 9 2.42 8.90 41.16
N LEU D 10 1.93 8.10 42.12
CA LEU D 10 2.46 6.77 42.35
C LEU D 10 1.94 5.75 41.35
N LEU D 11 0.96 6.13 40.53
CA LEU D 11 0.37 5.24 39.53
C LEU D 11 0.72 5.64 38.10
N ILE D 12 0.46 6.89 37.73
CA ILE D 12 0.74 7.38 36.39
C ILE D 12 2.03 8.19 36.43
N ASP D 13 2.90 7.97 35.46
CA ASP D 13 4.23 8.58 35.44
C ASP D 13 4.11 10.09 35.30
N PRO D 14 4.66 10.88 36.23
CA PRO D 14 4.53 12.34 36.13
C PRO D 14 5.08 12.93 34.84
N ARG D 15 6.19 12.38 34.32
CA ARG D 15 6.75 12.92 33.09
C ARG D 15 5.86 12.62 31.90
N ARG D 16 5.35 11.39 31.80
CA ARG D 16 4.46 11.04 30.71
C ARG D 16 3.17 11.85 30.78
N VAL D 17 2.63 12.04 31.99
CA VAL D 17 1.44 12.85 32.16
C VAL D 17 1.71 14.30 31.76
N LEU D 18 2.87 14.84 32.14
CA LEU D 18 3.19 16.22 31.78
C LEU D 18 3.29 16.38 30.26
N ILE D 19 4.01 15.56 29.56
CA ILE D 19 4.08 15.58 28.14
C ILE D 19 2.74 15.37 27.45
N ALA D 20 1.92 14.46 27.92
CA ALA D 20 0.59 14.30 27.35
C ALA D 20 -0.26 15.53 27.57
N VAL D 21 -0.20 16.12 28.77
CA VAL D 21 -1.00 17.30 29.08
C VAL D 21 -0.59 18.47 28.20
N PHE D 22 0.72 18.68 28.06
CA PHE D 22 1.20 19.80 27.24
C PHE D 22 0.79 19.61 25.78
N ALA D 23 0.99 18.40 25.25
CA ALA D 23 0.63 18.14 23.86
C ALA D 23 -0.87 18.30 23.63
N PHE D 24 -1.68 17.74 24.54
CA PHE D 24 -3.13 17.83 24.40
C PHE D 24 -3.60 19.27 24.50
N LEU D 25 -3.05 20.05 25.43
CA LEU D 25 -3.46 21.44 25.56
C LEU D 25 -3.09 22.25 24.32
N THR D 26 -1.89 22.02 23.77
CA THR D 26 -1.51 22.71 22.54
C THR D 26 -2.43 22.34 21.39
N ILE D 27 -2.73 21.05 21.24
CA ILE D 27 -3.62 20.60 20.17
C ILE D 27 -5.02 21.18 20.37
N LEU D 28 -5.49 21.23 21.61
CA LEU D 28 -6.80 21.78 21.90
C LEU D 28 -6.88 23.25 21.57
N GLY D 29 -5.85 24.02 21.93
CA GLY D 29 -5.83 25.43 21.58
C GLY D 29 -5.81 25.64 20.07
N LEU D 30 -5.00 24.87 19.36
CA LEU D 30 -4.97 24.96 17.90
C LEU D 30 -6.34 24.64 17.31
N ALA D 31 -7.00 23.61 17.84
CA ALA D 31 -8.31 23.21 17.34
C ALA D 31 -9.35 24.29 17.60
N ILE D 32 -9.32 24.90 18.78
CA ILE D 32 -10.29 25.96 19.08
C ILE D 32 -10.06 27.16 18.17
N HIS D 33 -8.80 27.51 17.93
CA HIS D 33 -8.51 28.64 17.05
C HIS D 33 -8.96 28.36 15.62
N MET D 34 -8.75 27.14 15.13
CA MET D 34 -9.30 26.74 13.83
C MET D 34 -10.82 26.81 13.80
N ILE D 35 -11.48 26.34 14.87
CA ILE D 35 -12.94 26.37 14.89
C ILE D 35 -13.44 27.81 14.84
N LEU D 36 -12.83 28.68 15.62
CA LEU D 36 -13.24 30.09 15.63
C LEU D 36 -12.95 30.76 14.30
N LEU D 37 -11.80 30.46 13.69
CA LEU D 37 -11.47 31.05 12.39
C LEU D 37 -12.37 30.51 11.27
N SER D 38 -12.94 29.32 11.44
CA SER D 38 -13.86 28.78 10.47
C SER D 38 -15.23 29.43 10.52
N THR D 39 -15.54 30.13 11.59
CA THR D 39 -16.81 30.85 11.72
C THR D 39 -16.66 32.27 11.18
N THR D 40 -17.78 32.83 10.74
CA THR D 40 -17.81 34.23 10.34
C THR D 40 -17.84 35.15 11.54
N GLU D 41 -18.53 34.74 12.61
CA GLU D 41 -18.74 35.61 13.75
C GLU D 41 -17.48 35.80 14.59
N PHE D 42 -16.56 34.84 14.56
CA PHE D 42 -15.40 34.90 15.44
C PHE D 42 -14.07 34.78 14.71
N ASN D 43 -14.06 34.89 13.38
CA ASN D 43 -12.80 35.00 12.64
C ASN D 43 -12.34 36.45 12.79
N TRP D 44 -11.51 36.68 13.82
CA TRP D 44 -11.02 38.02 14.12
C TRP D 44 -10.13 38.59 13.04
N LEU D 45 -9.66 37.76 12.10
CA LEU D 45 -8.81 38.23 11.02
C LEU D 45 -9.61 38.76 9.84
N GLU D 46 -10.71 38.11 9.49
CA GLU D 46 -11.52 38.49 8.35
C GLU D 46 -12.84 39.13 8.73
N ASP D 47 -12.93 39.62 9.97
CA ASP D 47 -14.19 40.20 10.52
C ASP D 47 -14.52 41.57 9.93
N GLY D 48 -13.52 42.38 9.59
CA GLY D 48 -13.73 43.75 9.11
C GLY D 48 -13.49 44.70 10.24
N ILE D 49 -13.07 44.22 11.42
CA ILE D 49 -12.87 45.08 12.62
C ILE D 49 -11.41 44.95 13.11
N PRO D 50 -10.63 46.04 13.17
CA PRO D 50 -11.07 47.41 12.76
C PRO D 50 -11.27 47.55 11.25
N ALA D 51 -11.89 48.62 10.80
CA ALA D 51 -12.20 48.87 9.36
C ALA D 51 -11.04 48.49 8.41
N ALA D 52 -11.33 47.78 7.32
CA ALA D 52 -10.29 47.23 6.42
C ALA D 52 -9.48 48.23 5.56
N LYS D 53 -8.34 47.78 5.02
CA LYS D 53 -7.39 48.60 4.21
C LYS D 53 -7.30 47.94 2.85
N VAL D 54 -7.59 46.65 2.78
CA VAL D 54 -7.59 45.88 1.50
C VAL D 54 -9.05 45.53 1.22
N SER E 5 3.83 -44.12 -0.58
CA SER E 5 5.14 -43.69 -1.07
C SER E 5 5.53 -42.35 -0.46
N MET E 6 5.22 -41.27 -1.16
CA MET E 6 5.50 -39.93 -0.66
C MET E 6 4.36 -39.34 0.15
N THR E 7 3.27 -40.10 0.34
CA THR E 7 2.16 -39.65 1.16
C THR E 7 2.09 -40.36 2.51
N GLY E 8 2.91 -41.39 2.72
CA GLY E 8 2.88 -42.16 3.94
C GLY E 8 1.87 -43.29 3.95
N LEU E 9 1.06 -43.42 2.91
CA LEU E 9 0.06 -44.47 2.84
C LEU E 9 0.69 -45.78 2.35
N THR E 10 0.17 -46.89 2.88
CA THR E 10 0.54 -48.19 2.36
C THR E 10 -0.30 -48.52 1.13
N GLU E 11 0.08 -49.60 0.43
CA GLU E 11 -0.65 -49.99 -0.76
C GLU E 11 -2.09 -50.36 -0.43
N GLN E 12 -2.30 -51.13 0.64
CA GLN E 12 -3.65 -51.49 1.05
C GLN E 12 -4.45 -50.27 1.46
N GLU E 13 -3.81 -49.34 2.17
CA GLU E 13 -4.48 -48.10 2.55
C GLU E 13 -4.92 -47.32 1.31
N ALA E 14 -4.03 -47.22 0.31
CA ALA E 14 -4.36 -46.51 -0.92
C ALA E 14 -5.48 -47.20 -1.66
N GLN E 15 -5.50 -48.51 -1.64
CA GLN E 15 -6.53 -49.20 -2.45
C GLN E 15 -7.88 -49.18 -1.74
N GLU E 16 -7.91 -49.11 -0.43
CA GLU E 16 -9.20 -48.98 0.26
C GLU E 16 -9.70 -47.53 0.19
N PHE E 17 -8.79 -46.56 0.31
CA PHE E 17 -9.19 -45.17 0.13
C PHE E 17 -9.71 -44.94 -1.28
N HIS E 18 -9.06 -45.55 -2.28
CA HIS E 18 -9.53 -45.40 -3.66
C HIS E 18 -10.92 -45.98 -3.83
N GLY E 19 -11.18 -47.14 -3.22
CA GLY E 19 -12.51 -47.73 -3.29
C GLY E 19 -13.56 -46.83 -2.68
N ILE E 20 -13.29 -46.30 -1.48
CA ILE E 20 -14.27 -45.44 -0.83
C ILE E 20 -14.44 -44.14 -1.60
N PHE E 21 -13.34 -43.60 -2.14
CA PHE E 21 -13.39 -42.37 -2.91
C PHE E 21 -14.23 -42.53 -4.17
N VAL E 22 -14.17 -43.63 -4.84
CA VAL E 22 -14.86 -43.81 -6.02
C VAL E 22 -16.26 -44.10 -5.74
N GLN E 23 -16.53 -44.82 -4.70
CA GLN E 23 -17.92 -45.05 -4.33
C GLN E 23 -18.63 -43.74 -3.99
N SER E 24 -17.98 -42.89 -3.19
CA SER E 24 -18.58 -41.61 -2.82
C SER E 24 -18.74 -40.72 -4.04
N MET E 25 -17.74 -40.72 -4.93
CA MET E 25 -17.83 -39.92 -6.15
C MET E 25 -18.95 -40.41 -7.05
N THR E 26 -19.15 -41.73 -7.12
CA THR E 26 -20.23 -42.28 -7.91
C THR E 26 -21.59 -41.90 -7.33
N ALA E 27 -21.73 -41.94 -6.01
CA ALA E 27 -22.98 -41.51 -5.38
C ALA E 27 -23.25 -40.03 -5.64
N PHE E 28 -22.21 -39.20 -5.53
CA PHE E 28 -22.35 -37.78 -5.82
C PHE E 28 -22.74 -37.56 -7.27
N PHE E 29 -22.18 -38.32 -8.19
CA PHE E 29 -22.51 -38.10 -9.62
C PHE E 29 -23.95 -38.56 -9.89
N GLY E 30 -24.49 -39.49 -9.11
CA GLY E 30 -25.87 -39.98 -9.27
C GLY E 30 -26.89 -38.95 -8.85
N ILE E 31 -26.65 -38.22 -7.79
CA ILE E 31 -27.54 -37.13 -7.30
C ILE E 31 -27.46 -35.98 -8.31
N VAL E 32 -26.26 -35.60 -8.71
CA VAL E 32 -26.04 -34.57 -9.77
C VAL E 32 -26.76 -34.95 -11.07
N VAL E 33 -26.79 -36.22 -11.46
CA VAL E 33 -27.52 -36.70 -12.67
C VAL E 33 -29.02 -36.54 -12.46
N ILE E 34 -29.56 -37.07 -11.38
CA ILE E 34 -31.00 -36.84 -11.05
C ILE E 34 -31.23 -35.33 -11.03
N ALA E 35 -30.37 -34.56 -10.37
CA ALA E 35 -30.64 -33.12 -10.33
C ALA E 35 -30.68 -32.54 -11.74
N HIS E 36 -29.77 -32.97 -12.61
CA HIS E 36 -29.75 -32.44 -13.97
C HIS E 36 -30.89 -32.96 -14.82
N ILE E 37 -31.34 -34.19 -14.59
CA ILE E 37 -32.55 -34.68 -15.25
C ILE E 37 -33.76 -33.85 -14.82
N LEU E 38 -33.85 -33.54 -13.53
CA LEU E 38 -34.93 -32.69 -13.05
C LEU E 38 -34.84 -31.30 -13.64
N ALA E 39 -33.63 -30.75 -13.76
CA ALA E 39 -33.47 -29.42 -14.34
C ALA E 39 -33.77 -29.40 -15.84
N TRP E 40 -33.49 -30.49 -16.54
CA TRP E 40 -33.85 -30.58 -17.96
C TRP E 40 -35.36 -30.68 -18.13
N LEU E 41 -36.02 -31.47 -17.28
CA LEU E 41 -37.48 -31.54 -17.33
C LEU E 41 -38.11 -30.20 -16.99
N TRP E 42 -37.53 -29.48 -16.03
CA TRP E 42 -38.05 -28.18 -15.64
C TRP E 42 -37.85 -27.15 -16.76
N ARG E 43 -36.64 -27.05 -17.28
CA ARG E 43 -36.34 -26.04 -18.29
C ARG E 43 -35.12 -26.45 -19.13
N PRO E 44 -35.32 -27.12 -20.26
CA PRO E 44 -34.18 -27.50 -21.10
C PRO E 44 -33.44 -26.28 -21.63
N TRP E 45 -32.12 -26.42 -21.75
CA TRP E 45 -31.27 -25.32 -22.18
C TRP E 45 -30.73 -25.46 -23.59
N LEU E 46 -30.82 -26.66 -24.18
CA LEU E 46 -30.35 -26.87 -25.54
C LEU E 46 -31.49 -27.32 -26.44
N SER F 2 -7.33 -47.52 -15.93
CA SER F 2 -6.22 -48.34 -15.46
C SER F 2 -6.54 -49.00 -14.13
N PRO F 3 -6.26 -50.29 -14.01
CA PRO F 3 -6.53 -50.99 -12.74
C PRO F 3 -5.71 -50.46 -11.57
N ASP F 4 -4.54 -49.87 -11.85
CA ASP F 4 -3.67 -49.34 -10.80
C ASP F 4 -3.90 -47.86 -10.55
N LEU F 5 -5.11 -47.35 -10.82
CA LEU F 5 -5.41 -45.96 -10.53
C LEU F 5 -5.43 -45.67 -9.03
N TRP F 6 -5.53 -46.70 -8.20
CA TRP F 6 -5.46 -46.51 -6.75
C TRP F 6 -4.09 -46.04 -6.31
N LYS F 7 -3.06 -46.27 -7.12
CA LYS F 7 -1.70 -45.87 -6.77
C LYS F 7 -1.51 -44.36 -6.75
N ILE F 8 -2.48 -43.59 -7.26
CA ILE F 8 -2.37 -42.14 -7.25
C ILE F 8 -2.37 -41.59 -5.83
N TRP F 9 -2.95 -42.31 -4.87
CA TRP F 9 -2.96 -41.89 -3.49
C TRP F 9 -1.63 -42.15 -2.79
N LEU F 10 -0.75 -42.95 -3.39
CA LEU F 10 0.64 -43.01 -2.97
C LEU F 10 1.43 -41.81 -3.44
N LEU F 11 0.84 -40.96 -4.29
CA LEU F 11 1.51 -39.80 -4.85
C LEU F 11 0.97 -38.49 -4.31
N ILE F 12 -0.34 -38.28 -4.39
CA ILE F 12 -0.99 -37.07 -3.89
C ILE F 12 -1.69 -37.39 -2.58
N ASP F 13 -1.57 -36.49 -1.61
CA ASP F 13 -2.08 -36.75 -0.26
C ASP F 13 -3.60 -36.82 -0.28
N PRO F 14 -4.19 -37.91 0.19
CA PRO F 14 -5.67 -38.01 0.17
C PRO F 14 -6.38 -36.90 0.91
N ARG F 15 -5.85 -36.37 2.01
CA ARG F 15 -6.60 -35.34 2.80
C ARG F 15 -6.58 -34.01 2.05
N ARG F 16 -5.46 -33.63 1.45
CA ARG F 16 -5.33 -32.35 0.71
C ARG F 16 -6.24 -32.37 -0.52
N VAL F 17 -6.41 -33.52 -1.15
CA VAL F 17 -7.27 -33.68 -2.35
C VAL F 17 -8.74 -33.59 -1.94
N LEU F 18 -9.14 -34.24 -0.85
CA LEU F 18 -10.54 -34.13 -0.36
C LEU F 18 -10.87 -32.68 -0.02
N ILE F 19 -9.96 -31.95 0.61
CA ILE F 19 -10.18 -30.52 0.95
C ILE F 19 -10.27 -29.71 -0.34
N ALA F 20 -9.35 -29.92 -1.27
CA ALA F 20 -9.35 -29.20 -2.55
C ALA F 20 -10.62 -29.60 -3.31
N VAL F 21 -10.93 -30.89 -3.35
CA VAL F 21 -12.08 -31.31 -4.13
C VAL F 21 -13.37 -30.72 -3.55
N PHE F 22 -13.51 -30.79 -2.22
CA PHE F 22 -14.70 -30.23 -1.59
C PHE F 22 -14.80 -28.72 -1.82
N ALA F 23 -13.68 -28.01 -1.61
CA ALA F 23 -13.70 -26.56 -1.80
C ALA F 23 -13.99 -26.20 -3.25
N PHE F 24 -13.35 -26.89 -4.19
CA PHE F 24 -13.55 -26.59 -5.60
C PHE F 24 -14.99 -26.87 -6.03
N LEU F 25 -15.55 -27.99 -5.58
CA LEU F 25 -16.92 -28.31 -5.95
C LEU F 25 -17.90 -27.30 -5.36
N THR F 26 -17.68 -26.87 -4.12
CA THR F 26 -18.53 -25.84 -3.54
C THR F 26 -18.43 -24.53 -4.33
N ILE F 27 -17.21 -24.11 -4.67
CA ILE F 27 -17.04 -22.89 -5.44
C ILE F 27 -17.68 -23.01 -6.81
N LEU F 28 -17.54 -24.18 -7.45
CA LEU F 28 -18.13 -24.40 -8.76
C LEU F 28 -19.65 -24.34 -8.70
N GLY F 29 -20.25 -24.95 -7.67
CA GLY F 29 -21.70 -24.86 -7.53
C GLY F 29 -22.18 -23.44 -7.30
N LEU F 30 -21.46 -22.70 -6.44
CA LEU F 30 -21.81 -21.31 -6.22
C LEU F 30 -21.72 -20.50 -7.52
N ALA F 31 -20.65 -20.73 -8.29
CA ALA F 31 -20.46 -20.01 -9.54
C ALA F 31 -21.54 -20.35 -10.56
N ILE F 32 -21.92 -21.62 -10.65
CA ILE F 32 -22.95 -22.01 -11.61
C ILE F 32 -24.29 -21.39 -11.22
N HIS F 33 -24.63 -21.41 -9.92
CA HIS F 33 -25.88 -20.79 -9.50
C HIS F 33 -25.88 -19.28 -9.75
N MET F 34 -24.73 -18.61 -9.51
CA MET F 34 -24.61 -17.18 -9.88
C MET F 34 -24.78 -16.97 -11.37
N ILE F 35 -24.16 -17.82 -12.21
CA ILE F 35 -24.28 -17.63 -13.65
C ILE F 35 -25.74 -17.78 -14.08
N LEU F 36 -26.42 -18.81 -13.55
CA LEU F 36 -27.82 -19.01 -13.90
C LEU F 36 -28.69 -17.85 -13.42
N LEU F 37 -28.43 -17.34 -12.21
CA LEU F 37 -29.21 -16.23 -11.70
C LEU F 37 -28.94 -14.93 -12.45
N SER F 38 -27.74 -14.78 -13.03
CA SER F 38 -27.44 -13.59 -13.81
C SER F 38 -28.15 -13.58 -15.16
N THR F 39 -28.60 -14.74 -15.63
CA THR F 39 -29.37 -14.81 -16.86
C THR F 39 -30.83 -14.49 -16.58
N THR F 40 -31.58 -14.26 -17.66
CA THR F 40 -33.02 -14.05 -17.56
C THR F 40 -33.78 -15.36 -17.72
N GLU F 41 -33.31 -16.23 -18.61
CA GLU F 41 -34.02 -17.49 -18.88
C GLU F 41 -33.95 -18.46 -17.70
N PHE F 42 -32.93 -18.36 -16.86
CA PHE F 42 -32.72 -19.36 -15.83
C PHE F 42 -32.63 -18.79 -14.42
N ASN F 43 -32.96 -17.51 -14.23
CA ASN F 43 -33.12 -16.96 -12.88
C ASN F 43 -34.48 -17.43 -12.37
N TRP F 44 -34.48 -18.57 -11.70
CA TRP F 44 -35.71 -19.19 -11.20
C TRP F 44 -36.41 -18.34 -10.13
N LEU F 45 -35.72 -17.37 -9.55
CA LEU F 45 -36.32 -16.51 -8.53
C LEU F 45 -37.06 -15.34 -9.13
N GLU F 46 -36.54 -14.77 -10.21
CA GLU F 46 -37.12 -13.60 -10.84
C GLU F 46 -37.81 -13.90 -12.16
N ASP F 47 -37.98 -15.19 -12.50
CA ASP F 47 -38.52 -15.55 -13.80
C ASP F 47 -40.01 -15.28 -13.90
N GLY F 48 -40.82 -15.19 -12.87
CA GLY F 48 -42.21 -15.05 -12.97
C GLY F 48 -42.93 -16.28 -12.79
N ILE F 49 -42.27 -17.41 -12.54
CA ILE F 49 -42.97 -18.73 -12.47
C ILE F 49 -42.70 -19.35 -11.10
N PRO F 50 -43.73 -19.79 -10.35
CA PRO F 50 -45.15 -19.42 -10.67
C PRO F 50 -45.46 -17.95 -10.56
N ALA F 51 -46.60 -17.59 -11.06
CA ALA F 51 -47.16 -16.21 -11.14
C ALA F 51 -46.94 -15.31 -9.91
N ALA F 52 -46.35 -14.15 -10.09
CA ALA F 52 -46.01 -13.26 -8.97
C ALA F 52 -47.07 -12.67 -7.97
N LYS F 53 -46.64 -12.19 -6.83
CA LYS F 53 -47.49 -11.73 -5.72
C LYS F 53 -47.11 -10.35 -5.47
N VAL F 54 -45.92 -10.05 -5.84
CA VAL F 54 -45.40 -8.73 -5.67
C VAL F 54 -45.28 -8.29 -7.12
N SER G 5 -5.64 -42.09 13.10
CA SER G 5 -4.39 -42.31 12.39
C SER G 5 -3.71 -41.00 12.05
N MET G 6 -4.05 -40.43 10.89
CA MET G 6 -3.48 -39.16 10.49
C MET G 6 -3.97 -38.02 11.38
N THR G 7 -5.21 -38.10 11.86
CA THR G 7 -5.75 -37.12 12.79
C THR G 7 -5.48 -37.45 14.24
N GLY G 8 -4.90 -38.62 14.53
CA GLY G 8 -4.68 -39.06 15.89
C GLY G 8 -5.86 -39.72 16.55
N LEU G 9 -7.00 -39.80 15.87
CA LEU G 9 -8.18 -40.44 16.43
C LEU G 9 -8.07 -41.95 16.37
N THR G 10 -8.72 -42.62 17.32
CA THR G 10 -8.83 -44.06 17.30
C THR G 10 -9.97 -44.47 16.37
N GLU G 11 -9.91 -45.71 15.89
CA GLU G 11 -10.95 -46.21 15.00
C GLU G 11 -12.32 -46.18 15.68
N GLN G 12 -12.37 -46.57 16.95
CA GLN G 12 -13.62 -46.46 17.71
C GLN G 12 -14.03 -44.99 17.87
N GLU G 13 -13.06 -44.12 18.12
CA GLU G 13 -13.36 -42.69 18.21
C GLU G 13 -13.92 -42.16 16.90
N ALA G 14 -13.31 -42.55 15.78
CA ALA G 14 -13.79 -42.12 14.47
C ALA G 14 -15.19 -42.66 14.20
N GLN G 15 -15.44 -43.92 14.56
CA GLN G 15 -16.76 -44.51 14.35
C GLN G 15 -17.83 -43.77 15.14
N GLU G 16 -17.56 -43.50 16.41
CA GLU G 16 -18.58 -42.86 17.24
C GLU G 16 -18.78 -41.41 16.83
N PHE G 17 -17.70 -40.71 16.47
CA PHE G 17 -17.84 -39.36 15.94
C PHE G 17 -18.65 -39.36 14.65
N HIS G 18 -18.41 -40.35 13.78
CA HIS G 18 -19.18 -40.43 12.53
C HIS G 18 -20.65 -40.65 12.82
N GLY G 19 -20.96 -41.52 13.79
CA GLY G 19 -22.35 -41.73 14.15
C GLY G 19 -23.03 -40.46 14.65
N ILE G 20 -22.37 -39.75 15.57
CA ILE G 20 -22.97 -38.53 16.10
C ILE G 20 -23.05 -37.47 15.01
N PHE G 21 -22.05 -37.39 14.14
CA PHE G 21 -22.04 -36.42 13.06
C PHE G 21 -23.19 -36.67 12.09
N VAL G 22 -23.51 -37.87 11.76
CA VAL G 22 -24.54 -38.17 10.85
C VAL G 22 -25.85 -38.04 11.46
N GLN G 23 -25.96 -38.32 12.72
CA GLN G 23 -27.22 -38.06 13.40
C GLN G 23 -27.53 -36.56 13.45
N SER G 24 -26.54 -35.75 13.81
CA SER G 24 -26.75 -34.31 13.85
C SER G 24 -27.04 -33.74 12.47
N MET G 25 -26.35 -34.25 11.45
CA MET G 25 -26.60 -33.81 10.08
C MET G 25 -28.00 -34.21 9.63
N THR G 26 -28.48 -35.39 10.03
CA THR G 26 -29.84 -35.79 9.69
C THR G 26 -30.86 -34.89 10.37
N ALA G 27 -30.63 -34.54 11.65
CA ALA G 27 -31.55 -33.64 12.33
C ALA G 27 -31.56 -32.26 11.67
N PHE G 28 -30.39 -31.75 11.32
CA PHE G 28 -30.30 -30.46 10.64
C PHE G 28 -31.00 -30.52 9.28
N PHE G 29 -30.82 -31.62 8.55
CA PHE G 29 -31.47 -31.76 7.25
C PHE G 29 -32.98 -31.86 7.39
N GLY G 30 -33.46 -32.53 8.43
CA GLY G 30 -34.90 -32.58 8.66
C GLY G 30 -35.48 -31.22 8.98
N ILE G 31 -34.82 -30.37 9.76
CA ILE G 31 -35.32 -29.00 10.08
C ILE G 31 -35.35 -28.16 8.79
N VAL G 32 -34.27 -28.16 8.03
CA VAL G 32 -34.16 -27.49 6.70
C VAL G 32 -35.26 -27.99 5.74
N VAL G 33 -35.64 -29.25 5.81
CA VAL G 33 -36.67 -29.84 4.90
C VAL G 33 -38.01 -29.28 5.36
N ILE G 34 -38.23 -29.23 6.67
CA ILE G 34 -39.46 -28.62 7.17
C ILE G 34 -39.51 -27.15 6.79
N ALA G 35 -38.39 -26.44 6.94
CA ALA G 35 -38.34 -25.03 6.57
C ALA G 35 -38.63 -24.83 5.08
N HIS G 36 -38.09 -25.70 4.23
CA HIS G 36 -38.30 -25.55 2.79
C HIS G 36 -39.71 -25.93 2.39
N ILE G 37 -40.33 -26.91 3.06
CA ILE G 37 -41.73 -27.21 2.82
C ILE G 37 -42.60 -26.01 3.19
N LEU G 38 -42.30 -25.38 4.33
CA LEU G 38 -43.02 -24.17 4.71
C LEU G 38 -42.81 -23.05 3.70
N ALA G 39 -41.59 -22.91 3.19
CA ALA G 39 -41.31 -21.87 2.20
C ALA G 39 -42.05 -22.14 0.89
N TRP G 40 -42.14 -23.41 0.49
CA TRP G 40 -42.89 -23.75 -0.72
C TRP G 40 -44.38 -23.49 -0.54
N LEU G 41 -44.93 -23.83 0.64
CA LEU G 41 -46.33 -23.53 0.90
C LEU G 41 -46.57 -22.02 0.92
N TRP G 42 -45.62 -21.26 1.46
CA TRP G 42 -45.76 -19.81 1.52
C TRP G 42 -45.66 -19.18 0.14
N ARG G 43 -44.64 -19.55 -0.62
CA ARG G 43 -44.40 -18.93 -1.93
C ARG G 43 -43.55 -19.84 -2.80
N PRO G 44 -44.16 -20.69 -3.62
CA PRO G 44 -43.38 -21.57 -4.49
C PRO G 44 -42.57 -20.79 -5.51
N TRP G 45 -41.39 -21.32 -5.85
CA TRP G 45 -40.47 -20.65 -6.76
C TRP G 45 -40.39 -21.30 -8.13
N LEU G 46 -40.88 -22.52 -8.28
CA LEU G 46 -40.88 -23.20 -9.57
C LEU G 46 -42.28 -23.53 -10.02
N SER H 2 -21.00 -46.24 1.43
CA SER H 2 -19.89 -47.08 1.88
C SER H 2 -19.93 -47.29 3.39
N PRO H 3 -19.90 -48.55 3.83
CA PRO H 3 -19.90 -48.81 5.28
C PRO H 3 -18.71 -48.23 6.00
N ASP H 4 -17.55 -48.12 5.33
CA ASP H 4 -16.34 -47.59 5.95
C ASP H 4 -16.18 -46.09 5.72
N LEU H 5 -17.28 -45.36 5.56
CA LEU H 5 -17.21 -43.91 5.43
C LEU H 5 -16.80 -43.25 6.74
N TRP H 6 -16.91 -43.96 7.87
CA TRP H 6 -16.46 -43.41 9.14
C TRP H 6 -14.96 -43.21 9.18
N LYS H 7 -14.20 -43.89 8.32
CA LYS H 7 -12.75 -43.79 8.32
C LYS H 7 -12.25 -42.45 7.82
N ILE H 8 -13.13 -41.60 7.27
CA ILE H 8 -12.71 -40.29 6.81
C ILE H 8 -12.23 -39.42 7.96
N TRP H 9 -12.66 -39.72 9.19
CA TRP H 9 -12.22 -38.96 10.35
C TRP H 9 -10.84 -39.38 10.84
N LEU H 10 -10.30 -40.48 10.31
CA LEU H 10 -8.89 -40.79 10.48
C LEU H 10 -8.01 -40.01 9.52
N LEU H 11 -8.60 -39.27 8.59
CA LEU H 11 -7.87 -38.49 7.60
C LEU H 11 -8.01 -36.99 7.78
N ILE H 12 -9.25 -36.49 7.84
CA ILE H 12 -9.51 -35.06 8.02
C ILE H 12 -9.93 -34.82 9.46
N ASP H 13 -9.38 -33.76 10.05
CA ASP H 13 -9.57 -33.50 11.47
C ASP H 13 -11.03 -33.23 11.79
N PRO H 14 -11.64 -33.97 12.72
CA PRO H 14 -13.06 -33.71 13.04
C PRO H 14 -13.34 -32.30 13.54
N ARG H 15 -12.44 -31.72 14.34
CA ARG H 15 -12.69 -30.38 14.87
C ARG H 15 -12.60 -29.32 13.78
N ARG H 16 -11.56 -29.41 12.95
CA ARG H 16 -11.43 -28.46 11.84
C ARG H 16 -12.60 -28.62 10.87
N VAL H 17 -13.02 -29.85 10.61
CA VAL H 17 -14.15 -30.09 9.73
C VAL H 17 -15.42 -29.49 10.31
N LEU H 18 -15.64 -29.67 11.62
CA LEU H 18 -16.83 -29.11 12.26
C LEU H 18 -16.83 -27.59 12.18
N ILE H 19 -15.68 -26.96 12.47
CA ILE H 19 -15.59 -25.51 12.40
C ILE H 19 -15.86 -25.01 10.99
N ALA H 20 -15.23 -25.66 10.00
CA ALA H 20 -15.41 -25.24 8.62
C ALA H 20 -16.85 -25.44 8.17
N VAL H 21 -17.48 -26.55 8.57
CA VAL H 21 -18.85 -26.83 8.18
C VAL H 21 -19.80 -25.79 8.78
N PHE H 22 -19.62 -25.48 10.07
CA PHE H 22 -20.48 -24.49 10.71
C PHE H 22 -20.31 -23.12 10.06
N ALA H 23 -19.07 -22.71 9.84
CA ALA H 23 -18.83 -21.40 9.21
C ALA H 23 -19.41 -21.34 7.80
N PHE H 24 -19.19 -22.40 7.01
CA PHE H 24 -19.69 -22.42 5.64
C PHE H 24 -21.21 -22.40 5.62
N LEU H 25 -21.86 -23.17 6.50
CA LEU H 25 -23.31 -23.19 6.53
C LEU H 25 -23.87 -21.83 6.94
N THR H 26 -23.23 -21.17 7.91
CA THR H 26 -23.67 -19.83 8.30
C THR H 26 -23.54 -18.85 7.15
N ILE H 27 -22.39 -18.86 6.47
CA ILE H 27 -22.20 -17.95 5.34
C ILE H 27 -23.18 -18.26 4.22
N LEU H 28 -23.45 -19.55 3.99
CA LEU H 28 -24.39 -19.94 2.95
C LEU H 28 -25.80 -19.47 3.27
N GLY H 29 -26.23 -19.63 4.52
CA GLY H 29 -27.55 -19.13 4.90
C GLY H 29 -27.66 -17.63 4.77
N LEU H 30 -26.63 -16.90 5.20
CA LEU H 30 -26.62 -15.46 5.04
C LEU H 30 -26.70 -15.07 3.57
N ALA H 31 -25.93 -15.76 2.72
CA ALA H 31 -25.93 -15.45 1.30
C ALA H 31 -27.29 -15.73 0.66
N ILE H 32 -27.92 -16.85 1.01
CA ILE H 32 -29.22 -17.17 0.45
C ILE H 32 -30.26 -16.14 0.88
N HIS H 33 -30.24 -15.75 2.16
CA HIS H 33 -31.19 -14.74 2.61
C HIS H 33 -30.97 -13.39 1.91
N MET H 34 -29.70 -13.01 1.71
CA MET H 34 -29.41 -11.79 0.94
C MET H 34 -29.90 -11.90 -0.50
N ILE H 35 -29.69 -13.04 -1.15
CA ILE H 35 -30.13 -13.19 -2.53
C ILE H 35 -31.65 -13.09 -2.62
N LEU H 36 -32.35 -13.72 -1.68
CA LEU H 36 -33.81 -13.62 -1.65
C LEU H 36 -34.25 -12.19 -1.40
N LEU H 37 -33.59 -11.49 -0.48
CA LEU H 37 -33.95 -10.11 -0.19
C LEU H 37 -33.60 -9.16 -1.33
N SER H 38 -32.67 -9.55 -2.20
CA SER H 38 -32.31 -8.72 -3.34
C SER H 38 -33.29 -8.83 -4.49
N THR H 39 -34.21 -9.80 -4.44
CA THR H 39 -35.24 -9.96 -5.45
C THR H 39 -36.55 -9.34 -4.98
N THR H 40 -37.38 -8.97 -5.95
CA THR H 40 -38.68 -8.40 -5.62
C THR H 40 -39.67 -9.48 -5.19
N GLU H 41 -39.60 -10.65 -5.83
CA GLU H 41 -40.59 -11.70 -5.58
C GLU H 41 -40.42 -12.39 -4.24
N PHE H 42 -39.22 -12.37 -3.65
CA PHE H 42 -38.97 -13.11 -2.42
C PHE H 42 -38.42 -12.25 -1.30
N ASN H 43 -38.46 -10.93 -1.43
CA ASN H 43 -38.16 -10.03 -0.32
C ASN H 43 -39.41 -9.97 0.55
N TRP H 44 -39.46 -10.84 1.56
CA TRP H 44 -40.61 -10.91 2.45
C TRP H 44 -40.78 -9.67 3.31
N LEU H 45 -39.77 -8.79 3.36
CA LEU H 45 -39.86 -7.56 4.13
C LEU H 45 -40.50 -6.43 3.34
N GLU H 46 -40.09 -6.33 2.08
CA GLU H 46 -40.53 -5.26 1.23
C GLU H 46 -41.68 -5.63 0.36
N ASP H 47 -42.20 -6.83 0.50
CA ASP H 47 -43.27 -7.33 -0.40
C ASP H 47 -44.67 -6.70 -0.40
N GLY H 48 -45.17 -6.22 0.72
CA GLY H 48 -46.49 -5.67 0.82
C GLY H 48 -47.38 -6.66 1.47
N ILE H 49 -46.84 -7.78 1.96
CA ILE H 49 -47.68 -8.87 2.55
C ILE H 49 -47.15 -9.22 3.94
N PRO H 50 -47.99 -9.16 5.00
CA PRO H 50 -49.35 -8.55 4.88
C PRO H 50 -49.39 -7.05 4.53
N ALA H 51 -50.52 -6.58 4.10
CA ALA H 51 -50.71 -5.14 3.71
C ALA H 51 -49.99 -4.08 4.56
N ALA H 52 -49.31 -3.16 3.91
CA ALA H 52 -48.49 -2.16 4.62
C ALA H 52 -49.10 -1.09 5.57
N LYS H 53 -48.27 -0.44 6.35
CA LYS H 53 -48.69 0.53 7.38
C LYS H 53 -47.96 1.78 7.09
N VAL H 54 -46.83 1.64 6.43
CA VAL H 54 -46.03 2.77 6.06
C VAL H 54 -46.06 2.80 4.54
N SER I 5 -10.75 -34.43 26.17
CA SER I 5 -9.88 -35.20 25.29
C SER I 5 -8.82 -34.30 24.66
N MET I 6 -9.16 -33.70 23.52
CA MET I 6 -8.25 -32.80 22.82
C MET I 6 -8.42 -31.35 23.24
N THR I 7 -9.37 -31.05 24.11
CA THR I 7 -9.55 -29.71 24.65
C THR I 7 -9.05 -29.59 26.09
N GLY I 8 -8.57 -30.69 26.68
CA GLY I 8 -8.16 -30.69 28.07
C GLY I 8 -9.28 -30.86 29.07
N LEU I 9 -10.52 -30.99 28.62
CA LEU I 9 -11.65 -31.14 29.51
C LEU I 9 -11.88 -32.61 29.85
N THR I 10 -12.31 -32.85 31.09
CA THR I 10 -12.73 -34.18 31.50
C THR I 10 -14.13 -34.45 30.97
N GLU I 11 -14.49 -35.73 30.93
CA GLU I 11 -15.82 -36.11 30.46
C GLU I 11 -16.91 -35.52 31.35
N GLN I 12 -16.72 -35.56 32.67
CA GLN I 12 -17.67 -34.92 33.58
C GLN I 12 -17.72 -33.42 33.35
N GLU I 13 -16.56 -32.79 33.13
CA GLU I 13 -16.52 -31.37 32.82
C GLU I 13 -17.29 -31.07 31.54
N ALA I 14 -17.10 -31.91 30.51
CA ALA I 14 -17.80 -31.71 29.25
C ALA I 14 -19.31 -31.86 29.43
N GLN I 15 -19.74 -32.86 30.21
CA GLN I 15 -21.17 -33.05 30.44
C GLN I 15 -21.78 -31.86 31.17
N GLU I 16 -21.04 -31.32 32.10
CA GLU I 16 -21.54 -30.24 32.92
C GLU I 16 -21.63 -28.99 32.08
N PHE I 17 -20.61 -28.73 31.36
CA PHE I 17 -20.63 -27.57 30.46
C PHE I 17 -21.75 -27.70 29.44
N HIS I 18 -21.97 -28.91 28.92
CA HIS I 18 -23.05 -29.11 27.95
C HIS I 18 -24.40 -28.83 28.57
N GLY I 19 -24.61 -29.27 29.81
CA GLY I 19 -25.88 -29.00 30.48
C GLY I 19 -26.10 -27.51 30.69
N ILE I 20 -25.10 -26.81 31.19
CA ILE I 20 -25.26 -25.37 31.43
C ILE I 20 -25.41 -24.64 30.11
N PHE I 21 -24.68 -25.06 29.07
CA PHE I 21 -24.77 -24.44 27.76
C PHE I 21 -26.16 -24.61 27.16
N VAL I 22 -26.77 -25.73 27.28
CA VAL I 22 -28.03 -25.98 26.72
C VAL I 22 -29.07 -25.29 27.51
N GLN I 23 -28.93 -25.19 28.81
CA GLN I 23 -29.88 -24.43 29.62
C GLN I 23 -29.85 -22.95 29.23
N SER I 24 -28.65 -22.37 29.10
CA SER I 24 -28.54 -20.97 28.73
C SER I 24 -29.07 -20.72 27.33
N MET I 25 -28.78 -21.63 26.40
CA MET I 25 -29.29 -21.49 25.04
C MET I 25 -30.80 -21.61 24.99
N THR I 26 -31.38 -22.49 25.81
CA THR I 26 -32.84 -22.60 25.87
C THR I 26 -33.46 -21.33 26.44
N ALA I 27 -32.84 -20.74 27.47
CA ALA I 27 -33.36 -19.48 28.01
C ALA I 27 -33.28 -18.37 26.97
N PHE I 28 -32.15 -18.28 26.26
CA PHE I 28 -32.00 -17.28 25.21
C PHE I 28 -33.02 -17.50 24.10
N PHE I 29 -33.26 -18.75 23.73
CA PHE I 29 -34.23 -19.05 22.68
C PHE I 29 -35.65 -18.70 23.13
N GLY I 30 -35.97 -18.93 24.40
CA GLY I 30 -37.28 -18.55 24.90
C GLY I 30 -37.48 -17.05 24.90
N ILE I 31 -36.46 -16.29 25.30
CA ILE I 31 -36.55 -14.84 25.23
C ILE I 31 -36.71 -14.39 23.79
N VAL I 32 -35.97 -15.00 22.87
CA VAL I 32 -36.06 -14.67 21.45
C VAL I 32 -37.45 -14.99 20.91
N VAL I 33 -38.04 -16.10 21.35
CA VAL I 33 -39.36 -16.50 20.91
C VAL I 33 -40.41 -15.50 21.39
N ILE I 34 -40.29 -15.06 22.66
CA ILE I 34 -41.20 -14.04 23.16
C ILE I 34 -41.06 -12.76 22.37
N ALA I 35 -39.82 -12.35 22.07
CA ALA I 35 -39.59 -11.14 21.29
C ALA I 35 -40.19 -11.25 19.90
N HIS I 36 -40.09 -12.43 19.27
CA HIS I 36 -40.63 -12.60 17.93
C HIS I 36 -42.16 -12.67 17.94
N ILE I 37 -42.75 -13.22 19.00
CA ILE I 37 -44.20 -13.17 19.15
C ILE I 37 -44.66 -11.72 19.27
N LEU I 38 -43.94 -10.93 20.06
CA LEU I 38 -44.27 -9.52 20.18
C LEU I 38 -44.11 -8.79 18.85
N ALA I 39 -43.06 -9.12 18.09
CA ALA I 39 -42.86 -8.48 16.79
C ALA I 39 -43.91 -8.90 15.78
N TRP I 40 -44.43 -10.13 15.87
CA TRP I 40 -45.50 -10.56 14.98
C TRP I 40 -46.81 -9.89 15.34
N LEU I 41 -47.09 -9.74 16.63
CA LEU I 41 -48.27 -9.00 17.05
C LEU I 41 -48.17 -7.53 16.63
N TRP I 42 -46.98 -6.95 16.74
CA TRP I 42 -46.77 -5.55 16.36
C TRP I 42 -46.93 -5.37 14.85
N ARG I 43 -46.24 -6.17 14.05
CA ARG I 43 -46.25 -6.02 12.61
C ARG I 43 -45.89 -7.32 11.92
N PRO I 44 -46.87 -8.15 11.57
CA PRO I 44 -46.55 -9.42 10.89
C PRO I 44 -45.90 -9.17 9.54
N TRP I 45 -44.94 -10.02 9.20
CA TRP I 45 -44.17 -9.86 7.96
C TRP I 45 -44.56 -10.84 6.87
N LEU I 46 -45.33 -11.88 7.20
CA LEU I 46 -45.78 -12.84 6.20
C LEU I 46 -47.29 -12.90 6.15
N SER J 2 -28.94 -36.93 19.74
CA SER J 2 -27.94 -37.85 20.23
C SER J 2 -27.64 -37.59 21.71
N PRO J 3 -27.71 -38.65 22.52
CA PRO J 3 -27.41 -38.49 23.96
C PRO J 3 -25.96 -38.17 24.24
N ASP J 4 -25.05 -38.47 23.31
CA ASP J 4 -23.63 -38.21 23.48
C ASP J 4 -23.19 -36.91 22.83
N LEU J 5 -24.11 -35.96 22.64
CA LEU J 5 -23.74 -34.67 22.07
C LEU J 5 -22.86 -33.85 23.00
N TRP J 6 -22.82 -34.18 24.29
CA TRP J 6 -21.94 -33.49 25.21
C TRP J 6 -20.46 -33.72 24.88
N LYS J 7 -20.14 -34.78 24.16
CA LYS J 7 -18.76 -35.10 23.82
C LYS J 7 -18.15 -34.10 22.85
N ILE J 8 -18.95 -33.21 22.26
CA ILE J 8 -18.42 -32.22 21.33
C ILE J 8 -17.47 -31.26 22.05
N TRP J 9 -17.67 -31.08 23.35
CA TRP J 9 -16.81 -30.19 24.13
C TRP J 9 -15.46 -30.82 24.46
N LEU J 10 -15.30 -32.13 24.19
CA LEU J 10 -13.99 -32.75 24.20
C LEU J 10 -13.22 -32.51 22.92
N LEU J 11 -13.84 -31.89 21.92
CA LEU J 11 -13.23 -31.63 20.62
C LEU J 11 -13.05 -30.14 20.34
N ILE J 12 -14.08 -29.34 20.50
CA ILE J 12 -14.01 -27.90 20.28
C ILE J 12 -13.96 -27.20 21.63
N ASP J 13 -13.07 -26.23 21.77
CA ASP J 13 -12.80 -25.61 23.06
C ASP J 13 -14.02 -24.82 23.53
N PRO J 14 -14.56 -25.13 24.70
CA PRO J 14 -15.78 -24.43 25.15
C PRO J 14 -15.63 -22.92 25.26
N ARG J 15 -14.49 -22.37 25.64
CA ARG J 15 -14.26 -20.91 25.78
C ARG J 15 -14.22 -20.26 24.42
N ARG J 16 -13.55 -20.90 23.49
CA ARG J 16 -13.51 -20.35 22.15
C ARG J 16 -14.89 -20.39 21.49
N VAL J 17 -15.62 -21.48 21.68
CA VAL J 17 -16.97 -21.58 21.12
C VAL J 17 -17.89 -20.55 21.76
N LEU J 18 -17.78 -20.34 23.08
CA LEU J 18 -18.60 -19.32 23.73
C LEU J 18 -18.30 -17.94 23.18
N ILE J 19 -17.02 -17.60 23.04
CA ILE J 19 -16.63 -16.29 22.50
C ILE J 19 -17.17 -16.12 21.09
N ALA J 20 -16.97 -17.14 20.24
CA ALA J 20 -17.42 -17.05 18.86
C ALA J 20 -18.93 -16.95 18.77
N VAL J 21 -19.65 -17.71 19.60
CA VAL J 21 -21.10 -17.68 19.57
C VAL J 21 -21.62 -16.31 20.00
N PHE J 22 -21.07 -15.75 21.08
CA PHE J 22 -21.51 -14.44 21.53
C PHE J 22 -21.23 -13.38 20.48
N ALA J 23 -20.03 -13.39 19.89
CA ALA J 23 -19.69 -12.41 18.87
C ALA J 23 -20.59 -12.55 17.65
N PHE J 24 -20.80 -13.79 17.19
CA PHE J 24 -21.63 -14.01 16.01
C PHE J 24 -23.07 -13.60 16.27
N LEU J 25 -23.61 -13.90 17.46
CA LEU J 25 -24.98 -13.51 17.77
C LEU J 25 -25.11 -12.00 17.84
N THR J 26 -24.12 -11.31 18.40
CA THR J 26 -24.16 -9.85 18.43
C THR J 26 -24.13 -9.27 17.02
N ILE J 27 -23.24 -9.78 16.17
CA ILE J 27 -23.16 -9.29 14.79
C ILE J 27 -24.45 -9.59 14.05
N LEU J 28 -25.02 -10.78 14.27
CA LEU J 28 -26.27 -11.15 13.59
C LEU J 28 -27.42 -10.25 14.03
N GLY J 29 -27.53 -9.96 15.32
CA GLY J 29 -28.57 -9.05 15.79
C GLY J 29 -28.41 -7.66 15.21
N LEU J 30 -27.18 -7.15 15.19
CA LEU J 30 -26.94 -5.84 14.59
C LEU J 30 -27.31 -5.84 13.11
N ALA J 31 -26.95 -6.91 12.39
CA ALA J 31 -27.25 -7.00 10.97
C ALA J 31 -28.75 -7.05 10.72
N ILE J 32 -29.48 -7.82 11.53
CA ILE J 32 -30.94 -7.91 11.35
C ILE J 32 -31.59 -6.57 11.62
N HIS J 33 -31.18 -5.90 12.71
CA HIS J 33 -31.74 -4.58 13.00
C HIS J 33 -31.45 -3.59 11.88
N MET J 34 -30.22 -3.64 11.33
CA MET J 34 -29.87 -2.78 10.21
C MET J 34 -30.70 -3.09 8.96
N ILE J 35 -30.92 -4.37 8.67
CA ILE J 35 -31.73 -4.74 7.51
C ILE J 35 -33.16 -4.24 7.69
N LEU J 36 -33.71 -4.38 8.89
CA LEU J 36 -35.06 -3.89 9.14
C LEU J 36 -35.14 -2.38 9.02
N LEU J 37 -34.11 -1.68 9.51
CA LEU J 37 -34.11 -0.22 9.40
C LEU J 37 -33.94 0.24 7.97
N SER J 38 -33.24 -0.54 7.14
CA SER J 38 -33.05 -0.18 5.74
C SER J 38 -34.33 -0.30 4.92
N THR J 39 -35.34 -0.96 5.44
CA THR J 39 -36.63 -1.07 4.77
C THR J 39 -37.54 0.08 5.20
N THR J 40 -38.66 0.20 4.50
CA THR J 40 -39.67 1.20 4.86
C THR J 40 -40.74 0.62 5.78
N GLU J 41 -41.11 -0.64 5.55
CA GLU J 41 -42.19 -1.25 6.32
C GLU J 41 -41.78 -1.57 7.75
N PHE J 42 -40.49 -1.81 7.99
CA PHE J 42 -40.04 -2.24 9.31
C PHE J 42 -39.02 -1.31 9.94
N ASN J 43 -38.85 -0.10 9.41
CA ASN J 43 -38.10 0.93 10.10
C ASN J 43 -39.02 1.57 11.14
N TRP J 44 -38.98 1.05 12.36
CA TRP J 44 -39.87 1.52 13.43
C TRP J 44 -39.56 2.94 13.87
N LEU J 45 -38.49 3.52 13.42
CA LEU J 45 -38.10 4.87 13.83
C LEU J 45 -38.61 5.87 12.81
N GLU J 46 -38.50 5.52 11.52
CA GLU J 46 -38.92 6.40 10.41
C GLU J 46 -40.34 6.04 9.97
N ASP J 47 -41.07 5.21 10.72
CA ASP J 47 -42.40 4.68 10.26
C ASP J 47 -43.53 5.72 10.23
N GLY J 48 -43.58 6.64 11.18
CA GLY J 48 -44.71 7.57 11.28
C GLY J 48 -45.59 7.10 12.39
N ILE J 49 -45.22 6.00 13.06
CA ILE J 49 -46.06 5.40 14.15
C ILE J 49 -45.26 5.32 15.47
N PRO J 50 -45.75 5.92 16.58
CA PRO J 50 -46.98 6.76 16.56
C PRO J 50 -46.83 8.10 15.83
N ALA J 51 -47.93 8.74 15.50
CA ALA J 51 -47.95 10.03 14.75
C ALA J 51 -46.81 11.00 15.10
N ALA J 52 -46.09 11.49 14.10
CA ALA J 52 -44.95 12.43 14.30
C ALA J 52 -45.07 13.82 15.00
N LYS J 53 -43.97 14.42 15.38
CA LYS J 53 -43.91 15.62 16.22
C LYS J 53 -43.08 16.49 15.44
N VAL J 54 -42.30 15.89 14.62
CA VAL J 54 -41.39 16.60 13.81
C VAL J 54 -41.84 16.24 12.39
N SER K 5 -10.02 -22.16 37.25
CA SER K 5 -9.47 -23.34 36.59
C SER K 5 -8.69 -22.96 35.34
N MET K 6 -9.39 -22.82 34.22
CA MET K 6 -8.74 -22.42 32.99
C MET K 6 -8.25 -20.98 33.05
N THR K 7 -9.00 -20.11 33.72
CA THR K 7 -8.61 -18.72 33.90
C THR K 7 -7.76 -18.49 35.13
N GLY K 8 -7.52 -19.52 35.94
CA GLY K 8 -6.74 -19.38 37.15
C GLY K 8 -7.54 -18.96 38.37
N LEU K 9 -8.82 -18.66 38.21
CA LEU K 9 -9.65 -18.26 39.34
C LEU K 9 -10.05 -19.48 40.17
N THR K 10 -10.19 -19.24 41.48
CA THR K 10 -10.74 -20.25 42.37
C THR K 10 -12.26 -20.27 42.23
N GLU K 11 -12.87 -21.38 42.68
CA GLU K 11 -14.32 -21.50 42.62
C GLU K 11 -14.99 -20.43 43.47
N GLN K 12 -14.47 -20.18 44.68
CA GLN K 12 -15.01 -19.11 45.50
C GLN K 12 -14.82 -17.74 44.84
N GLU K 13 -13.65 -17.53 44.22
CA GLU K 13 -13.42 -16.29 43.49
C GLU K 13 -14.41 -16.14 42.35
N ALA K 14 -14.65 -17.22 41.61
CA ALA K 14 -15.62 -17.17 40.51
C ALA K 14 -17.02 -16.88 41.02
N GLN K 15 -17.42 -17.51 42.13
CA GLN K 15 -18.74 -17.27 42.69
C GLN K 15 -18.91 -15.82 43.10
N GLU K 16 -17.92 -15.26 43.80
CA GLU K 16 -18.07 -13.90 44.30
C GLU K 16 -18.00 -12.89 43.15
N PHE K 17 -17.14 -13.13 42.16
CA PHE K 17 -17.13 -12.27 40.99
C PHE K 17 -18.45 -12.34 40.25
N HIS K 18 -19.05 -13.53 40.15
CA HIS K 18 -20.35 -13.67 39.50
C HIS K 18 -21.42 -12.90 40.26
N GLY K 19 -21.40 -12.95 41.58
CA GLY K 19 -22.35 -12.18 42.36
C GLY K 19 -22.22 -10.70 42.13
N ILE K 20 -20.99 -10.18 42.18
CA ILE K 20 -20.79 -8.74 41.97
C ILE K 20 -21.13 -8.36 40.53
N PHE K 21 -20.81 -9.22 39.57
CA PHE K 21 -21.09 -8.97 38.17
C PHE K 21 -22.60 -8.88 37.93
N VAL K 22 -23.41 -9.73 38.53
CA VAL K 22 -24.82 -9.78 38.34
C VAL K 22 -25.46 -8.68 39.08
N GLN K 23 -24.90 -8.25 40.17
CA GLN K 23 -25.44 -7.08 40.87
C GLN K 23 -25.20 -5.81 40.05
N SER K 24 -23.99 -5.64 39.52
CA SER K 24 -23.69 -4.46 38.72
C SER K 24 -24.51 -4.45 37.43
N MET K 25 -24.68 -5.62 36.80
CA MET K 25 -25.48 -5.71 35.59
C MET K 25 -26.95 -5.39 35.89
N THR K 26 -27.46 -5.83 37.04
CA THR K 26 -28.82 -5.51 37.42
C THR K 26 -28.99 -4.01 37.65
N ALA K 27 -28.03 -3.38 38.31
CA ALA K 27 -28.11 -1.93 38.53
C ALA K 27 -28.07 -1.18 37.21
N PHE K 28 -27.17 -1.59 36.30
CA PHE K 28 -27.08 -0.96 34.99
C PHE K 28 -28.38 -1.15 34.21
N PHE K 29 -28.95 -2.35 34.27
CA PHE K 29 -30.22 -2.61 33.57
C PHE K 29 -31.35 -1.80 34.16
N GLY K 30 -31.35 -1.59 35.47
CA GLY K 30 -32.38 -0.76 36.08
C GLY K 30 -32.28 0.69 35.65
N ILE K 31 -31.05 1.23 35.61
CA ILE K 31 -30.85 2.58 35.12
C ILE K 31 -31.30 2.69 33.66
N VAL K 32 -30.96 1.67 32.85
CA VAL K 32 -31.35 1.65 31.44
C VAL K 32 -32.88 1.59 31.31
N VAL K 33 -33.53 0.82 32.18
CA VAL K 33 -34.99 0.71 32.14
C VAL K 33 -35.63 2.04 32.49
N ILE K 34 -35.11 2.74 33.50
CA ILE K 34 -35.62 4.07 33.83
C ILE K 34 -35.44 5.02 32.66
N ALA K 35 -34.27 4.97 32.02
CA ALA K 35 -34.02 5.83 30.87
C ALA K 35 -34.98 5.54 29.72
N HIS K 36 -35.28 4.25 29.49
CA HIS K 36 -36.18 3.88 28.40
C HIS K 36 -37.62 4.24 28.72
N ILE K 37 -38.02 4.15 29.99
CA ILE K 37 -39.34 4.63 30.38
C ILE K 37 -39.45 6.14 30.14
N LEU K 38 -38.40 6.87 30.51
CA LEU K 38 -38.39 8.31 30.25
C LEU K 38 -38.46 8.62 28.76
N ALA K 39 -37.73 7.83 27.95
CA ALA K 39 -37.75 8.03 26.50
C ALA K 39 -39.13 7.72 25.91
N TRP K 40 -39.79 6.67 26.40
CA TRP K 40 -41.13 6.34 25.93
C TRP K 40 -42.12 7.43 26.30
N LEU K 41 -42.01 7.96 27.52
CA LEU K 41 -42.88 9.07 27.91
C LEU K 41 -42.60 10.30 27.05
N TRP K 42 -41.33 10.55 26.74
CA TRP K 42 -40.96 11.69 25.91
C TRP K 42 -41.45 11.53 24.48
N ARG K 43 -41.18 10.38 23.87
CA ARG K 43 -41.55 10.17 22.48
C ARG K 43 -41.64 8.68 22.17
N PRO K 44 -42.84 8.08 22.26
CA PRO K 44 -42.97 6.65 21.94
C PRO K 44 -42.63 6.38 20.48
N TRP K 45 -42.01 5.22 20.24
CA TRP K 45 -41.57 4.84 18.90
C TRP K 45 -42.44 3.77 18.26
N LEU K 46 -43.29 3.10 19.04
CA LEU K 46 -44.17 2.08 18.51
C LEU K 46 -45.63 2.43 18.76
N SER L 2 -29.30 -21.66 35.24
CA SER L 2 -28.46 -22.59 35.95
C SER L 2 -27.87 -21.98 37.22
N PRO L 3 -27.86 -22.74 38.31
CA PRO L 3 -27.24 -22.26 39.52
C PRO L 3 -25.71 -22.18 39.38
N ASP L 4 -25.12 -22.89 38.45
CA ASP L 4 -23.70 -22.94 38.26
C ASP L 4 -23.33 -22.11 37.13
N LEU L 5 -24.08 -21.05 36.94
CA LEU L 5 -23.65 -20.11 35.91
C LEU L 5 -22.40 -19.34 36.34
N TRP L 6 -22.07 -19.36 37.63
CA TRP L 6 -20.85 -18.72 38.09
C TRP L 6 -19.60 -19.40 37.57
N LYS L 7 -19.70 -20.67 37.15
CA LYS L 7 -18.54 -21.40 36.66
C LYS L 7 -18.05 -20.90 35.31
N ILE L 8 -18.79 -20.01 34.65
CA ILE L 8 -18.35 -19.47 33.37
C ILE L 8 -17.08 -18.65 33.55
N TRP L 9 -16.85 -18.11 34.75
CA TRP L 9 -15.65 -17.33 35.02
C TRP L 9 -14.43 -18.20 35.25
N LEU L 10 -14.61 -19.51 35.40
CA LEU L 10 -13.51 -20.46 35.34
C LEU L 10 -13.09 -20.77 33.92
N LEU L 11 -13.83 -20.28 32.92
CA LEU L 11 -13.57 -20.54 31.52
C LEU L 11 -13.14 -19.29 30.76
N ILE L 12 -13.90 -18.20 30.88
CA ILE L 12 -13.57 -16.93 30.23
C ILE L 12 -13.03 -15.97 31.27
N ASP L 13 -11.95 -15.28 30.93
CA ASP L 13 -11.25 -14.44 31.89
C ASP L 13 -12.13 -13.28 32.33
N PRO L 14 -12.39 -13.11 33.62
CA PRO L 14 -13.28 -12.03 34.06
C PRO L 14 -12.81 -10.64 33.64
N ARG L 15 -11.50 -10.39 33.66
CA ARG L 15 -11.00 -9.07 33.28
C ARG L 15 -11.23 -8.80 31.79
N ARG L 16 -10.93 -9.79 30.94
CA ARG L 16 -11.16 -9.61 29.51
C ARG L 16 -12.64 -9.47 29.20
N VAL L 17 -13.49 -10.23 29.87
CA VAL L 17 -14.93 -10.10 29.68
C VAL L 17 -15.40 -8.72 30.11
N LEU L 18 -14.90 -8.22 31.23
CA LEU L 18 -15.29 -6.88 31.68
C LEU L 18 -14.87 -5.81 30.66
N ILE L 19 -13.63 -5.90 30.17
CA ILE L 19 -13.14 -4.92 29.21
C ILE L 19 -13.97 -4.96 27.93
N ALA L 20 -14.21 -6.18 27.42
CA ALA L 20 -14.98 -6.32 26.19
C ALA L 20 -16.41 -5.84 26.38
N VAL L 21 -17.02 -6.15 27.52
CA VAL L 21 -18.40 -5.74 27.78
C VAL L 21 -18.49 -4.22 27.85
N PHE L 22 -17.56 -3.58 28.56
CA PHE L 22 -17.58 -2.12 28.66
C PHE L 22 -17.39 -1.48 27.30
N ALA L 23 -16.41 -1.96 26.52
CA ALA L 23 -16.17 -1.38 25.21
C ALA L 23 -17.36 -1.58 24.28
N PHE L 24 -17.94 -2.79 24.29
CA PHE L 24 -19.09 -3.07 23.43
C PHE L 24 -20.30 -2.25 23.83
N LEU L 25 -20.54 -2.08 25.13
CA LEU L 25 -21.68 -1.28 25.56
C LEU L 25 -21.50 0.18 25.18
N THR L 26 -20.28 0.71 25.33
CA THR L 26 -20.02 2.08 24.90
C THR L 26 -20.25 2.24 23.40
N ILE L 27 -19.72 1.30 22.61
CA ILE L 27 -19.88 1.38 21.16
C ILE L 27 -21.35 1.27 20.77
N LEU L 28 -22.08 0.36 21.43
CA LEU L 28 -23.50 0.18 21.14
C LEU L 28 -24.28 1.44 21.49
N GLY L 29 -24.00 2.06 22.63
CA GLY L 29 -24.68 3.30 22.98
C GLY L 29 -24.40 4.42 22.01
N LEU L 30 -23.14 4.56 21.60
CA LEU L 30 -22.80 5.56 20.58
C LEU L 30 -23.55 5.28 19.28
N ALA L 31 -23.61 4.02 18.89
CA ALA L 31 -24.31 3.66 17.65
C ALA L 31 -25.79 3.97 17.73
N ILE L 32 -26.42 3.67 18.87
CA ILE L 32 -27.86 3.95 19.00
C ILE L 32 -28.11 5.45 18.96
N HIS L 33 -27.28 6.24 19.66
CA HIS L 33 -27.46 7.68 19.64
C HIS L 33 -27.26 8.24 18.23
N MET L 34 -26.27 7.73 17.49
CA MET L 34 -26.08 8.14 16.11
C MET L 34 -27.27 7.76 15.23
N ILE L 35 -27.81 6.56 15.40
CA ILE L 35 -28.96 6.14 14.61
C ILE L 35 -30.15 7.04 14.88
N LEU L 36 -30.37 7.39 16.15
CA LEU L 36 -31.46 8.30 16.50
C LEU L 36 -31.23 9.69 15.91
N LEU L 37 -29.99 10.16 15.92
CA LEU L 37 -29.70 11.47 15.36
C LEU L 37 -29.84 11.49 13.84
N SER L 38 -29.61 10.35 13.19
CA SER L 38 -29.73 10.28 11.74
C SER L 38 -31.17 10.30 11.26
N THR L 39 -32.13 10.07 12.15
CA THR L 39 -33.54 10.17 11.80
C THR L 39 -34.05 11.59 12.06
N THR L 40 -35.24 11.88 11.54
CA THR L 40 -35.88 13.16 11.77
C THR L 40 -36.77 13.13 13.01
N GLU L 41 -37.45 12.02 13.26
CA GLU L 41 -38.38 11.92 14.37
C GLU L 41 -37.68 11.82 15.72
N PHE L 42 -36.42 11.40 15.75
CA PHE L 42 -35.74 11.18 17.01
C PHE L 42 -34.42 11.94 17.14
N ASN L 43 -34.16 12.89 16.26
CA ASN L 43 -33.04 13.82 16.43
C ASN L 43 -33.52 14.92 17.37
N TRP L 44 -33.27 14.74 18.67
CA TRP L 44 -33.73 15.69 19.68
C TRP L 44 -33.04 17.03 19.59
N LEU L 45 -31.95 17.14 18.83
CA LEU L 45 -31.24 18.40 18.67
C LEU L 45 -31.79 19.24 17.54
N GLU L 46 -32.25 18.61 16.46
CA GLU L 46 -32.75 19.32 15.29
C GLU L 46 -34.26 19.20 15.13
N ASP L 47 -34.94 18.76 16.18
CA ASP L 47 -36.41 18.47 16.09
C ASP L 47 -37.27 19.73 16.07
N GLY L 48 -36.82 20.84 16.64
CA GLY L 48 -37.63 22.04 16.75
C GLY L 48 -38.24 22.12 18.12
N ILE L 49 -38.03 21.13 18.99
CA ILE L 49 -38.67 21.09 20.34
C ILE L 49 -37.60 21.13 21.44
N PRO L 50 -37.62 22.13 22.34
CA PRO L 50 -38.59 23.27 22.28
C PRO L 50 -38.36 24.28 21.16
N ALA L 51 -39.33 25.17 20.93
CA ALA L 51 -39.30 26.15 19.81
C ALA L 51 -37.91 26.79 19.60
N ALA L 52 -37.45 26.84 18.34
CA ALA L 52 -36.08 27.32 18.01
C ALA L 52 -35.78 28.80 18.31
N LYS L 53 -34.51 29.21 18.27
CA LYS L 53 -34.00 30.54 18.61
C LYS L 53 -33.21 30.92 17.46
N VAL L 54 -32.76 29.95 16.75
CA VAL L 54 -31.95 30.17 15.61
C VAL L 54 -32.85 29.66 14.48
N SER M 5 -4.04 -8.64 43.38
CA SER M 5 -4.03 -10.00 42.87
C SER M 5 -3.58 -10.03 41.41
N MET M 6 -4.56 -9.95 40.50
CA MET M 6 -4.23 -9.92 39.07
C MET M 6 -3.47 -8.65 38.70
N THR M 7 -3.79 -7.53 39.34
CA THR M 7 -3.11 -6.27 39.07
C THR M 7 -1.89 -6.04 39.95
N GLY M 8 -1.65 -6.91 40.93
CA GLY M 8 -0.55 -6.73 41.86
C GLY M 8 -0.85 -5.82 43.03
N LEU M 9 -2.03 -5.23 43.08
CA LEU M 9 -2.40 -4.36 44.19
C LEU M 9 -2.82 -5.17 45.41
N THR M 10 -2.64 -4.57 46.58
CA THR M 10 -3.13 -5.16 47.81
C THR M 10 -4.60 -4.78 47.99
N GLU M 11 -5.29 -5.50 48.88
CA GLU M 11 -6.69 -5.20 49.14
C GLU M 11 -6.87 -3.80 49.70
N GLN M 12 -5.99 -3.39 50.63
CA GLN M 12 -6.04 -2.03 51.15
C GLN M 12 -5.76 -1.00 50.06
N GLU M 13 -4.79 -1.30 49.18
CA GLU M 13 -4.52 -0.42 48.05
C GLU M 13 -5.74 -0.30 47.14
N ALA M 14 -6.41 -1.42 46.87
CA ALA M 14 -7.61 -1.40 46.04
C ALA M 14 -8.74 -0.60 46.68
N GLN M 15 -8.96 -0.77 47.98
CA GLN M 15 -9.99 0.01 48.65
C GLN M 15 -9.70 1.50 48.66
N GLU M 16 -8.44 1.89 48.89
CA GLU M 16 -8.13 3.31 48.91
C GLU M 16 -8.20 3.92 47.51
N PHE M 17 -7.74 3.19 46.49
CA PHE M 17 -7.91 3.66 45.13
C PHE M 17 -9.39 3.78 44.77
N HIS M 18 -10.20 2.82 45.21
CA HIS M 18 -11.64 2.89 44.95
C HIS M 18 -12.25 4.13 45.61
N GLY M 19 -11.86 4.42 46.85
CA GLY M 19 -12.37 5.60 47.52
C GLY M 19 -12.01 6.88 46.80
N ILE M 20 -10.73 7.03 46.43
CA ILE M 20 -10.33 8.25 45.72
C ILE M 20 -10.94 8.32 44.33
N PHE M 21 -11.09 7.17 43.66
CA PHE M 21 -11.71 7.13 42.34
C PHE M 21 -13.17 7.56 42.40
N VAL M 22 -13.93 7.17 43.39
CA VAL M 22 -15.28 7.50 43.47
C VAL M 22 -15.46 8.88 43.94
N GLN M 23 -14.57 9.37 44.74
CA GLN M 23 -14.63 10.77 45.12
C GLN M 23 -14.39 11.68 43.91
N SER M 24 -13.35 11.38 43.13
CA SER M 24 -13.05 12.19 41.96
C SER M 24 -14.15 12.09 40.92
N MET M 25 -14.71 10.89 40.74
CA MET M 25 -15.80 10.70 39.80
C MET M 25 -17.04 11.46 40.23
N THR M 26 -17.32 11.48 41.53
CA THR M 26 -18.45 12.25 42.04
C THR M 26 -18.24 13.75 41.83
N ALA M 27 -17.02 14.24 42.05
CA ALA M 27 -16.74 15.65 41.81
C ALA M 27 -16.92 15.99 40.33
N PHE M 28 -16.40 15.14 39.44
CA PHE M 28 -16.57 15.35 38.01
C PHE M 28 -18.04 15.32 37.62
N PHE M 29 -18.81 14.41 38.20
CA PHE M 29 -20.24 14.34 37.90
C PHE M 29 -20.98 15.57 38.41
N GLY M 30 -20.57 16.11 39.57
CA GLY M 30 -21.19 17.33 40.06
C GLY M 30 -20.91 18.51 39.16
N ILE M 31 -19.66 18.63 38.69
CA ILE M 31 -19.32 19.69 37.74
C ILE M 31 -20.13 19.54 36.46
N VAL M 32 -20.24 18.30 35.97
CA VAL M 32 -21.00 18.02 34.76
C VAL M 32 -22.47 18.37 34.96
N VAL M 33 -23.01 18.07 36.13
CA VAL M 33 -24.41 18.37 36.42
C VAL M 33 -24.65 19.87 36.44
N ILE M 34 -23.73 20.62 37.05
CA ILE M 34 -23.85 22.08 37.04
C ILE M 34 -23.78 22.62 35.61
N ALA M 35 -22.86 22.09 34.81
CA ALA M 35 -22.74 22.52 33.43
C ALA M 35 -24.01 22.23 32.63
N HIS M 36 -24.62 21.05 32.87
CA HIS M 36 -25.84 20.71 32.15
C HIS M 36 -27.04 21.51 32.63
N ILE M 37 -27.09 21.87 33.91
CA ILE M 37 -28.13 22.76 34.40
C ILE M 37 -27.99 24.12 33.74
N LEU M 38 -26.76 24.63 33.64
CA LEU M 38 -26.54 25.89 32.94
C LEU M 38 -26.94 25.79 31.46
N ALA M 39 -26.63 24.67 30.82
CA ALA M 39 -27.00 24.48 29.42
C ALA M 39 -28.51 24.42 29.24
N TRP M 40 -29.21 23.78 30.17
CA TRP M 40 -30.67 23.72 30.10
C TRP M 40 -31.29 25.10 30.31
N LEU M 41 -30.76 25.87 31.28
CA LEU M 41 -31.23 27.23 31.46
C LEU M 41 -30.93 28.09 30.24
N TRP M 42 -29.83 27.79 29.54
CA TRP M 42 -29.47 28.55 28.35
C TRP M 42 -30.33 28.18 27.15
N ARG M 43 -30.45 26.89 26.85
CA ARG M 43 -31.19 26.44 25.67
C ARG M 43 -31.64 25.01 25.89
N PRO M 44 -32.86 24.82 26.42
CA PRO M 44 -33.37 23.46 26.59
C PRO M 44 -33.52 22.73 25.27
N TRP M 45 -33.19 21.44 25.28
CA TRP M 45 -33.20 20.63 24.07
C TRP M 45 -34.40 19.69 23.99
N LEU M 46 -35.14 19.59 25.01
CA LEU M 46 -36.27 18.71 25.10
C LEU M 46 -37.38 19.59 25.62
N SER N 2 -22.98 -2.83 45.23
CA SER N 2 -22.19 -3.87 45.87
C SER N 2 -21.10 -3.27 46.75
N PRO N 3 -21.08 -3.66 48.03
CA PRO N 3 -20.04 -3.14 48.94
C PRO N 3 -18.63 -3.57 48.55
N ASP N 4 -18.48 -4.68 47.83
CA ASP N 4 -17.17 -5.17 47.40
C ASP N 4 -16.82 -4.73 45.99
N LEU N 5 -17.37 -3.61 45.54
CA LEU N 5 -17.03 -3.09 44.21
C LEU N 5 -15.60 -2.60 44.14
N TRP N 6 -14.95 -2.38 45.29
CA TRP N 6 -13.55 -1.97 45.30
C TRP N 6 -12.63 -3.07 44.78
N LYS N 7 -13.09 -4.32 44.79
CA LYS N 7 -12.25 -5.44 44.36
C LYS N 7 -12.02 -5.45 42.85
N ILE N 8 -12.72 -4.61 42.10
CA ILE N 8 -12.51 -4.57 40.65
C ILE N 8 -11.10 -4.09 40.31
N TRP N 9 -10.45 -3.37 41.22
CA TRP N 9 -9.09 -2.91 40.97
C TRP N 9 -8.05 -3.98 41.24
N LEU N 10 -8.46 -5.12 41.82
CA LEU N 10 -7.61 -6.30 41.84
C LEU N 10 -7.65 -7.07 40.52
N LEU N 11 -8.53 -6.69 39.60
CA LEU N 11 -8.69 -7.37 38.32
C LEU N 11 -8.21 -6.50 37.15
N ILE N 12 -8.73 -5.29 37.02
CA ILE N 12 -8.35 -4.37 35.94
C ILE N 12 -7.36 -3.36 36.50
N ASP N 13 -6.31 -3.09 35.75
CA ASP N 13 -5.21 -2.25 36.22
C ASP N 13 -5.70 -0.83 36.47
N PRO N 14 -5.57 -0.30 37.69
CA PRO N 14 -6.08 1.06 37.96
C PRO N 14 -5.45 2.13 37.09
N ARG N 15 -4.23 2.04 36.63
CA ARG N 15 -3.58 3.04 35.84
C ARG N 15 -3.99 2.96 34.45
N ARG N 16 -4.14 1.76 33.95
CA ARG N 16 -4.67 1.62 32.60
C ARG N 16 -6.11 2.08 32.52
N VAL N 17 -6.91 1.76 33.55
CA VAL N 17 -8.29 2.23 33.57
C VAL N 17 -8.34 3.75 33.65
N LEU N 18 -7.47 4.36 34.46
CA LEU N 18 -7.46 5.82 34.55
C LEU N 18 -7.10 6.46 33.21
N ILE N 19 -6.08 5.92 32.54
CA ILE N 19 -5.68 6.46 31.23
C ILE N 19 -6.81 6.31 30.23
N ALA N 20 -7.42 5.12 30.17
CA ALA N 20 -8.50 4.88 29.23
C ALA N 20 -9.71 5.77 29.52
N VAL N 21 -10.04 5.95 30.80
CA VAL N 21 -11.18 6.77 31.18
C VAL N 21 -10.94 8.22 30.79
N PHE N 22 -9.74 8.74 31.08
CA PHE N 22 -9.45 10.12 30.71
C PHE N 22 -9.51 10.32 29.20
N ALA N 23 -8.90 9.39 28.44
CA ALA N 23 -8.91 9.51 26.99
C ALA N 23 -10.32 9.42 26.43
N PHE N 24 -11.11 8.47 26.93
CA PHE N 24 -12.47 8.30 26.44
C PHE N 24 -13.34 9.51 26.78
N LEU N 25 -13.19 10.05 27.98
CA LEU N 25 -13.97 11.22 28.36
C LEU N 25 -13.60 12.43 27.51
N THR N 26 -12.31 12.62 27.24
CA THR N 26 -11.90 13.73 26.38
C THR N 26 -12.45 13.57 24.97
N ILE N 27 -12.36 12.36 24.41
CA ILE N 27 -12.86 12.11 23.07
C ILE N 27 -14.38 12.28 23.03
N LEU N 28 -15.07 11.82 24.07
CA LEU N 28 -16.51 11.97 24.13
C LEU N 28 -16.92 13.44 24.20
N GLY N 29 -16.23 14.23 25.01
CA GLY N 29 -16.53 15.66 25.06
C GLY N 29 -16.29 16.35 23.73
N LEU N 30 -15.18 16.01 23.07
CA LEU N 30 -14.90 16.57 21.75
C LEU N 30 -16.00 16.20 20.75
N ALA N 31 -16.43 14.93 20.79
CA ALA N 31 -17.47 14.47 19.88
C ALA N 31 -18.79 15.17 20.14
N ILE N 32 -19.15 15.37 21.42
CA ILE N 32 -20.40 16.04 21.74
C ILE N 32 -20.36 17.49 21.27
N HIS N 33 -19.24 18.18 21.50
CA HIS N 33 -19.13 19.56 21.05
C HIS N 33 -19.20 19.65 19.52
N MET N 34 -18.57 18.68 18.82
CA MET N 34 -18.71 18.61 17.36
C MET N 34 -20.16 18.39 16.94
N ILE N 35 -20.87 17.48 17.60
CA ILE N 35 -22.26 17.22 17.23
C ILE N 35 -23.11 18.47 17.43
N LEU N 36 -22.89 19.17 18.55
CA LEU N 36 -23.65 20.39 18.81
C LEU N 36 -23.33 21.47 17.80
N LEU N 37 -22.05 21.62 17.44
CA LEU N 37 -21.67 22.64 16.47
C LEU N 37 -22.13 22.31 15.06
N SER N 38 -22.34 21.02 14.76
CA SER N 38 -22.82 20.63 13.44
C SER N 38 -24.30 20.94 13.24
N THR N 39 -25.04 21.17 14.32
CA THR N 39 -26.43 21.56 14.23
C THR N 39 -26.56 23.08 14.16
N THR N 40 -27.76 23.54 13.81
CA THR N 40 -28.03 24.97 13.76
C THR N 40 -28.56 25.50 15.08
N GLU N 41 -29.39 24.71 15.78
CA GLU N 41 -30.01 25.18 17.01
C GLU N 41 -29.01 25.27 18.16
N PHE N 42 -27.96 24.45 18.15
CA PHE N 42 -27.04 24.39 19.28
C PHE N 42 -25.61 24.75 18.90
N ASN N 43 -25.42 25.40 17.75
CA ASN N 43 -24.12 25.99 17.41
C ASN N 43 -24.08 27.38 18.03
N TRP N 44 -23.51 27.48 19.23
CA TRP N 44 -23.44 28.74 19.96
C TRP N 44 -22.54 29.77 19.28
N LEU N 45 -21.72 29.34 18.31
CA LEU N 45 -20.86 30.25 17.58
C LEU N 45 -21.56 30.90 16.39
N GLU N 46 -22.45 30.16 15.73
CA GLU N 46 -23.13 30.64 14.54
C GLU N 46 -24.60 30.97 14.78
N ASP N 47 -25.06 30.92 16.03
CA ASP N 47 -26.48 31.10 16.31
C ASP N 47 -26.94 32.55 16.17
N GLY N 48 -26.02 33.50 16.13
CA GLY N 48 -26.40 34.90 16.06
C GLY N 48 -26.79 35.52 17.37
N ILE N 49 -26.57 34.78 18.48
CA ILE N 49 -26.77 35.27 19.85
C ILE N 49 -25.43 35.31 20.66
N PRO N 50 -25.07 36.48 21.27
CA PRO N 50 -25.83 37.74 21.02
C PRO N 50 -25.72 38.33 19.61
N ALA N 51 -26.50 39.35 19.29
CA ALA N 51 -26.56 39.96 17.93
C ALA N 51 -25.19 40.12 17.25
N ALA N 52 -25.08 39.72 15.98
CA ALA N 52 -23.78 39.68 15.25
C ALA N 52 -23.13 41.03 14.93
N LYS N 53 -21.83 41.02 14.64
CA LYS N 53 -21.01 42.23 14.36
C LYS N 53 -20.46 42.10 12.95
N VAL N 54 -20.43 40.87 12.45
CA VAL N 54 -19.94 40.62 11.06
C VAL N 54 -21.17 40.22 10.23
N SER O 5 17.90 13.88 38.40
CA SER O 5 17.42 12.63 38.99
C SER O 5 17.06 11.62 37.91
N MET O 6 15.80 11.67 37.45
CA MET O 6 15.36 10.76 36.41
C MET O 6 15.99 11.11 35.06
N THR O 7 16.25 12.40 34.81
CA THR O 7 16.95 12.82 33.61
C THR O 7 18.46 12.70 33.73
N GLY O 8 18.97 12.35 34.91
CA GLY O 8 20.41 12.29 35.13
C GLY O 8 21.05 13.60 35.51
N LEU O 9 20.29 14.69 35.56
CA LEU O 9 20.82 15.98 35.92
C LEU O 9 20.94 16.14 37.43
N THR O 10 21.94 16.90 37.85
CA THR O 10 22.08 17.26 39.25
C THR O 10 21.12 18.42 39.56
N GLU O 11 20.80 18.58 40.84
CA GLU O 11 19.92 19.67 41.25
C GLU O 11 20.50 21.03 40.87
N GLN O 12 21.80 21.21 41.08
CA GLN O 12 22.45 22.43 40.64
C GLN O 12 22.41 22.58 39.12
N GLU O 13 22.61 21.47 38.40
CA GLU O 13 22.51 21.50 36.95
C GLU O 13 21.11 21.92 36.52
N ALA O 14 20.08 21.35 37.16
CA ALA O 14 18.70 21.71 36.82
C ALA O 14 18.41 23.17 37.14
N GLN O 15 18.91 23.67 38.28
CA GLN O 15 18.69 25.07 38.64
C GLN O 15 19.33 26.00 37.62
N GLU O 16 20.57 25.72 37.22
CA GLU O 16 21.26 26.61 36.30
C GLU O 16 20.64 26.55 34.91
N PHE O 17 20.24 25.34 34.48
CA PHE O 17 19.54 25.22 33.20
C PHE O 17 18.22 25.98 33.25
N HIS O 18 17.49 25.90 34.36
CA HIS O 18 16.23 26.63 34.49
C HIS O 18 16.46 28.13 34.42
N GLY O 19 17.52 28.61 35.06
CA GLY O 19 17.82 30.03 34.99
C GLY O 19 18.11 30.50 33.57
N ILE O 20 18.97 29.76 32.87
CA ILE O 20 19.31 30.14 31.50
C ILE O 20 18.09 30.00 30.59
N PHE O 21 17.28 28.96 30.82
CA PHE O 21 16.07 28.75 30.03
C PHE O 21 15.08 29.89 30.21
N VAL O 22 14.90 30.44 31.37
CA VAL O 22 13.97 31.46 31.63
C VAL O 22 14.48 32.75 31.18
N GLN O 23 15.77 32.93 31.22
CA GLN O 23 16.33 34.15 30.64
C GLN O 23 16.14 34.18 29.13
N SER O 24 16.44 33.06 28.46
CA SER O 24 16.28 33.00 27.01
C SER O 24 14.82 33.13 26.61
N MET O 25 13.92 32.49 27.36
CA MET O 25 12.50 32.59 27.08
C MET O 25 11.99 34.02 27.28
N THR O 26 12.50 34.71 28.31
CA THR O 26 12.12 36.10 28.53
C THR O 26 12.61 36.99 27.39
N ALA O 27 13.84 36.76 26.91
CA ALA O 27 14.33 37.54 25.77
C ALA O 27 13.50 37.28 24.52
N PHE O 28 13.16 36.01 24.27
CA PHE O 28 12.31 35.68 23.13
C PHE O 28 10.93 36.32 23.25
N PHE O 29 10.35 36.31 24.46
CA PHE O 29 9.06 36.92 24.67
C PHE O 29 9.12 38.43 24.49
N GLY O 30 10.21 39.08 24.92
CA GLY O 30 10.36 40.50 24.69
C GLY O 30 10.45 40.85 23.22
N ILE O 31 11.23 40.07 22.46
CA ILE O 31 11.32 40.29 21.03
C ILE O 31 9.95 40.09 20.38
N VAL O 32 9.23 39.06 20.80
CA VAL O 32 7.89 38.79 20.27
C VAL O 32 6.92 39.91 20.62
N VAL O 33 7.04 40.48 21.81
CA VAL O 33 6.18 41.59 22.22
C VAL O 33 6.47 42.82 21.38
N ILE O 34 7.75 43.10 21.11
CA ILE O 34 8.09 44.22 20.24
C ILE O 34 7.52 44.00 18.85
N ALA O 35 7.65 42.78 18.32
CA ALA O 35 7.12 42.47 17.00
C ALA O 35 5.61 42.66 16.96
N HIS O 36 4.91 42.26 18.02
CA HIS O 36 3.47 42.40 18.07
C HIS O 36 3.03 43.85 18.22
N ILE O 37 3.78 44.65 18.97
CA ILE O 37 3.50 46.07 19.04
C ILE O 37 3.66 46.72 17.67
N LEU O 38 4.72 46.34 16.95
CA LEU O 38 4.91 46.85 15.59
C LEU O 38 3.78 46.40 14.67
N ALA O 39 3.33 45.16 14.81
CA ALA O 39 2.23 44.66 13.99
C ALA O 39 0.92 45.39 14.31
N TRP O 40 0.67 45.68 15.58
CA TRP O 40 -0.54 46.40 15.95
C TRP O 40 -0.50 47.83 15.43
N LEU O 41 0.66 48.48 15.48
CA LEU O 41 0.79 49.80 14.89
C LEU O 41 0.59 49.74 13.38
N TRP O 42 1.11 48.69 12.75
CA TRP O 42 0.97 48.54 11.30
C TRP O 42 -0.49 48.28 10.90
N ARG O 43 -1.13 47.31 11.55
CA ARG O 43 -2.49 46.94 11.18
C ARG O 43 -3.18 46.23 12.33
N PRO O 44 -3.91 46.96 13.19
CA PRO O 44 -4.61 46.31 14.31
C PRO O 44 -5.67 45.33 13.81
N TRP O 45 -5.84 44.24 14.54
CA TRP O 45 -6.77 43.18 14.15
C TRP O 45 -8.03 43.15 14.99
N LEU O 46 -8.07 43.87 16.12
CA LEU O 46 -9.25 43.88 16.98
C LEU O 46 -9.78 45.31 17.12
N SER P 2 5.79 28.85 41.37
CA SER P 2 6.45 27.96 42.32
C SER P 2 7.96 28.16 42.31
N PRO P 3 8.54 28.36 43.49
CA PRO P 3 10.01 28.53 43.56
C PRO P 3 10.77 27.31 43.08
N ASP P 4 10.19 26.11 43.21
CA ASP P 4 10.85 24.87 42.82
C ASP P 4 10.45 24.41 41.42
N LEU P 5 10.14 25.36 40.53
CA LEU P 5 9.82 25.01 39.15
C LEU P 5 11.06 24.51 38.39
N TRP P 6 12.26 24.80 38.91
CA TRP P 6 13.48 24.28 38.30
C TRP P 6 13.55 22.75 38.37
N LYS P 7 12.83 22.13 39.30
CA LYS P 7 12.85 20.69 39.47
C LYS P 7 12.22 19.94 38.29
N ILE P 8 11.54 20.64 37.39
CA ILE P 8 10.96 19.99 36.23
C ILE P 8 12.01 19.40 35.31
N TRP P 9 13.24 19.92 35.36
CA TRP P 9 14.31 19.40 34.52
C TRP P 9 14.93 18.12 35.09
N LEU P 10 14.60 17.76 36.32
CA LEU P 10 14.89 16.43 36.84
C LEU P 10 13.88 15.40 36.35
N LEU P 11 12.83 15.84 35.65
CA LEU P 11 11.78 14.95 35.17
C LEU P 11 11.80 14.83 33.64
N ILE P 12 11.75 15.95 32.93
CA ILE P 12 11.74 15.96 31.47
C ILE P 12 13.13 16.36 30.99
N ASP P 13 13.62 15.66 29.97
CA ASP P 13 14.99 15.84 29.49
C ASP P 13 15.16 17.26 28.92
N PRO P 14 16.11 18.04 29.43
CA PRO P 14 16.30 19.40 28.90
C PRO P 14 16.60 19.45 27.40
N ARG P 15 17.38 18.50 26.88
CA ARG P 15 17.71 18.51 25.47
C ARG P 15 16.49 18.20 24.61
N ARG P 16 15.74 17.17 24.99
CA ARG P 16 14.53 16.82 24.24
C ARG P 16 13.50 17.95 24.33
N VAL P 17 13.37 18.57 25.50
CA VAL P 17 12.45 19.68 25.65
C VAL P 17 12.87 20.87 24.78
N LEU P 18 14.17 21.16 24.74
CA LEU P 18 14.65 22.26 23.91
C LEU P 18 14.40 21.98 22.43
N ILE P 19 14.66 20.75 21.98
CA ILE P 19 14.44 20.40 20.59
C ILE P 19 12.95 20.52 20.24
N ALA P 20 12.10 19.97 21.11
CA ALA P 20 10.67 20.04 20.87
C ALA P 20 10.16 21.48 20.87
N VAL P 21 10.67 22.31 21.80
CA VAL P 21 10.23 23.70 21.88
C VAL P 21 10.64 24.45 20.62
N PHE P 22 11.88 24.27 20.17
CA PHE P 22 12.33 24.96 18.97
C PHE P 22 11.53 24.52 17.75
N ALA P 23 11.32 23.22 17.58
CA ALA P 23 10.56 22.73 16.45
C ALA P 23 9.13 23.23 16.49
N PHE P 24 8.48 23.17 17.66
CA PHE P 24 7.10 23.62 17.77
C PHE P 24 6.98 25.11 17.52
N LEU P 25 7.91 25.92 18.03
CA LEU P 25 7.85 27.35 17.80
C LEU P 25 8.04 27.67 16.33
N THR P 26 8.96 26.98 15.66
CA THR P 26 9.15 27.21 14.22
C THR P 26 7.89 26.83 13.44
N ILE P 27 7.30 25.68 13.75
CA ILE P 27 6.09 25.24 13.06
C ILE P 27 4.94 26.21 13.33
N LEU P 28 4.84 26.69 14.57
CA LEU P 28 3.78 27.63 14.93
C LEU P 28 3.94 28.94 14.18
N GLY P 29 5.16 29.46 14.09
CA GLY P 29 5.39 30.68 13.33
C GLY P 29 5.07 30.51 11.85
N LEU P 30 5.49 29.39 11.27
CA LEU P 30 5.16 29.13 9.87
C LEU P 30 3.66 29.05 9.67
N ALA P 31 2.95 28.37 10.58
CA ALA P 31 1.50 28.24 10.48
C ALA P 31 0.81 29.59 10.60
N ILE P 32 1.26 30.43 11.53
CA ILE P 32 0.64 31.74 11.69
C ILE P 32 0.86 32.61 10.46
N HIS P 33 2.08 32.57 9.91
CA HIS P 33 2.35 33.34 8.70
C HIS P 33 1.49 32.84 7.53
N MET P 34 1.33 31.52 7.41
CA MET P 34 0.42 30.98 6.39
C MET P 34 -1.02 31.42 6.62
N ILE P 35 -1.49 31.43 7.86
CA ILE P 35 -2.86 31.84 8.13
C ILE P 35 -3.05 33.31 7.77
N LEU P 36 -2.07 34.15 8.10
CA LEU P 36 -2.15 35.56 7.75
C LEU P 36 -2.12 35.77 6.24
N LEU P 37 -1.28 35.01 5.53
CA LEU P 37 -1.20 35.13 4.08
C LEU P 37 -2.44 34.56 3.39
N SER P 38 -3.15 33.65 4.03
CA SER P 38 -4.37 33.08 3.44
C SER P 38 -5.55 34.04 3.50
N THR P 39 -5.46 35.08 4.34
CA THR P 39 -6.51 36.08 4.42
C THR P 39 -6.24 37.22 3.43
N THR P 40 -7.21 38.11 3.32
CA THR P 40 -7.07 39.29 2.47
C THR P 40 -6.58 40.50 3.25
N GLU P 41 -7.09 40.68 4.47
CA GLU P 41 -6.75 41.86 5.25
C GLU P 41 -5.31 41.83 5.75
N PHE P 42 -4.73 40.65 5.92
CA PHE P 42 -3.40 40.53 6.52
C PHE P 42 -2.39 39.85 5.62
N ASN P 43 -2.69 39.67 4.34
CA ASN P 43 -1.68 39.24 3.38
C ASN P 43 -0.90 40.48 2.96
N TRP P 44 0.21 40.73 3.66
CA TRP P 44 1.03 41.92 3.43
C TRP P 44 1.72 41.91 2.07
N LEU P 45 1.72 40.77 1.38
CA LEU P 45 2.33 40.69 0.05
C LEU P 45 1.35 41.00 -1.06
N GLU P 46 0.06 40.73 -0.86
CA GLU P 46 -0.96 40.97 -1.87
C GLU P 46 -1.86 42.15 -1.53
N ASP P 47 -1.63 42.83 -0.41
CA ASP P 47 -2.55 43.86 0.04
C ASP P 47 -2.54 45.11 -0.83
N GLY P 48 -1.65 45.31 -1.77
CA GLY P 48 -1.58 46.47 -2.56
C GLY P 48 -0.96 47.55 -1.84
N ILE P 49 -0.33 47.31 -0.73
CA ILE P 49 0.35 48.33 0.07
C ILE P 49 1.83 48.04 0.41
N PRO P 50 2.77 48.96 0.07
CA PRO P 50 2.46 50.21 -0.72
C PRO P 50 1.98 49.98 -2.17
N ALA P 51 1.52 51.03 -2.84
CA ALA P 51 0.93 50.95 -4.21
C ALA P 51 1.68 50.03 -5.18
N ALA P 52 0.95 49.20 -5.92
CA ALA P 52 1.56 48.16 -6.80
C ALA P 52 2.31 48.65 -8.05
N LYS P 53 3.21 47.85 -8.58
CA LYS P 53 4.05 48.15 -9.77
C LYS P 53 3.64 47.17 -10.86
N VAL P 54 3.05 46.05 -10.47
CA VAL P 54 2.55 45.02 -11.41
C VAL P 54 1.02 45.01 -11.24
N SER Q 5 29.50 17.82 28.19
CA SER Q 5 28.81 17.04 29.21
C SER Q 5 28.15 15.81 28.60
N MET Q 6 26.93 15.97 28.09
CA MET Q 6 26.20 14.88 27.47
C MET Q 6 26.43 14.80 25.96
N THR Q 7 27.20 15.74 25.39
CA THR Q 7 27.56 15.70 23.98
C THR Q 7 29.01 15.30 23.75
N GLY Q 8 29.78 15.08 24.81
CA GLY Q 8 31.18 14.76 24.68
C GLY Q 8 32.11 15.95 24.60
N LEU Q 9 31.57 17.16 24.55
CA LEU Q 9 32.38 18.36 24.47
C LEU Q 9 32.83 18.80 25.87
N THR Q 10 34.02 19.39 25.92
CA THR Q 10 34.50 20.02 27.14
C THR Q 10 33.97 21.46 27.22
N GLU Q 11 34.15 22.08 28.38
CA GLU Q 11 33.68 23.44 28.56
C GLU Q 11 34.40 24.40 27.62
N GLN Q 12 35.72 24.27 27.48
CA GLN Q 12 36.46 25.12 26.55
C GLN Q 12 36.03 24.87 25.12
N GLU Q 13 35.81 23.61 24.76
CA GLU Q 13 35.33 23.29 23.41
C GLU Q 13 34.00 23.95 23.15
N ALA Q 14 33.08 23.87 24.12
CA ALA Q 14 31.77 24.48 23.96
C ALA Q 14 31.86 26.00 23.85
N GLN Q 15 32.73 26.62 24.67
CA GLN Q 15 32.90 28.07 24.61
C GLN Q 15 33.42 28.51 23.25
N GLU Q 16 34.43 27.81 22.73
CA GLU Q 16 35.01 28.23 21.46
C GLU Q 16 34.07 27.96 20.30
N PHE Q 17 33.34 26.83 20.34
CA PHE Q 17 32.33 26.59 19.33
C PHE Q 17 31.23 27.64 19.39
N HIS Q 18 30.84 28.05 20.59
CA HIS Q 18 29.82 29.09 20.72
C HIS Q 18 30.31 30.40 20.13
N GLY Q 19 31.57 30.76 20.37
CA GLY Q 19 32.12 31.97 19.79
C GLY Q 19 32.10 31.93 18.28
N ILE Q 20 32.57 30.82 17.69
CA ILE Q 20 32.58 30.73 16.23
C ILE Q 20 31.17 30.69 15.67
N PHE Q 21 30.25 30.01 16.37
CA PHE Q 21 28.86 29.93 15.93
C PHE Q 21 28.20 31.30 15.92
N VAL Q 22 28.47 32.14 16.87
CA VAL Q 22 27.85 33.37 16.94
C VAL Q 22 28.45 34.30 15.99
N GLN Q 23 29.73 34.21 15.80
CA GLN Q 23 30.36 35.06 14.80
C GLN Q 23 29.83 34.75 13.40
N SER Q 24 29.73 33.46 13.06
CA SER Q 24 29.19 33.08 11.75
C SER Q 24 27.74 33.48 11.60
N MET Q 25 26.95 33.32 12.67
CA MET Q 25 25.55 33.72 12.64
C MET Q 25 25.40 35.22 12.48
N THR Q 26 26.28 36.00 13.13
CA THR Q 26 26.27 37.45 12.98
C THR Q 26 26.61 37.86 11.55
N ALA Q 27 27.61 37.21 10.95
CA ALA Q 27 27.95 37.51 9.56
C ALA Q 27 26.80 37.18 8.63
N PHE Q 28 26.16 36.03 8.85
CA PHE Q 28 25.00 35.65 8.05
C PHE Q 28 23.87 36.65 8.22
N PHE Q 29 23.61 37.09 9.45
CA PHE Q 29 22.57 38.07 9.69
C PHE Q 29 22.89 39.41 9.04
N GLY Q 30 24.16 39.80 9.02
CA GLY Q 30 24.54 41.03 8.35
C GLY Q 30 24.32 40.96 6.85
N ILE Q 31 24.69 39.83 6.24
CA ILE Q 31 24.42 39.65 4.81
C ILE Q 31 22.93 39.67 4.54
N VAL Q 32 22.14 39.02 5.41
CA VAL Q 32 20.69 38.98 5.24
C VAL Q 32 20.10 40.38 5.41
N VAL Q 33 20.63 41.17 6.33
CA VAL Q 33 20.15 42.53 6.54
C VAL Q 33 20.44 43.40 5.33
N ILE Q 34 21.64 43.26 4.75
CA ILE Q 34 21.96 43.99 3.53
C ILE Q 34 21.01 43.59 2.40
N ALA Q 35 20.76 42.29 2.28
CA ALA Q 35 19.84 41.81 1.24
C ALA Q 35 18.44 42.37 1.44
N HIS Q 36 17.98 42.45 2.68
CA HIS Q 36 16.64 42.97 2.94
C HIS Q 36 16.56 44.48 2.75
N ILE Q 37 17.64 45.21 3.05
CA ILE Q 37 17.68 46.63 2.73
C ILE Q 37 17.60 46.84 1.22
N LEU Q 38 18.33 46.01 0.47
CA LEU Q 38 18.25 46.09 -0.99
C LEU Q 38 16.86 45.75 -1.49
N ALA Q 39 16.22 44.75 -0.89
CA ALA Q 39 14.87 44.36 -1.32
C ALA Q 39 13.83 45.42 -0.95
N TRP Q 40 14.03 46.13 0.16
CA TRP Q 40 13.13 47.23 0.52
C TRP Q 40 13.32 48.41 -0.43
N LEU Q 41 14.57 48.73 -0.78
CA LEU Q 41 14.80 49.78 -1.77
C LEU Q 41 14.21 49.41 -3.12
N TRP Q 42 14.33 48.14 -3.50
CA TRP Q 42 13.79 47.68 -4.78
C TRP Q 42 12.26 47.72 -4.78
N ARG Q 43 11.63 47.16 -3.76
CA ARG Q 43 10.17 47.08 -3.72
C ARG Q 43 9.69 46.91 -2.29
N PRO Q 44 9.34 48.00 -1.59
CA PRO Q 44 8.83 47.88 -0.23
C PRO Q 44 7.51 47.12 -0.19
N TRP Q 45 7.32 46.35 0.89
CA TRP Q 45 6.14 45.51 1.03
C TRP Q 45 5.15 46.03 2.06
N LEU Q 46 5.55 46.97 2.91
CA LEU Q 46 4.66 47.52 3.92
C LEU Q 46 4.49 49.03 3.71
N SER R 2 22.15 35.63 28.48
CA SER R 2 22.88 34.95 29.53
C SER R 2 24.33 34.69 29.12
N PRO R 3 25.28 35.02 30.00
CA PRO R 3 26.69 34.78 29.68
C PRO R 3 27.05 33.32 29.53
N ASP R 4 26.26 32.41 30.10
CA ASP R 4 26.51 30.98 30.01
C ASP R 4 25.71 30.31 28.90
N LEU R 5 25.37 31.07 27.86
CA LEU R 5 24.67 30.49 26.71
C LEU R 5 25.55 29.50 25.95
N TRP R 6 26.87 29.56 26.12
CA TRP R 6 27.76 28.59 25.50
C TRP R 6 27.54 27.19 26.04
N LYS R 7 26.96 27.07 27.23
CA LYS R 7 26.72 25.76 27.84
C LYS R 7 25.69 24.94 27.11
N ILE R 8 24.94 25.54 26.17
CA ILE R 8 23.95 24.80 25.41
C ILE R 8 24.58 23.73 24.54
N TRP R 9 25.84 23.89 24.17
CA TRP R 9 26.54 22.90 23.36
C TRP R 9 27.01 21.71 24.17
N LEU R 10 26.96 21.80 25.51
CA LEU R 10 27.11 20.63 26.36
C LEU R 10 25.84 19.80 26.43
N LEU R 11 24.74 20.27 25.86
CA LEU R 11 23.46 19.58 25.87
C LEU R 11 23.04 19.08 24.49
N ILE R 12 23.02 19.96 23.49
CA ILE R 12 22.67 19.60 22.12
C ILE R 12 23.94 19.48 21.31
N ASP R 13 24.03 18.43 20.50
CA ASP R 13 25.24 18.13 19.76
C ASP R 13 25.50 19.19 18.70
N PRO R 14 26.67 19.84 18.70
CA PRO R 14 26.91 20.91 17.72
C PRO R 14 26.80 20.46 16.27
N ARG R 15 27.18 19.22 15.94
CA ARG R 15 27.14 18.78 14.55
C ARG R 15 25.69 18.63 14.07
N ARG R 16 24.85 17.96 14.86
CA ARG R 16 23.44 17.83 14.48
C ARG R 16 22.76 19.19 14.43
N VAL R 17 23.09 20.08 15.37
CA VAL R 17 22.50 21.42 15.35
C VAL R 17 22.91 22.16 14.09
N LEU R 18 24.19 22.07 13.71
CA LEU R 18 24.64 22.75 12.49
C LEU R 18 23.95 22.19 11.25
N ILE R 19 23.84 20.85 11.17
CA ILE R 19 23.19 20.24 10.01
C ILE R 19 21.73 20.66 9.94
N ALA R 20 21.03 20.61 11.07
CA ALA R 20 19.63 21.00 11.10
C ALA R 20 19.45 22.48 10.75
N VAL R 21 20.34 23.34 11.26
CA VAL R 21 20.25 24.78 10.98
C VAL R 21 20.45 25.04 9.50
N PHE R 22 21.47 24.40 8.90
CA PHE R 22 21.72 24.60 7.48
C PHE R 22 20.53 24.12 6.64
N ALA R 23 20.04 22.91 6.94
CA ALA R 23 18.91 22.38 6.18
C ALA R 23 17.67 23.24 6.33
N PHE R 24 17.37 23.66 7.56
CA PHE R 24 16.18 24.47 7.80
C PHE R 24 16.28 25.83 7.12
N LEU R 25 17.46 26.46 7.18
CA LEU R 25 17.63 27.76 6.53
C LEU R 25 17.50 27.63 5.01
N THR R 26 18.05 26.56 4.43
CA THR R 26 17.90 26.35 3.01
C THR R 26 16.43 26.15 2.63
N ILE R 27 15.72 25.33 3.40
CA ILE R 27 14.30 25.09 3.12
C ILE R 27 13.51 26.38 3.29
N LEU R 28 13.83 27.17 4.30
CA LEU R 28 13.13 28.43 4.54
C LEU R 28 13.36 29.41 3.40
N GLY R 29 14.59 29.51 2.91
CA GLY R 29 14.86 30.37 1.77
C GLY R 29 14.13 29.92 0.52
N LEU R 30 14.13 28.62 0.26
CA LEU R 30 13.38 28.09 -0.88
C LEU R 30 11.90 28.41 -0.75
N ALA R 31 11.34 28.22 0.44
CA ALA R 31 9.92 28.48 0.66
C ALA R 31 9.58 29.96 0.49
N ILE R 32 10.44 30.85 0.99
CA ILE R 32 10.17 32.28 0.85
C ILE R 32 10.24 32.69 -0.61
N HIS R 33 11.23 32.19 -1.35
CA HIS R 33 11.31 32.52 -2.78
C HIS R 33 10.09 31.98 -3.54
N MET R 34 9.64 30.77 -3.23
CA MET R 34 8.39 30.27 -3.82
C MET R 34 7.18 31.11 -3.45
N ILE R 35 7.07 31.55 -2.20
CA ILE R 35 5.94 32.37 -1.81
C ILE R 35 5.95 33.68 -2.58
N LEU R 36 7.12 34.31 -2.69
CA LEU R 36 7.23 35.56 -3.43
C LEU R 36 6.90 35.36 -4.91
N LEU R 37 7.39 34.26 -5.50
CA LEU R 37 7.10 34.00 -6.91
C LEU R 37 5.65 33.64 -7.16
N SER R 38 4.94 33.10 -6.15
CA SER R 38 3.53 32.79 -6.31
C SER R 38 2.66 34.05 -6.28
N THR R 39 3.19 35.17 -5.79
CA THR R 39 2.47 36.42 -5.82
C THR R 39 2.67 37.11 -7.17
N THR R 40 1.90 38.18 -7.37
CA THR R 40 2.04 39.02 -8.56
C THR R 40 2.95 40.21 -8.33
N GLU R 41 2.86 40.83 -7.15
CA GLU R 41 3.64 42.02 -6.85
C GLU R 41 5.12 41.72 -6.65
N PHE R 42 5.47 40.51 -6.24
CA PHE R 42 6.86 40.20 -5.91
C PHE R 42 7.44 39.07 -6.74
N ASN R 43 6.75 38.62 -7.79
CA ASN R 43 7.35 37.72 -8.76
C ASN R 43 8.25 38.57 -9.67
N TRP R 44 9.52 38.67 -9.30
CA TRP R 44 10.47 39.48 -10.04
C TRP R 44 10.75 38.96 -11.43
N LEU R 45 10.36 37.73 -11.73
CA LEU R 45 10.57 37.15 -13.06
C LEU R 45 9.42 37.46 -14.01
N GLU R 46 8.18 37.51 -13.50
CA GLU R 46 7.02 37.75 -14.33
C GLU R 46 6.47 39.17 -14.20
N ASP R 47 7.13 40.04 -13.42
CA ASP R 47 6.54 41.34 -13.12
C ASP R 47 6.53 42.26 -14.33
N GLY R 48 7.37 42.00 -15.33
CA GLY R 48 7.49 42.87 -16.48
C GLY R 48 8.46 44.01 -16.34
N ILE R 49 9.30 43.94 -15.30
CA ILE R 49 10.34 44.93 -15.02
C ILE R 49 11.73 44.24 -15.00
N PRO R 50 12.68 44.74 -15.78
CA PRO R 50 12.42 45.74 -16.88
C PRO R 50 11.54 45.21 -18.00
N ALA R 51 11.11 46.12 -18.80
CA ALA R 51 10.19 45.92 -19.96
C ALA R 51 10.42 44.66 -20.80
N ALA R 52 9.40 43.85 -20.97
CA ALA R 52 9.54 42.57 -21.68
C ALA R 52 10.02 42.46 -23.15
N LYS R 53 10.47 41.31 -23.58
CA LYS R 53 11.09 41.08 -24.89
C LYS R 53 10.30 40.04 -25.56
N VAL R 54 9.63 39.30 -24.76
CA VAL R 54 8.81 38.24 -25.29
C VAL R 54 7.36 38.72 -25.08
N SER S 5 38.95 15.31 14.92
CA SER S 5 38.41 14.96 16.23
C SER S 5 37.17 14.10 16.09
N MET S 6 36.01 14.75 15.99
CA MET S 6 34.76 14.02 15.82
C MET S 6 34.69 13.33 14.46
N THR S 7 35.30 13.93 13.43
CA THR S 7 35.36 13.32 12.11
C THR S 7 36.59 12.46 11.92
N GLY S 8 37.51 12.42 12.89
CA GLY S 8 38.74 11.67 12.75
C GLY S 8 39.84 12.40 12.02
N LEU S 9 39.59 13.62 11.55
CA LEU S 9 40.60 14.39 10.84
C LEU S 9 41.57 15.04 11.82
N THR S 10 42.82 15.20 11.37
CA THR S 10 43.81 15.95 12.11
C THR S 10 43.58 17.45 11.90
N GLU S 11 44.07 18.24 12.84
CA GLU S 11 43.92 19.69 12.73
C GLU S 11 44.60 20.22 11.48
N GLN S 12 45.79 19.70 11.15
CA GLN S 12 46.44 20.06 9.89
C GLN S 12 45.60 19.61 8.70
N GLU S 13 45.04 18.40 8.78
CA GLU S 13 44.17 17.91 7.72
C GLU S 13 42.95 18.81 7.54
N ALA S 14 42.34 19.22 8.66
CA ALA S 14 41.18 20.11 8.59
C ALA S 14 41.57 21.46 8.00
N GLN S 15 42.72 21.99 8.39
CA GLN S 15 43.17 23.28 7.87
C GLN S 15 43.39 23.21 6.36
N GLU S 16 44.05 22.17 5.89
CA GLU S 16 44.35 22.08 4.47
C GLU S 16 43.09 21.79 3.65
N PHE S 17 42.19 20.95 4.18
CA PHE S 17 40.91 20.76 3.50
C PHE S 17 40.11 22.06 3.45
N HIS S 18 40.14 22.83 4.52
CA HIS S 18 39.44 24.12 4.52
C HIS S 18 40.02 25.06 3.49
N GLY S 19 41.35 25.10 3.37
CA GLY S 19 41.97 25.94 2.36
C GLY S 19 41.57 25.55 0.95
N ILE S 20 41.64 24.25 0.64
CA ILE S 20 41.27 23.81 -0.70
C ILE S 20 39.79 24.02 -0.95
N PHE S 21 38.96 23.79 0.07
CA PHE S 21 37.52 23.98 -0.04
C PHE S 21 37.18 25.42 -0.34
N VAL S 22 37.80 26.38 0.26
CA VAL S 22 37.52 27.75 0.05
C VAL S 22 38.07 28.22 -1.20
N GLN S 23 39.17 27.70 -1.62
CA GLN S 23 39.67 28.06 -2.95
C GLN S 23 38.74 27.57 -4.04
N SER S 24 38.27 26.32 -3.94
CA SER S 24 37.36 25.78 -4.94
C SER S 24 36.02 26.52 -4.92
N MET S 25 35.54 26.86 -3.72
CA MET S 25 34.30 27.62 -3.62
C MET S 25 34.45 29.02 -4.20
N THR S 26 35.62 29.65 -4.02
CA THR S 26 35.86 30.95 -4.63
C THR S 26 35.89 30.86 -6.15
N ALA S 27 36.52 29.81 -6.69
CA ALA S 27 36.53 29.63 -8.15
C ALA S 27 35.12 29.40 -8.68
N PHE S 28 34.34 28.57 -7.99
CA PHE S 28 32.96 28.33 -8.40
C PHE S 28 32.13 29.61 -8.32
N PHE S 29 32.33 30.40 -7.27
CA PHE S 29 31.60 31.65 -7.14
C PHE S 29 31.99 32.65 -8.22
N GLY S 30 33.27 32.68 -8.60
CA GLY S 30 33.69 33.55 -9.68
C GLY S 30 33.08 33.15 -11.02
N ILE S 31 33.04 31.85 -11.30
CA ILE S 31 32.39 31.38 -12.52
C ILE S 31 30.91 31.73 -12.51
N VAL S 32 30.26 31.55 -11.35
CA VAL S 32 28.84 31.88 -11.21
C VAL S 32 28.61 33.38 -11.39
N VAL S 33 29.53 34.20 -10.88
CA VAL S 33 29.40 35.65 -11.01
C VAL S 33 29.54 36.06 -12.47
N ILE S 34 30.47 35.46 -13.20
CA ILE S 34 30.60 35.74 -14.63
C ILE S 34 29.34 35.33 -15.36
N ALA S 35 28.78 34.16 -15.02
CA ALA S 35 27.55 33.70 -15.65
C ALA S 35 26.40 34.66 -15.39
N HIS S 36 26.30 35.17 -14.16
CA HIS S 36 25.20 36.07 -13.83
C HIS S 36 25.39 37.44 -14.45
N ILE S 37 26.64 37.91 -14.59
CA ILE S 37 26.88 39.15 -15.33
C ILE S 37 26.45 38.99 -16.78
N LEU S 38 26.78 37.84 -17.38
CA LEU S 38 26.34 37.58 -18.75
C LEU S 38 24.82 37.51 -18.84
N ALA S 39 24.17 36.90 -17.84
CA ALA S 39 22.71 36.81 -17.85
C ALA S 39 22.07 38.18 -17.69
N TRP S 40 22.67 39.06 -16.88
CA TRP S 40 22.15 40.41 -16.74
C TRP S 40 22.32 41.21 -18.02
N LEU S 41 23.47 41.06 -18.69
CA LEU S 41 23.67 41.73 -19.96
C LEU S 41 22.69 41.20 -21.01
N TRP S 42 22.41 39.90 -20.98
CA TRP S 42 21.48 39.30 -21.94
C TRP S 42 20.04 39.75 -21.66
N ARG S 43 19.61 39.66 -20.41
CA ARG S 43 18.21 39.96 -20.08
C ARG S 43 18.08 40.30 -18.60
N PRO S 44 18.17 41.58 -18.22
CA PRO S 44 18.04 41.94 -16.81
C PRO S 44 16.65 41.62 -16.28
N TRP S 45 16.59 41.23 -15.02
CA TRP S 45 15.35 40.81 -14.38
C TRP S 45 14.78 41.85 -13.41
N LEU S 46 15.59 42.81 -12.98
CA LEU S 46 15.14 43.86 -12.06
C LEU S 46 15.27 45.22 -12.72
N SER T 2 35.75 34.38 11.02
CA SER T 2 36.49 33.74 12.10
C SER T 2 37.70 32.99 11.57
N PRO T 3 38.88 33.29 12.13
CA PRO T 3 40.09 32.58 11.69
C PRO T 3 40.04 31.08 11.93
N ASP T 4 39.31 30.64 12.96
CA ASP T 4 39.20 29.21 13.28
C ASP T 4 38.00 28.55 12.63
N LEU T 5 37.55 29.07 11.48
CA LEU T 5 36.45 28.43 10.75
C LEU T 5 36.87 27.10 10.15
N TRP T 6 38.18 26.85 10.03
CA TRP T 6 38.65 25.56 9.53
C TRP T 6 38.32 24.42 10.48
N LYS T 7 38.05 24.72 11.74
CA LYS T 7 37.77 23.68 12.73
C LYS T 7 36.41 23.02 12.52
N ILE T 8 35.58 23.55 11.62
CA ILE T 8 34.29 22.93 11.34
C ILE T 8 34.46 21.55 10.74
N TRP T 9 35.59 21.28 10.09
CA TRP T 9 35.84 19.97 9.52
C TRP T 9 36.26 18.94 10.55
N LEU T 10 36.56 19.38 11.78
CA LEU T 10 36.69 18.45 12.90
C LEU T 10 35.33 18.05 13.47
N LEU T 11 34.24 18.65 12.98
CA LEU T 11 32.89 18.37 13.47
C LEU T 11 32.03 17.69 12.42
N ILE T 12 31.92 18.27 11.23
CA ILE T 12 31.11 17.72 10.14
C ILE T 12 32.04 17.06 9.14
N ASP T 13 31.66 15.87 8.68
CA ASP T 13 32.52 15.06 7.82
C ASP T 13 32.79 15.75 6.50
N PRO T 14 34.05 15.97 6.11
CA PRO T 14 34.32 16.64 4.83
C PRO T 14 33.75 15.90 3.62
N ARG T 15 33.78 14.56 3.61
CA ARG T 15 33.30 13.83 2.45
C ARG T 15 31.77 13.91 2.35
N ARG T 16 31.08 13.72 3.46
CA ARG T 16 29.63 13.84 3.47
C ARG T 16 29.21 15.25 3.11
N VAL T 17 29.94 16.25 3.61
CA VAL T 17 29.62 17.64 3.29
C VAL T 17 29.83 17.91 1.81
N LEU T 18 30.92 17.39 1.23
CA LEU T 18 31.17 17.59 -0.19
C LEU T 18 30.08 16.95 -1.03
N ILE T 19 29.69 15.72 -0.69
CA ILE T 19 28.63 15.03 -1.44
C ILE T 19 27.32 15.81 -1.34
N ALA T 20 26.96 16.24 -0.14
CA ALA T 20 25.72 16.97 0.05
C ALA T 20 25.74 18.30 -0.69
N VAL T 21 26.89 19.01 -0.65
CA VAL T 21 27.00 20.30 -1.32
C VAL T 21 26.87 20.12 -2.83
N PHE T 22 27.55 19.14 -3.40
CA PHE T 22 27.47 18.92 -4.84
C PHE T 22 26.06 18.54 -5.25
N ALA T 23 25.43 17.63 -4.51
CA ALA T 23 24.06 17.23 -4.85
C ALA T 23 23.10 18.40 -4.73
N PHE T 24 23.21 19.19 -3.66
CA PHE T 24 22.31 20.32 -3.47
C PHE T 24 22.51 21.37 -4.54
N LEU T 25 23.76 21.64 -4.92
CA LEU T 25 24.01 22.63 -5.96
C LEU T 25 23.47 22.17 -7.30
N THR T 26 23.62 20.88 -7.62
CA THR T 26 23.05 20.35 -8.86
C THR T 26 21.53 20.48 -8.87
N ILE T 27 20.89 20.08 -7.77
CA ILE T 27 19.43 20.19 -7.69
C ILE T 27 18.98 21.63 -7.76
N LEU T 28 19.73 22.54 -7.13
CA LEU T 28 19.39 23.95 -7.15
C LEU T 28 19.51 24.53 -8.56
N GLY T 29 20.58 24.18 -9.27
CA GLY T 29 20.71 24.65 -10.64
C GLY T 29 19.60 24.12 -11.55
N LEU T 30 19.27 22.83 -11.39
CA LEU T 30 18.16 22.27 -12.17
C LEU T 30 16.86 22.98 -11.85
N ALA T 31 16.60 23.24 -10.57
CA ALA T 31 15.37 23.92 -10.17
C ALA T 31 15.31 25.34 -10.73
N ILE T 32 16.42 26.07 -10.68
CA ILE T 32 16.43 27.43 -11.21
C ILE T 32 16.19 27.42 -12.72
N HIS T 33 16.82 26.49 -13.43
CA HIS T 33 16.60 26.41 -14.88
C HIS T 33 15.15 26.05 -15.20
N MET T 34 14.55 25.13 -14.44
CA MET T 34 13.12 24.85 -14.59
C MET T 34 12.26 26.09 -14.32
N ILE T 35 12.55 26.83 -13.25
CA ILE T 35 11.75 28.00 -12.94
C ILE T 35 11.84 29.03 -14.06
N LEU T 36 13.05 29.25 -14.57
CA LEU T 36 13.21 30.17 -15.69
C LEU T 36 12.47 29.70 -16.93
N LEU T 37 12.55 28.39 -17.22
CA LEU T 37 11.86 27.85 -18.38
C LEU T 37 10.35 27.84 -18.20
N SER T 38 9.86 27.85 -16.96
CA SER T 38 8.43 27.91 -16.71
C SER T 38 7.86 29.30 -16.93
N THR T 39 8.71 30.31 -16.97
CA THR T 39 8.28 31.68 -17.25
C THR T 39 8.29 31.93 -18.75
N THR T 40 7.59 33.00 -19.15
CA THR T 40 7.59 33.41 -20.54
C THR T 40 8.75 34.36 -20.85
N GLU T 41 9.11 35.22 -19.89
CA GLU T 41 10.14 36.22 -20.14
C GLU T 41 11.54 35.62 -20.15
N PHE T 42 11.75 34.48 -19.48
CA PHE T 42 13.09 33.93 -19.34
C PHE T 42 13.21 32.52 -19.88
N ASN T 43 12.23 32.04 -20.65
CA ASN T 43 12.36 30.79 -21.38
C ASN T 43 13.13 31.09 -22.67
N TRP T 44 14.45 30.94 -22.62
CA TRP T 44 15.31 31.25 -23.76
C TRP T 44 15.09 30.30 -24.93
N LEU T 45 14.38 29.20 -24.72
CA LEU T 45 14.10 28.25 -25.81
C LEU T 45 12.86 28.63 -26.59
N GLU T 46 11.84 29.05 -25.86
CA GLU T 46 10.56 29.33 -26.45
C GLU T 46 10.36 30.80 -26.70
N ASP T 47 11.36 31.62 -26.45
CA ASP T 47 11.22 33.09 -26.57
C ASP T 47 11.00 33.76 -27.94
N GLY T 48 11.55 33.23 -29.01
CA GLY T 48 11.45 33.83 -30.30
C GLY T 48 12.72 34.51 -30.63
N ILE T 49 13.76 34.34 -29.83
CA ILE T 49 15.04 35.01 -30.03
C ILE T 49 16.22 34.05 -29.98
N PRO T 50 17.04 34.03 -31.04
CA PRO T 50 16.74 34.75 -32.31
C PRO T 50 15.48 34.30 -33.06
N ALA T 51 15.02 35.12 -33.98
CA ALA T 51 13.80 34.82 -34.78
C ALA T 51 13.56 33.36 -35.21
N ALA T 52 12.36 32.86 -35.00
CA ALA T 52 12.06 31.44 -35.27
C ALA T 52 12.10 30.81 -36.68
N LYS T 53 12.07 29.50 -36.77
CA LYS T 53 12.20 28.77 -38.03
C LYS T 53 11.04 27.86 -38.11
N VAL T 54 10.50 27.52 -36.97
CA VAL T 54 9.33 26.68 -36.90
C VAL T 54 8.23 27.58 -36.33
N SER U 5 43.86 7.84 1.66
CA SER U 5 43.58 8.09 3.07
C SER U 5 42.38 7.29 3.54
N MET U 6 41.19 7.91 3.49
CA MET U 6 39.97 7.24 3.90
C MET U 6 39.33 6.45 2.77
N THR U 7 39.83 6.57 1.54
CA THR U 7 39.36 5.77 0.42
C THR U 7 40.23 4.55 0.17
N GLY U 8 41.33 4.39 0.92
CA GLY U 8 42.25 3.30 0.70
C GLY U 8 43.26 3.54 -0.40
N LEU U 9 43.22 4.69 -1.06
CA LEU U 9 44.14 5.01 -2.15
C LEU U 9 45.42 5.64 -1.62
N THR U 10 46.52 5.36 -2.29
CA THR U 10 47.79 6.01 -2.00
C THR U 10 47.80 7.40 -2.64
N GLU U 11 48.70 8.25 -2.16
CA GLU U 11 48.81 9.60 -2.71
C GLU U 11 49.20 9.56 -4.18
N GLN U 12 50.14 8.69 -4.55
CA GLN U 12 50.50 8.52 -5.95
C GLN U 12 49.32 8.02 -6.76
N GLU U 13 48.56 7.06 -6.21
CA GLU U 13 47.36 6.58 -6.88
C GLU U 13 46.36 7.70 -7.08
N ALA U 14 46.17 8.53 -6.06
CA ALA U 14 45.23 9.66 -6.17
C ALA U 14 45.70 10.65 -7.23
N GLN U 15 46.99 10.95 -7.28
CA GLN U 15 47.51 11.88 -8.28
C GLN U 15 47.32 11.33 -9.70
N GLU U 16 47.62 10.04 -9.89
CA GLU U 16 47.48 9.48 -11.24
C GLU U 16 46.03 9.40 -11.66
N PHE U 17 45.13 9.02 -10.73
CA PHE U 17 43.71 9.03 -11.05
C PHE U 17 43.24 10.43 -11.37
N HIS U 18 43.71 11.43 -10.63
CA HIS U 18 43.32 12.81 -10.90
C HIS U 18 43.78 13.26 -12.27
N GLY U 19 45.00 12.88 -12.66
CA GLY U 19 45.48 13.24 -13.98
C GLY U 19 44.65 12.61 -15.09
N ILE U 20 44.38 11.31 -14.97
CA ILE U 20 43.59 10.65 -16.01
C ILE U 20 42.16 11.17 -16.02
N PHE U 21 41.61 11.47 -14.84
CA PHE U 21 40.26 12.00 -14.72
C PHE U 21 40.16 13.37 -15.39
N VAL U 22 41.10 14.22 -15.23
CA VAL U 22 41.05 15.52 -15.77
C VAL U 22 41.31 15.45 -17.22
N GLN U 23 42.16 14.57 -17.69
CA GLN U 23 42.34 14.41 -19.14
C GLN U 23 41.05 13.95 -19.81
N SER U 24 40.38 12.96 -19.22
CA SER U 24 39.13 12.47 -19.79
C SER U 24 38.05 13.54 -19.74
N MET U 25 37.99 14.31 -18.65
CA MET U 25 37.03 15.40 -18.55
C MET U 25 37.31 16.48 -19.58
N THR U 26 38.57 16.79 -19.84
CA THR U 26 38.91 17.77 -20.86
C THR U 26 38.52 17.29 -22.24
N ALA U 27 38.76 16.01 -22.53
CA ALA U 27 38.35 15.47 -23.84
C ALA U 27 36.83 15.52 -24.00
N PHE U 28 36.10 15.11 -22.96
CA PHE U 28 34.65 15.17 -23.00
C PHE U 28 34.15 16.60 -23.16
N PHE U 29 34.78 17.54 -22.46
CA PHE U 29 34.38 18.94 -22.56
C PHE U 29 34.67 19.50 -23.95
N GLY U 30 35.79 19.09 -24.57
CA GLY U 30 36.07 19.53 -25.92
C GLY U 30 35.06 18.99 -26.92
N ILE U 31 34.70 17.72 -26.78
CA ILE U 31 33.66 17.16 -27.65
C ILE U 31 32.34 17.90 -27.46
N VAL U 32 31.99 18.20 -26.20
CA VAL U 32 30.78 18.93 -25.90
C VAL U 32 30.82 20.33 -26.51
N VAL U 33 31.99 20.98 -26.46
CA VAL U 33 32.14 22.31 -27.00
C VAL U 33 31.96 22.29 -28.52
N ILE U 34 32.53 21.30 -29.19
CA ILE U 34 32.33 21.17 -30.63
C ILE U 34 30.86 20.94 -30.95
N ALA U 35 30.20 20.08 -30.17
CA ALA U 35 28.78 19.82 -30.39
C ALA U 35 27.94 21.09 -30.20
N HIS U 36 28.29 21.91 -29.20
CA HIS U 36 27.53 23.14 -28.96
C HIS U 36 27.82 24.19 -30.01
N ILE U 37 29.04 24.24 -30.54
CA ILE U 37 29.33 25.12 -31.67
C ILE U 37 28.50 24.72 -32.88
N LEU U 38 28.41 23.40 -33.13
CA LEU U 38 27.59 22.92 -34.23
C LEU U 38 26.11 23.25 -34.00
N ALA U 39 25.64 23.14 -32.76
CA ALA U 39 24.25 23.45 -32.46
C ALA U 39 23.96 24.94 -32.57
N TRP U 40 24.95 25.79 -32.27
CA TRP U 40 24.76 27.22 -32.43
C TRP U 40 24.77 27.62 -33.91
N LEU U 41 25.63 26.99 -34.71
CA LEU U 41 25.60 27.22 -36.15
C LEU U 41 24.29 26.75 -36.74
N TRP U 42 23.79 25.60 -36.28
CA TRP U 42 22.53 25.06 -36.77
C TRP U 42 21.36 25.95 -36.39
N ARG U 43 21.24 26.30 -35.11
CA ARG U 43 20.09 27.06 -34.64
C ARG U 43 20.43 27.79 -33.35
N PRO U 44 20.90 29.04 -33.44
CA PRO U 44 21.22 29.79 -32.21
C PRO U 44 19.98 30.00 -31.35
N TRP U 45 20.17 29.92 -30.04
CA TRP U 45 19.06 30.03 -29.09
C TRP U 45 19.00 31.37 -28.37
N LEU U 46 20.06 32.17 -28.44
CA LEU U 46 20.08 33.48 -27.81
C LEU U 46 20.31 34.57 -28.86
N SER V 2 43.68 25.09 -7.34
CA SER V 2 44.51 24.52 -6.29
C SER V 2 45.35 23.36 -6.81
N PRO V 3 46.66 23.42 -6.58
CA PRO V 3 47.52 22.31 -7.03
C PRO V 3 47.29 21.01 -6.29
N ASP V 4 46.69 21.06 -5.10
CA ASP V 4 46.43 19.89 -4.29
C ASP V 4 45.00 19.36 -4.47
N LEU V 5 44.36 19.69 -5.58
CA LEU V 5 43.01 19.20 -5.84
C LEU V 5 42.98 17.68 -6.05
N TRP V 6 44.12 17.06 -6.35
CA TRP V 6 44.17 15.62 -6.49
C TRP V 6 43.86 14.90 -5.17
N LYS V 7 44.04 15.59 -4.04
CA LYS V 7 43.79 14.99 -2.73
C LYS V 7 42.32 14.70 -2.49
N ILE V 8 41.41 15.20 -3.34
CA ILE V 8 39.99 14.91 -3.18
C ILE V 8 39.70 13.43 -3.34
N TRP V 9 40.54 12.70 -4.08
CA TRP V 9 40.34 11.27 -4.27
C TRP V 9 40.81 10.45 -3.07
N LEU V 10 41.43 11.10 -2.07
CA LEU V 10 41.67 10.48 -0.79
C LEU V 10 40.46 10.56 0.13
N LEU V 11 39.41 11.28 -0.25
CA LEU V 11 38.20 11.44 0.54
C LEU V 11 36.98 10.77 -0.11
N ILE V 12 36.73 11.05 -1.39
CA ILE V 12 35.60 10.46 -2.10
C ILE V 12 36.12 9.33 -2.96
N ASP V 13 35.41 8.20 -2.94
CA ASP V 13 35.88 7.00 -3.62
C ASP V 13 35.86 7.20 -5.14
N PRO V 14 37.00 7.04 -5.82
CA PRO V 14 37.02 7.29 -7.27
C PRO V 14 36.02 6.47 -8.06
N ARG V 15 35.80 5.19 -7.71
CA ARG V 15 34.85 4.38 -8.45
C ARG V 15 33.43 4.88 -8.26
N ARG V 16 33.06 5.22 -7.02
CA ARG V 16 31.72 5.74 -6.77
C ARG V 16 31.51 7.07 -7.48
N VAL V 17 32.52 7.95 -7.46
CA VAL V 17 32.40 9.23 -8.16
C VAL V 17 32.28 9.01 -9.66
N LEU V 18 33.04 8.08 -10.22
CA LEU V 18 32.94 7.80 -11.65
C LEU V 18 31.56 7.28 -12.02
N ILE V 19 31.02 6.35 -11.23
CA ILE V 19 29.69 5.80 -11.50
C ILE V 19 28.64 6.90 -11.41
N ALA V 20 28.70 7.71 -10.35
CA ALA V 20 27.73 8.79 -10.17
C ALA V 20 27.83 9.82 -11.28
N VAL V 21 29.05 10.17 -11.68
CA VAL V 21 29.23 11.16 -12.74
C VAL V 21 28.68 10.64 -14.05
N PHE V 22 28.98 9.39 -14.40
CA PHE V 22 28.48 8.84 -15.66
C PHE V 22 26.95 8.77 -15.65
N ALA V 23 26.36 8.29 -14.55
CA ALA V 23 24.90 8.22 -14.47
C ALA V 23 24.27 9.59 -14.54
N PHE V 24 24.82 10.57 -13.81
CA PHE V 24 24.27 11.91 -13.80
C PHE V 24 24.38 12.56 -15.18
N LEU V 25 25.51 12.37 -15.86
CA LEU V 25 25.68 12.95 -17.18
C LEU V 25 24.72 12.31 -18.19
N THR V 26 24.51 11.00 -18.09
CA THR V 26 23.54 10.35 -18.98
C THR V 26 22.13 10.89 -18.73
N ILE V 27 21.73 10.99 -17.46
CA ILE V 27 20.41 11.51 -17.13
C ILE V 27 20.27 12.95 -17.58
N LEU V 28 21.33 13.74 -17.41
CA LEU V 28 21.30 15.14 -17.82
C LEU V 28 21.16 15.29 -19.33
N GLY V 29 21.90 14.48 -20.08
CA GLY V 29 21.75 14.53 -21.53
C GLY V 29 20.37 14.12 -21.99
N LEU V 30 19.82 13.05 -21.39
CA LEU V 30 18.46 12.64 -21.72
C LEU V 30 17.47 13.75 -21.40
N ALA V 31 17.62 14.39 -20.23
CA ALA V 31 16.72 15.45 -19.84
C ALA V 31 16.80 16.65 -20.78
N ILE V 32 18.01 17.03 -21.18
CA ILE V 32 18.16 18.17 -22.09
C ILE V 32 17.53 17.85 -23.44
N HIS V 33 17.79 16.65 -23.96
CA HIS V 33 17.19 16.28 -25.25
C HIS V 33 15.66 16.26 -25.15
N MET V 34 15.12 15.77 -24.04
CA MET V 34 13.67 15.78 -23.84
C MET V 34 13.13 17.21 -23.76
N ILE V 35 13.83 18.11 -23.06
CA ILE V 35 13.38 19.49 -22.96
C ILE V 35 13.37 20.14 -24.33
N LEU V 36 14.42 19.89 -25.12
CA LEU V 36 14.46 20.45 -26.47
C LEU V 36 13.35 19.89 -27.34
N LEU V 37 13.06 18.58 -27.22
CA LEU V 37 12.00 17.99 -28.01
C LEU V 37 10.62 18.48 -27.57
N SER V 38 10.48 18.87 -26.30
CA SER V 38 9.19 19.37 -25.83
C SER V 38 8.88 20.76 -26.34
N THR V 39 9.85 21.45 -26.94
CA THR V 39 9.63 22.75 -27.53
C THR V 39 9.30 22.61 -29.02
N THR V 40 8.92 23.72 -29.62
CA THR V 40 8.67 23.78 -31.06
C THR V 40 9.89 24.25 -31.85
N GLU V 41 10.65 25.21 -31.30
CA GLU V 41 11.79 25.77 -32.03
C GLU V 41 12.96 24.79 -32.09
N PHE V 42 13.07 23.87 -31.13
CA PHE V 42 14.23 22.99 -31.05
C PHE V 42 13.89 21.51 -31.11
N ASN V 43 12.65 21.16 -31.46
CA ASN V 43 12.32 19.78 -31.78
C ASN V 43 12.76 19.52 -33.22
N TRP V 44 13.99 19.03 -33.38
CA TRP V 44 14.57 18.82 -34.71
C TRP V 44 13.87 17.71 -35.49
N LEU V 45 13.02 16.93 -34.84
CA LEU V 45 12.30 15.86 -35.53
C LEU V 45 10.96 16.33 -36.10
N GLU V 46 10.29 17.25 -35.43
CA GLU V 46 8.99 17.75 -35.85
C GLU V 46 9.05 19.19 -36.33
N ASP V 47 10.26 19.73 -36.58
CA ASP V 47 10.38 21.12 -36.96
C ASP V 47 9.96 21.36 -38.41
N GLY V 48 10.08 20.34 -39.26
CA GLY V 48 9.75 20.48 -40.66
C GLY V 48 10.94 20.77 -41.56
N ILE V 49 12.11 20.67 -40.95
CA ILE V 49 13.38 20.82 -41.67
C ILE V 49 14.29 19.58 -41.56
N PRO V 50 14.74 19.03 -42.70
CA PRO V 50 14.30 19.51 -44.05
C PRO V 50 12.88 19.20 -44.37
N ALA V 51 12.38 19.84 -45.36
CA ALA V 51 10.97 19.73 -45.84
C ALA V 51 10.32 18.32 -45.78
N ALA V 52 9.15 18.18 -45.18
CA ALA V 52 8.49 16.87 -44.98
C ALA V 52 8.07 15.92 -46.13
N LYS V 53 7.75 14.68 -45.85
CA LYS V 53 7.53 13.61 -46.83
C LYS V 53 6.25 13.09 -46.43
N VAL V 54 5.96 13.32 -45.20
CA VAL V 54 4.76 12.84 -44.64
C VAL V 54 4.06 14.12 -44.18
N SER W 5 43.26 -4.54 -9.27
CA SER W 5 43.51 -4.01 -7.93
C SER W 5 42.23 -4.00 -7.11
N MET W 6 41.44 -2.93 -7.25
CA MET W 6 40.18 -2.84 -6.52
C MET W 6 39.16 -3.84 -7.05
N THR W 7 39.21 -4.15 -8.35
CA THR W 7 38.33 -5.15 -8.93
C THR W 7 38.93 -6.54 -8.93
N GLY W 8 40.17 -6.70 -8.49
CA GLY W 8 40.84 -7.98 -8.49
C GLY W 8 41.54 -8.34 -9.78
N LEU W 9 41.41 -7.52 -10.82
CA LEU W 9 42.07 -7.78 -12.08
C LEU W 9 43.56 -7.44 -12.01
N THR W 10 44.35 -8.21 -12.76
CA THR W 10 45.75 -7.89 -12.94
C THR W 10 45.91 -6.76 -13.95
N GLU W 11 47.08 -6.12 -13.93
CA GLU W 11 47.32 -5.02 -14.87
C GLU W 11 47.29 -5.51 -16.30
N GLN W 12 47.80 -6.71 -16.56
CA GLN W 12 47.82 -7.29 -17.92
C GLN W 12 46.40 -7.60 -18.35
N GLU W 13 45.60 -8.15 -17.45
CA GLU W 13 44.24 -8.41 -17.76
C GLU W 13 43.30 -7.21 -17.92
N ALA W 14 43.66 -6.02 -17.47
CA ALA W 14 42.89 -4.83 -17.59
C ALA W 14 43.26 -4.20 -18.82
N GLN W 15 44.46 -4.45 -19.25
CA GLN W 15 44.93 -3.89 -20.47
C GLN W 15 44.49 -4.73 -21.58
N GLU W 16 44.14 -5.96 -21.25
CA GLU W 16 43.65 -6.90 -22.27
C GLU W 16 42.16 -6.66 -22.42
N PHE W 17 41.44 -6.61 -21.30
CA PHE W 17 40.09 -6.27 -21.41
C PHE W 17 39.96 -4.94 -22.10
N HIS W 18 40.83 -3.98 -21.86
CA HIS W 18 40.63 -2.66 -22.44
C HIS W 18 40.80 -2.70 -23.95
N GLY W 19 41.79 -3.44 -24.43
CA GLY W 19 41.97 -3.57 -25.87
C GLY W 19 40.77 -4.21 -26.55
N ILE W 20 40.27 -5.32 -25.99
CA ILE W 20 39.11 -5.97 -26.59
C ILE W 20 37.87 -5.09 -26.48
N PHE W 21 37.73 -4.38 -25.36
CA PHE W 21 36.60 -3.49 -25.15
C PHE W 21 36.60 -2.36 -26.18
N VAL W 22 37.72 -1.78 -26.50
CA VAL W 22 37.82 -0.67 -27.42
C VAL W 22 37.70 -1.15 -28.80
N GLN W 23 38.12 -2.36 -29.08
CA GLN W 23 37.88 -2.92 -30.41
C GLN W 23 36.39 -3.19 -30.65
N SER W 24 35.72 -3.79 -29.66
CA SER W 24 34.29 -4.06 -29.81
C SER W 24 33.50 -2.76 -29.89
N MET W 25 33.86 -1.77 -29.08
CA MET W 25 33.18 -0.48 -29.13
C MET W 25 33.39 0.21 -30.47
N THR W 26 34.59 0.10 -31.04
CA THR W 26 34.85 0.67 -32.35
C THR W 26 34.01 -0.02 -33.43
N ALA W 27 33.91 -1.35 -33.37
CA ALA W 27 33.09 -2.07 -34.34
C ALA W 27 31.63 -1.68 -34.22
N PHE W 28 31.12 -1.59 -32.98
CA PHE W 28 29.74 -1.18 -32.75
C PHE W 28 29.51 0.24 -33.27
N PHE W 29 30.46 1.14 -33.01
CA PHE W 29 30.32 2.52 -33.48
C PHE W 29 30.36 2.59 -34.99
N GLY W 30 31.16 1.74 -35.64
CA GLY W 30 31.18 1.72 -37.09
C GLY W 30 29.87 1.25 -37.68
N ILE W 31 29.29 0.19 -37.09
CA ILE W 31 27.98 -0.27 -37.52
C ILE W 31 26.93 0.82 -37.33
N VAL W 32 27.00 1.51 -36.18
CA VAL W 32 26.06 2.60 -35.90
C VAL W 32 26.24 3.74 -36.90
N VAL W 33 27.49 4.04 -37.27
CA VAL W 33 27.75 5.11 -38.23
C VAL W 33 27.19 4.74 -39.59
N ILE W 34 27.36 3.48 -40.02
CA ILE W 34 26.77 3.06 -41.29
C ILE W 34 25.25 3.17 -41.23
N ALA W 35 24.65 2.76 -40.11
CA ALA W 35 23.20 2.86 -39.97
C ALA W 35 22.74 4.30 -40.03
N HIS W 36 23.48 5.22 -39.42
CA HIS W 36 23.09 6.63 -39.41
C HIS W 36 23.30 7.27 -40.78
N ILE W 37 24.32 6.86 -41.52
CA ILE W 37 24.48 7.32 -42.90
C ILE W 37 23.30 6.85 -43.74
N LEU W 38 22.89 5.59 -43.56
CA LEU W 38 21.72 5.09 -44.28
C LEU W 38 20.46 5.85 -43.91
N ALA W 39 20.30 6.17 -42.61
CA ALA W 39 19.14 6.92 -42.17
C ALA W 39 19.13 8.35 -42.73
N TRP W 40 20.30 8.99 -42.79
CA TRP W 40 20.39 10.32 -43.38
C TRP W 40 20.06 10.30 -44.86
N LEU W 41 20.57 9.29 -45.59
CA LEU W 41 20.21 9.15 -46.99
C LEU W 41 18.72 8.89 -47.16
N TRP W 42 18.13 8.09 -46.27
CA TRP W 42 16.70 7.80 -46.33
C TRP W 42 15.87 9.03 -46.02
N ARG W 43 16.17 9.72 -44.92
CA ARG W 43 15.37 10.87 -44.50
C ARG W 43 16.18 11.78 -43.59
N PRO W 44 16.83 12.81 -44.13
CA PRO W 44 17.59 13.73 -43.28
C PRO W 44 16.69 14.47 -42.30
N TRP W 45 17.20 14.70 -41.09
CA TRP W 45 16.44 15.33 -40.04
C TRP W 45 16.83 16.78 -39.79
N LEU W 46 17.98 17.21 -40.30
CA LEU W 46 18.43 18.58 -40.13
C LEU W 46 18.58 19.27 -41.49
N SER X 2 44.18 9.33 -22.97
CA SER X 2 45.23 8.97 -22.03
C SER X 2 45.74 7.55 -22.29
N PRO X 3 47.07 7.40 -22.32
CA PRO X 3 47.64 6.05 -22.52
C PRO X 3 47.25 5.06 -21.43
N ASP X 4 47.05 5.53 -20.20
CA ASP X 4 46.72 4.67 -19.08
C ASP X 4 45.23 4.60 -18.81
N LEU X 5 44.41 4.72 -19.85
CA LEU X 5 42.96 4.59 -19.68
C LEU X 5 42.55 3.15 -19.39
N TRP X 6 43.43 2.19 -19.64
CA TRP X 6 43.14 0.80 -19.32
C TRP X 6 43.03 0.56 -17.83
N LYS X 7 43.62 1.43 -17.01
CA LYS X 7 43.60 1.27 -15.56
C LYS X 7 42.21 1.48 -14.97
N ILE X 8 41.25 1.96 -15.75
CA ILE X 8 39.89 2.14 -15.24
C ILE X 8 39.27 0.80 -14.87
N TRP X 9 39.73 -0.28 -15.49
CA TRP X 9 39.20 -1.61 -15.18
C TRP X 9 39.78 -2.18 -13.89
N LEU X 10 40.81 -1.53 -13.33
CA LEU X 10 41.22 -1.82 -11.97
C LEU X 10 40.35 -1.14 -10.93
N LEU X 11 39.42 -0.29 -11.36
CA LEU X 11 38.52 0.44 -10.48
C LEU X 11 37.07 -0.01 -10.59
N ILE X 12 36.53 -0.03 -11.81
CA ILE X 12 35.17 -0.48 -12.05
C ILE X 12 35.22 -1.89 -12.63
N ASP X 13 34.37 -2.77 -12.10
CA ASP X 13 34.42 -4.18 -12.47
C ASP X 13 34.03 -4.36 -13.93
N PRO X 14 34.88 -4.99 -14.75
CA PRO X 14 34.55 -5.12 -16.18
C PRO X 14 33.22 -5.82 -16.45
N ARG X 15 32.86 -6.82 -15.64
CA ARG X 15 31.61 -7.53 -15.87
C ARG X 15 30.40 -6.63 -15.62
N ARG X 16 30.39 -5.91 -14.50
CA ARG X 16 29.28 -5.02 -14.21
C ARG X 16 29.19 -3.88 -15.22
N VAL X 17 30.35 -3.35 -15.65
CA VAL X 17 30.34 -2.30 -16.67
C VAL X 17 29.78 -2.84 -17.98
N LEU X 18 30.18 -4.07 -18.36
CA LEU X 18 29.63 -4.66 -19.59
C LEU X 18 28.13 -4.85 -19.50
N ILE X 19 27.64 -5.36 -18.37
CA ILE X 19 26.21 -5.59 -18.21
C ILE X 19 25.44 -4.27 -18.27
N ALA X 20 25.95 -3.27 -17.54
CA ALA X 20 25.28 -1.97 -17.52
C ALA X 20 25.31 -1.31 -18.90
N VAL X 21 26.44 -1.42 -19.61
CA VAL X 21 26.55 -0.81 -20.93
C VAL X 21 25.57 -1.47 -21.89
N PHE X 22 25.50 -2.80 -21.88
CA PHE X 22 24.59 -3.51 -22.78
C PHE X 22 23.14 -3.14 -22.47
N ALA X 23 22.77 -3.15 -21.18
CA ALA X 23 21.39 -2.82 -20.82
C ALA X 23 21.06 -1.38 -21.18
N PHE X 24 21.97 -0.44 -20.91
CA PHE X 24 21.73 0.96 -21.22
C PHE X 24 21.62 1.19 -22.72
N LEU X 25 22.46 0.53 -23.51
CA LEU X 25 22.40 0.69 -24.96
C LEU X 25 21.09 0.12 -25.51
N THR X 26 20.65 -1.03 -25.00
CA THR X 26 19.36 -1.58 -25.43
C THR X 26 18.22 -0.64 -25.07
N ILE X 27 18.22 -0.11 -23.84
CA ILE X 27 17.16 0.81 -23.43
C ILE X 27 17.19 2.07 -24.27
N LEU X 28 18.38 2.59 -24.55
CA LEU X 28 18.51 3.80 -25.35
C LEU X 28 18.00 3.57 -26.77
N GLY X 29 18.34 2.43 -27.37
CA GLY X 29 17.84 2.13 -28.70
C GLY X 29 16.33 2.00 -28.74
N LEU X 30 15.76 1.31 -27.74
CA LEU X 30 14.30 1.21 -27.66
C LEU X 30 13.68 2.59 -27.52
N ALA X 31 14.28 3.45 -26.69
CA ALA X 31 13.75 4.80 -26.49
C ALA X 31 13.81 5.62 -27.77
N ILE X 32 14.91 5.53 -28.51
CA ILE X 32 15.03 6.30 -29.75
C ILE X 32 14.02 5.82 -30.77
N HIS X 33 13.85 4.50 -30.91
CA HIS X 33 12.86 4.00 -31.85
C HIS X 33 11.44 4.41 -31.45
N MET X 34 11.12 4.39 -30.15
CA MET X 34 9.84 4.92 -29.69
C MET X 34 9.68 6.41 -30.00
N ILE X 35 10.73 7.21 -29.79
CA ILE X 35 10.63 8.64 -30.07
C ILE X 35 10.37 8.87 -31.55
N LEU X 36 11.06 8.12 -32.41
CA LEU X 36 10.85 8.25 -33.85
C LEU X 36 9.45 7.80 -34.25
N LEU X 37 8.94 6.72 -33.64
CA LEU X 37 7.61 6.25 -33.96
C LEU X 37 6.52 7.17 -33.42
N SER X 38 6.81 7.96 -32.39
CA SER X 38 5.83 8.90 -31.85
C SER X 38 5.69 10.16 -32.69
N THR X 39 6.62 10.40 -33.61
CA THR X 39 6.51 11.53 -34.53
C THR X 39 5.83 11.09 -35.82
N THR X 40 5.44 12.09 -36.62
CA THR X 40 4.82 11.81 -37.90
C THR X 40 5.87 11.73 -39.02
N GLU X 41 6.90 12.57 -38.95
CA GLU X 41 7.90 12.61 -40.01
C GLU X 41 8.82 11.39 -39.99
N PHE X 42 8.94 10.69 -38.87
CA PHE X 42 9.89 9.60 -38.77
C PHE X 42 9.27 8.28 -38.31
N ASN X 43 7.94 8.17 -38.31
CA ASN X 43 7.27 6.89 -38.13
C ASN X 43 7.28 6.16 -39.46
N TRP X 44 8.30 5.33 -39.69
CA TRP X 44 8.46 4.63 -40.95
C TRP X 44 7.36 3.61 -41.20
N LEU X 45 6.57 3.26 -40.19
CA LEU X 45 5.49 2.30 -40.36
C LEU X 45 4.19 2.95 -40.78
N GLU X 46 3.92 4.18 -40.33
CA GLU X 46 2.68 4.87 -40.63
C GLU X 46 2.89 6.06 -41.57
N ASP X 47 4.09 6.20 -42.15
CA ASP X 47 4.39 7.35 -42.99
C ASP X 47 3.72 7.28 -44.36
N GLY X 48 3.24 6.11 -44.77
CA GLY X 48 2.64 5.94 -46.08
C GLY X 48 3.60 5.70 -47.21
N ILE X 49 4.89 5.52 -46.88
CA ILE X 49 5.93 5.17 -47.83
C ILE X 49 6.60 3.83 -47.54
N PRO X 50 6.59 2.91 -48.50
CA PRO X 50 5.84 3.06 -49.80
C PRO X 50 4.35 3.03 -49.71
N ALA X 51 3.77 3.42 -50.80
CA ALA X 51 2.32 3.67 -50.93
C ALA X 51 1.41 2.58 -50.30
N ALA X 52 0.50 2.96 -49.44
CA ALA X 52 -0.33 1.99 -48.70
C ALA X 52 -1.26 0.94 -49.40
N LYS X 53 -1.70 -0.11 -48.74
CA LYS X 53 -2.44 -1.25 -49.28
C LYS X 53 -3.64 -1.31 -48.47
N VAL X 54 -3.55 -0.76 -47.31
CA VAL X 54 -4.64 -0.76 -46.40
C VAL X 54 -4.96 0.73 -46.30
N SER Y 5 37.49 -18.25 -15.22
CA SER Y 5 38.04 -17.35 -14.22
C SER Y 5 36.95 -16.83 -13.29
N MET Y 6 36.37 -15.69 -13.65
CA MET Y 6 35.28 -15.13 -12.85
C MET Y 6 34.03 -16.01 -12.92
N THR Y 7 33.81 -16.66 -14.06
CA THR Y 7 32.67 -17.57 -14.22
C THR Y 7 33.00 -19.01 -13.85
N GLY Y 8 34.26 -19.32 -13.56
CA GLY Y 8 34.66 -20.67 -13.28
C GLY Y 8 34.91 -21.54 -14.50
N LEU Y 9 34.71 -21.01 -15.70
CA LEU Y 9 34.95 -21.76 -16.92
C LEU Y 9 36.43 -21.81 -17.25
N THR Y 10 36.84 -22.88 -17.91
CA THR Y 10 38.19 -22.98 -18.44
C THR Y 10 38.29 -22.25 -19.77
N GLU Y 11 39.52 -21.95 -20.18
CA GLU Y 11 39.73 -21.28 -21.46
C GLU Y 11 39.21 -22.12 -22.62
N GLN Y 12 39.46 -23.43 -22.58
CA GLN Y 12 38.90 -24.33 -23.59
C GLN Y 12 37.38 -24.35 -23.51
N GLU Y 13 36.83 -24.37 -22.29
CA GLU Y 13 35.39 -24.33 -22.12
C GLU Y 13 34.80 -23.05 -22.70
N ALA Y 14 35.45 -21.91 -22.41
CA ALA Y 14 34.97 -20.64 -22.95
C ALA Y 14 35.07 -20.61 -24.47
N GLN Y 15 36.16 -21.14 -25.03
CA GLN Y 15 36.32 -21.16 -26.49
C GLN Y 15 35.23 -22.00 -27.15
N GLU Y 16 34.95 -23.18 -26.59
CA GLU Y 16 33.94 -24.05 -27.20
C GLU Y 16 32.54 -23.46 -27.04
N PHE Y 17 32.25 -22.86 -25.89
CA PHE Y 17 30.97 -22.19 -25.72
C PHE Y 17 30.83 -21.03 -26.69
N HIS Y 18 31.90 -20.27 -26.90
CA HIS Y 18 31.87 -19.17 -27.84
C HIS Y 18 31.62 -19.66 -29.26
N GLY Y 19 32.25 -20.77 -29.65
CA GLY Y 19 32.02 -21.32 -30.97
C GLY Y 19 30.58 -21.75 -31.17
N ILE Y 20 30.02 -22.48 -30.21
CA ILE Y 20 28.64 -22.93 -30.34
C ILE Y 20 27.69 -21.75 -30.28
N PHE Y 21 28.00 -20.75 -29.45
CA PHE Y 21 27.17 -19.56 -29.34
C PHE Y 21 27.13 -18.79 -30.64
N VAL Y 22 28.21 -18.65 -31.36
CA VAL Y 22 28.25 -17.92 -32.55
C VAL Y 22 27.67 -18.68 -33.65
N GLN Y 23 27.80 -19.97 -33.63
CA GLN Y 23 27.12 -20.77 -34.64
C GLN Y 23 25.60 -20.67 -34.50
N SER Y 24 25.10 -20.79 -33.28
CA SER Y 24 23.66 -20.69 -33.05
C SER Y 24 23.14 -19.29 -33.37
N MET Y 25 23.92 -18.26 -33.01
CA MET Y 25 23.53 -16.89 -33.31
C MET Y 25 23.51 -16.65 -34.81
N THR Y 26 24.47 -17.21 -35.55
CA THR Y 26 24.47 -17.09 -37.00
C THR Y 26 23.27 -17.79 -37.62
N ALA Y 27 22.91 -18.97 -37.12
CA ALA Y 27 21.72 -19.66 -37.62
C ALA Y 27 20.46 -18.85 -37.36
N PHE Y 28 20.34 -18.30 -36.15
CA PHE Y 28 19.19 -17.46 -35.81
C PHE Y 28 19.14 -16.22 -36.69
N PHE Y 29 20.30 -15.61 -36.94
CA PHE Y 29 20.35 -14.42 -37.80
C PHE Y 29 19.99 -14.76 -39.23
N GLY Y 30 20.40 -15.94 -39.72
CA GLY Y 30 20.01 -16.34 -41.06
C GLY Y 30 18.51 -16.56 -41.19
N ILE Y 31 17.92 -17.21 -40.19
CA ILE Y 31 16.46 -17.39 -40.19
C ILE Y 31 15.77 -16.03 -40.14
N VAL Y 32 16.27 -15.12 -39.32
CA VAL Y 32 15.70 -13.77 -39.21
C VAL Y 32 15.83 -13.04 -40.54
N VAL Y 33 16.96 -13.20 -41.22
CA VAL Y 33 17.18 -12.54 -42.51
C VAL Y 33 16.20 -13.07 -43.55
N ILE Y 34 15.97 -14.39 -43.57
CA ILE Y 34 15.00 -14.95 -44.50
C ILE Y 34 13.61 -14.43 -44.19
N ALA Y 35 13.25 -14.36 -42.90
CA ALA Y 35 11.94 -13.84 -42.51
C ALA Y 35 11.77 -12.38 -42.94
N HIS Y 36 12.82 -11.58 -42.79
CA HIS Y 36 12.73 -10.18 -43.18
C HIS Y 36 12.70 -9.99 -44.68
N ILE Y 37 13.39 -10.86 -45.43
CA ILE Y 37 13.28 -10.82 -46.89
C ILE Y 37 11.85 -11.15 -47.31
N LEU Y 38 11.25 -12.16 -46.68
CA LEU Y 38 9.85 -12.49 -46.97
C LEU Y 38 8.93 -11.33 -46.62
N ALA Y 39 9.19 -10.66 -45.48
CA ALA Y 39 8.38 -9.52 -45.08
C ALA Y 39 8.52 -8.36 -46.06
N TRP Y 40 9.73 -8.12 -46.56
CA TRP Y 40 9.94 -7.06 -47.54
C TRP Y 40 9.22 -7.38 -48.85
N LEU Y 41 9.30 -8.63 -49.31
CA LEU Y 41 8.56 -9.02 -50.50
C LEU Y 41 7.06 -8.89 -50.27
N TRP Y 42 6.61 -9.17 -49.05
CA TRP Y 42 5.19 -9.05 -48.71
C TRP Y 42 4.75 -7.60 -48.69
N ARG Y 43 5.44 -6.76 -47.92
CA ARG Y 43 5.02 -5.38 -47.72
C ARG Y 43 6.22 -4.54 -47.33
N PRO Y 44 6.86 -3.88 -48.29
CA PRO Y 44 7.99 -2.99 -47.96
C PRO Y 44 7.54 -1.85 -47.07
N TRP Y 45 8.41 -1.48 -46.13
CA TRP Y 45 8.12 -0.42 -45.18
C TRP Y 45 8.88 0.87 -45.45
N LEU Y 46 9.91 0.80 -46.30
CA LEU Y 46 10.73 1.98 -46.60
C LEU Y 46 10.58 2.37 -48.05
N SER Z 2 37.71 -9.02 -32.80
CA SER Z 2 38.78 -9.46 -31.90
C SER Z 2 38.84 -10.98 -31.83
N PRO Z 3 40.02 -11.55 -32.10
CA PRO Z 3 40.15 -13.02 -32.03
C PRO Z 3 39.94 -13.57 -30.63
N ASP Z 4 40.16 -12.76 -29.59
CA ASP Z 4 40.00 -13.19 -28.22
C ASP Z 4 38.63 -12.81 -27.65
N LEU Z 5 37.62 -12.68 -28.50
CA LEU Z 5 36.28 -12.38 -28.03
C LEU Z 5 35.66 -13.55 -27.26
N TRP Z 6 36.23 -14.74 -27.39
CA TRP Z 6 35.76 -15.88 -26.61
C TRP Z 6 36.01 -15.71 -25.12
N LYS Z 7 36.93 -14.83 -24.74
CA LYS Z 7 37.27 -14.62 -23.34
C LYS Z 7 36.17 -13.90 -22.57
N ILE Z 8 35.15 -13.38 -23.25
CA ILE Z 8 34.07 -12.70 -22.57
C ILE Z 8 33.29 -13.64 -21.67
N TRP Z 9 33.34 -14.94 -21.95
CA TRP Z 9 32.64 -15.93 -21.14
C TRP Z 9 33.39 -16.28 -19.86
N LEU Z 10 34.59 -15.71 -19.67
CA LEU Z 10 35.29 -15.80 -18.40
C LEU Z 10 34.85 -14.75 -17.41
N LEU Z 11 34.03 -13.78 -17.83
CA LEU Z 11 33.50 -12.75 -16.94
C LEU Z 11 32.00 -12.85 -16.73
N ILE Z 12 31.22 -12.90 -17.81
CA ILE Z 12 29.76 -12.98 -17.72
C ILE Z 12 29.37 -14.45 -17.81
N ASP Z 13 28.50 -14.88 -16.91
CA ASP Z 13 28.14 -16.29 -16.81
C ASP Z 13 27.41 -16.75 -18.07
N PRO Z 14 27.92 -17.76 -18.79
CA PRO Z 14 27.26 -18.18 -20.02
C PRO Z 14 25.80 -18.58 -19.84
N ARG Z 15 25.46 -19.24 -18.73
CA ARG Z 15 24.06 -19.62 -18.50
C ARG Z 15 23.19 -18.39 -18.30
N ARG Z 16 23.65 -17.44 -17.48
CA ARG Z 16 22.89 -16.21 -17.26
C ARG Z 16 22.74 -15.41 -18.55
N VAL Z 17 23.80 -15.34 -19.35
CA VAL Z 17 23.73 -14.64 -20.63
C VAL Z 17 22.73 -15.33 -21.55
N LEU Z 18 22.76 -16.66 -21.59
CA LEU Z 18 21.82 -17.38 -22.46
C LEU Z 18 20.38 -17.13 -22.04
N ILE Z 19 20.11 -17.19 -20.73
CA ILE Z 19 18.75 -16.97 -20.24
C ILE Z 19 18.30 -15.54 -20.56
N ALA Z 20 19.17 -14.57 -20.29
CA ALA Z 20 18.82 -13.17 -20.54
C ALA Z 20 18.60 -12.92 -22.03
N VAL Z 21 19.45 -13.50 -22.88
CA VAL Z 21 19.33 -13.31 -24.32
C VAL Z 21 18.04 -13.91 -24.83
N PHE Z 22 17.70 -15.12 -24.39
CA PHE Z 22 16.45 -15.74 -24.83
C PHE Z 22 15.24 -14.92 -24.38
N ALA Z 23 15.24 -14.50 -23.12
CA ALA Z 23 14.12 -13.71 -22.62
C ALA Z 23 13.99 -12.38 -23.35
N PHE Z 24 15.12 -11.69 -23.56
CA PHE Z 24 15.09 -10.41 -24.23
C PHE Z 24 14.65 -10.55 -25.68
N LEU Z 25 15.11 -11.60 -26.37
CA LEU Z 25 14.70 -11.79 -27.76
C LEU Z 25 13.21 -12.10 -27.86
N THR Z 26 12.69 -12.92 -26.93
CA THR Z 26 11.25 -13.20 -26.93
C THR Z 26 10.45 -11.93 -26.67
N ILE Z 27 10.86 -11.14 -25.68
CA ILE Z 27 10.14 -9.91 -25.37
C ILE Z 27 10.23 -8.92 -26.53
N LEU Z 28 11.40 -8.86 -27.18
CA LEU Z 28 11.56 -7.96 -28.32
C LEU Z 28 10.66 -8.38 -29.48
N GLY Z 29 10.58 -9.68 -29.77
CA GLY Z 29 9.68 -10.14 -30.81
C GLY Z 29 8.23 -9.84 -30.50
N LEU Z 30 7.82 -10.06 -29.25
CA LEU Z 30 6.46 -9.74 -28.85
C LEU Z 30 6.18 -8.25 -29.00
N ALA Z 31 7.13 -7.40 -28.59
CA ALA Z 31 6.95 -5.96 -28.71
C ALA Z 31 6.87 -5.52 -30.16
N ILE Z 32 7.70 -6.09 -31.04
CA ILE Z 32 7.65 -5.73 -32.45
C ILE Z 32 6.31 -6.13 -33.04
N HIS Z 33 5.81 -7.32 -32.69
CA HIS Z 33 4.51 -7.75 -33.20
C HIS Z 33 3.39 -6.85 -32.69
N MET Z 34 3.46 -6.43 -31.42
CA MET Z 34 2.50 -5.45 -30.90
C MET Z 34 2.56 -4.14 -31.67
N ILE Z 35 3.77 -3.65 -31.95
CA ILE Z 35 3.91 -2.38 -32.66
C ILE Z 35 3.31 -2.50 -34.06
N LEU Z 36 3.59 -3.62 -34.75
CA LEU Z 36 3.07 -3.82 -36.09
C LEU Z 36 1.55 -3.95 -36.09
N LEU Z 37 1.00 -4.68 -35.12
CA LEU Z 37 -0.45 -4.85 -35.05
C LEU Z 37 -1.16 -3.57 -34.62
N SER Z 38 -0.47 -2.68 -33.91
CA SER Z 38 -1.08 -1.43 -33.51
C SER Z 38 -1.22 -0.44 -34.66
N THR Z 39 -0.49 -0.65 -35.76
CA THR Z 39 -0.61 0.17 -36.94
C THR Z 39 -1.66 -0.41 -37.88
N THR Z 40 -2.09 0.42 -38.83
CA THR Z 40 -3.01 -0.03 -39.86
C THR Z 40 -2.30 -0.63 -41.06
N GLU Z 41 -1.11 -0.11 -41.40
CA GLU Z 41 -0.40 -0.56 -42.59
C GLU Z 41 0.14 -1.97 -42.44
N PHE Z 42 0.51 -2.39 -41.23
CA PHE Z 42 1.19 -3.66 -41.03
C PHE Z 42 0.45 -4.58 -40.08
N ASN Z 43 -0.83 -4.32 -39.83
CA ASN Z 43 -1.68 -5.28 -39.11
C ASN Z 43 -2.19 -6.29 -40.13
N TRP Z 44 -1.48 -7.41 -40.25
CA TRP Z 44 -1.83 -8.45 -41.21
C TRP Z 44 -3.15 -9.13 -40.88
N LEU Z 45 -3.68 -8.94 -39.68
CA LEU Z 45 -4.95 -9.52 -39.29
C LEU Z 45 -6.13 -8.65 -39.68
N GLU Z 46 -5.97 -7.33 -39.65
CA GLU Z 46 -7.05 -6.40 -39.96
C GLU Z 46 -6.87 -5.68 -41.29
N ASP Z 47 -5.87 -6.05 -42.08
CA ASP Z 47 -5.59 -5.31 -43.30
C ASP Z 47 -6.60 -5.56 -44.42
N GLY Z 48 -7.42 -6.60 -44.31
CA GLY Z 48 -8.37 -6.92 -45.35
C GLY Z 48 -7.80 -7.72 -46.49
N ILE Z 49 -6.53 -8.17 -46.35
CA ILE Z 49 -5.86 -9.05 -47.32
C ILE Z 49 -5.52 -10.44 -46.70
N PRO Z 50 -5.95 -11.56 -47.34
CA PRO Z 50 -6.87 -11.49 -48.52
C PRO Z 50 -8.29 -11.00 -48.21
N ALA Z 51 -9.09 -10.74 -49.24
CA ALA Z 51 -10.48 -10.20 -49.09
C ALA Z 51 -11.28 -10.81 -47.93
N ALA Z 52 -11.93 -9.98 -47.12
CA ALA Z 52 -12.62 -10.44 -45.88
C ALA Z 52 -13.88 -11.29 -46.07
N LYS Z 53 -14.25 -12.08 -45.06
CA LYS Z 53 -15.40 -13.02 -45.06
C LYS Z 53 -16.40 -12.51 -44.04
N VAL Z 54 -15.92 -11.69 -43.11
CA VAL Z 54 -16.77 -11.09 -42.04
C VAL Z 54 -16.70 -9.57 -42.24
N SER AA 5 27.62 -30.87 -16.09
CA SER AA 5 28.62 -29.96 -15.56
C SER AA 5 28.06 -29.15 -14.39
N MET AA 6 27.56 -27.96 -14.68
CA MET AA 6 26.98 -27.11 -13.65
C MET AA 6 25.51 -27.44 -13.37
N THR AA 7 24.91 -28.32 -14.17
CA THR AA 7 23.56 -28.80 -13.91
C THR AA 7 23.52 -30.16 -13.22
N GLY AA 8 24.68 -30.79 -13.03
CA GLY AA 8 24.73 -32.12 -12.45
C GLY AA 8 24.54 -33.25 -13.42
N LEU AA 9 24.27 -32.96 -14.68
CA LEU AA 9 24.05 -34.00 -15.67
C LEU AA 9 25.38 -34.51 -16.22
N THR AA 10 25.37 -35.78 -16.63
CA THR AA 10 26.50 -36.37 -17.32
C THR AA 10 26.39 -36.04 -18.82
N GLU AA 11 27.51 -36.22 -19.54
CA GLU AA 11 27.50 -35.98 -20.97
C GLU AA 11 26.54 -36.91 -21.69
N GLN AA 12 26.52 -38.19 -21.29
CA GLN AA 12 25.55 -39.13 -21.86
C GLN AA 12 24.12 -38.72 -21.51
N GLU AA 13 23.90 -38.30 -20.26
CA GLU AA 13 22.58 -37.84 -19.85
C GLU AA 13 22.14 -36.64 -20.67
N ALA AA 14 23.04 -35.67 -20.86
CA ALA AA 14 22.72 -34.49 -21.66
C ALA AA 14 22.44 -34.87 -23.11
N GLN AA 15 23.23 -35.79 -23.66
CA GLN AA 15 23.03 -36.22 -25.04
C GLN AA 15 21.66 -36.87 -25.23
N GLU AA 16 21.28 -37.76 -24.31
CA GLU AA 16 20.02 -38.47 -24.48
C GLU AA 16 18.83 -37.55 -24.20
N PHE AA 17 18.96 -36.65 -23.22
CA PHE AA 17 17.93 -35.65 -23.03
C PHE AA 17 17.77 -34.76 -24.25
N HIS AA 18 18.88 -34.37 -24.88
CA HIS AA 18 18.82 -33.55 -26.08
C HIS AA 18 18.13 -34.30 -27.21
N GLY AA 19 18.42 -35.58 -27.36
CA GLY AA 19 17.74 -36.36 -28.38
C GLY AA 19 16.24 -36.43 -28.17
N ILE AA 20 15.83 -36.72 -26.93
CA ILE AA 20 14.39 -36.80 -26.65
C ILE AA 20 13.74 -35.43 -26.79
N PHE AA 21 14.45 -34.38 -26.38
CA PHE AA 21 13.93 -33.01 -26.48
C PHE AA 21 13.73 -32.61 -27.93
N VAL AA 22 14.63 -32.91 -28.82
CA VAL AA 22 14.50 -32.56 -30.17
C VAL AA 22 13.48 -33.39 -30.83
N GLN AA 23 13.34 -34.65 -30.48
CA GLN AA 23 12.26 -35.45 -31.05
C GLN AA 23 10.89 -34.90 -30.65
N SER AA 24 10.72 -34.54 -29.38
CA SER AA 24 9.46 -33.96 -28.93
C SER AA 24 9.20 -32.61 -29.60
N MET AA 25 10.26 -31.81 -29.77
CA MET AA 25 10.12 -30.55 -30.49
C MET AA 25 9.68 -30.78 -31.93
N THR AA 26 10.24 -31.79 -32.59
CA THR AA 26 9.85 -32.09 -33.96
C THR AA 26 8.39 -32.52 -34.03
N ALA AA 27 7.95 -33.36 -33.09
CA ALA AA 27 6.55 -33.79 -33.07
C ALA AA 27 5.61 -32.61 -32.85
N PHE AA 28 5.95 -31.76 -31.88
CA PHE AA 28 5.12 -30.58 -31.60
C PHE AA 28 5.10 -29.63 -32.79
N PHE AA 29 6.25 -29.46 -33.45
CA PHE AA 29 6.32 -28.59 -34.61
C PHE AA 29 5.50 -29.15 -35.78
N GLY AA 30 5.52 -30.46 -35.97
CA GLY AA 30 4.70 -31.06 -37.00
C GLY AA 30 3.23 -30.89 -36.75
N ILE AA 31 2.80 -31.06 -35.50
CA ILE AA 31 1.39 -30.84 -35.14
C ILE AA 31 1.03 -29.38 -35.39
N VAL AA 32 1.91 -28.46 -34.99
CA VAL AA 32 1.66 -27.03 -35.19
C VAL AA 32 1.58 -26.71 -36.69
N VAL AA 33 2.45 -27.33 -37.49
CA VAL AA 33 2.45 -27.10 -38.93
C VAL AA 33 1.14 -27.58 -39.56
N ILE AA 34 0.67 -28.77 -39.14
CA ILE AA 34 -0.60 -29.26 -39.65
C ILE AA 34 -1.74 -28.31 -39.25
N ALA AA 35 -1.71 -27.83 -38.01
CA ALA AA 35 -2.74 -26.89 -37.56
C ALA AA 35 -2.71 -25.61 -38.38
N HIS AA 36 -1.51 -25.11 -38.70
CA HIS AA 36 -1.41 -23.87 -39.47
C HIS AA 36 -1.80 -24.08 -40.93
N ILE AA 37 -1.52 -25.25 -41.49
CA ILE AA 37 -2.01 -25.56 -42.83
C ILE AA 37 -3.54 -25.59 -42.85
N LEU AA 38 -4.14 -26.19 -41.82
CA LEU AA 38 -5.60 -26.18 -41.71
C LEU AA 38 -6.14 -24.76 -41.56
N ALA AA 39 -5.44 -23.92 -40.78
CA ALA AA 39 -5.87 -22.54 -40.61
C ALA AA 39 -5.76 -21.75 -41.91
N TRP AA 40 -4.70 -21.98 -42.68
CA TRP AA 40 -4.57 -21.30 -43.96
C TRP AA 40 -5.63 -21.75 -44.95
N LEU AA 41 -5.93 -23.05 -44.98
CA LEU AA 41 -7.01 -23.53 -45.83
C LEU AA 41 -8.35 -22.96 -45.41
N TRP AA 42 -8.57 -22.84 -44.09
CA TRP AA 42 -9.82 -22.29 -43.59
C TRP AA 42 -9.93 -20.80 -43.87
N ARG AA 43 -8.89 -20.03 -43.56
CA ARG AA 43 -8.94 -18.59 -43.72
C ARG AA 43 -7.54 -18.01 -43.83
N PRO AA 44 -7.01 -17.85 -45.04
CA PRO AA 44 -5.67 -17.27 -45.19
C PRO AA 44 -5.61 -15.84 -44.69
N TRP AA 45 -4.48 -15.47 -44.08
CA TRP AA 45 -4.31 -14.15 -43.49
C TRP AA 45 -3.42 -13.23 -44.30
N LEU AA 46 -2.68 -13.76 -45.28
CA LEU AA 46 -1.82 -12.93 -46.11
C LEU AA 46 -2.21 -13.05 -47.58
N SER BA 2 24.94 -26.94 -34.73
CA SER BA 2 26.17 -27.45 -34.13
C SER BA 2 25.97 -28.87 -33.61
N PRO BA 3 26.92 -29.77 -33.93
CA PRO BA 3 26.83 -31.15 -33.43
C PRO BA 3 26.82 -31.23 -31.92
N ASP BA 4 27.50 -30.32 -31.23
CA ASP BA 4 27.59 -30.32 -29.77
C ASP BA 4 26.55 -29.43 -29.12
N LEU BA 5 25.39 -29.27 -29.76
CA LEU BA 5 24.31 -28.49 -29.15
C LEU BA 5 23.71 -29.19 -27.94
N TRP BA 6 23.96 -30.49 -27.78
CA TRP BA 6 23.49 -31.21 -26.60
C TRP BA 6 24.16 -30.72 -25.33
N LYS BA 7 25.34 -30.09 -25.43
CA LYS BA 7 26.08 -29.63 -24.28
C LYS BA 7 25.38 -28.49 -23.54
N ILE BA 8 24.34 -27.90 -24.14
CA ILE BA 8 23.62 -26.82 -23.46
C ILE BA 8 22.92 -27.32 -22.21
N TRP BA 9 22.60 -28.61 -22.13
CA TRP BA 9 21.98 -29.16 -20.94
C TRP BA 9 22.97 -29.40 -19.82
N LEU BA 10 24.27 -29.34 -20.10
CA LEU BA 10 25.28 -29.24 -19.06
C LEU BA 10 25.36 -27.84 -18.47
N LEU BA 11 24.65 -26.86 -19.05
CA LEU BA 11 24.69 -25.48 -18.63
C LEU BA 11 23.37 -25.00 -18.03
N ILE BA 12 22.26 -25.20 -18.74
CA ILE BA 12 20.93 -24.82 -18.27
C ILE BA 12 20.20 -26.08 -17.81
N ASP BA 13 19.52 -25.97 -16.66
CA ASP BA 13 18.89 -27.13 -16.05
C ASP BA 13 17.76 -27.65 -16.94
N PRO BA 14 17.81 -28.91 -17.36
CA PRO BA 14 16.76 -29.43 -18.25
C PRO BA 14 15.36 -29.33 -17.68
N ARG BA 15 15.18 -29.55 -16.38
CA ARG BA 15 13.84 -29.51 -15.79
C ARG BA 15 13.30 -28.08 -15.75
N ARG BA 16 14.14 -27.13 -15.35
CA ARG BA 16 13.73 -25.73 -15.35
C ARG BA 16 13.43 -25.24 -16.76
N VAL BA 17 14.23 -25.65 -17.73
CA VAL BA 17 13.97 -25.30 -19.12
C VAL BA 17 12.66 -25.90 -19.60
N LEU BA 18 12.38 -27.16 -19.24
CA LEU BA 18 11.12 -27.78 -19.63
C LEU BA 18 9.93 -27.02 -19.05
N ILE BA 19 10.00 -26.68 -17.75
CA ILE BA 19 8.91 -25.94 -17.13
C ILE BA 19 8.72 -24.59 -17.80
N ALA BA 20 9.82 -23.88 -18.05
CA ALA BA 20 9.73 -22.56 -18.67
C ALA BA 20 9.18 -22.66 -20.09
N VAL BA 21 9.62 -23.67 -20.86
CA VAL BA 21 9.17 -23.82 -22.23
C VAL BA 21 7.68 -24.13 -22.27
N PHE BA 22 7.23 -25.05 -21.41
CA PHE BA 22 5.81 -25.40 -21.40
C PHE BA 22 4.95 -24.21 -20.98
N ALA BA 23 5.36 -23.50 -19.92
CA ALA BA 23 4.60 -22.34 -19.48
C ALA BA 23 4.56 -21.26 -20.55
N PHE BA 24 5.71 -20.97 -21.18
CA PHE BA 24 5.75 -19.95 -22.20
C PHE BA 24 4.91 -20.33 -23.41
N LEU BA 25 4.96 -21.60 -23.82
CA LEU BA 25 4.17 -22.02 -24.97
C LEU BA 25 2.68 -21.93 -24.67
N THR BA 26 2.26 -22.33 -23.47
CA THR BA 26 0.85 -22.20 -23.10
C THR BA 26 0.42 -20.74 -23.09
N ILE BA 27 1.23 -19.86 -22.50
CA ILE BA 27 0.90 -18.45 -22.45
C ILE BA 27 0.84 -17.87 -23.86
N LEU BA 28 1.77 -18.27 -24.72
CA LEU BA 28 1.81 -17.79 -26.10
C LEU BA 28 0.58 -18.23 -26.87
N GLY BA 29 0.16 -19.49 -26.71
CA GLY BA 29 -1.05 -19.95 -27.36
C GLY BA 29 -2.29 -19.22 -26.88
N LEU BA 30 -2.39 -19.02 -25.57
CA LEU BA 30 -3.51 -18.24 -25.03
C LEU BA 30 -3.52 -16.83 -25.61
N ALA BA 31 -2.33 -16.21 -25.69
CA ALA BA 31 -2.23 -14.85 -26.20
C ALA BA 31 -2.62 -14.77 -27.68
N ILE BA 32 -2.20 -15.75 -28.48
CA ILE BA 32 -2.55 -15.74 -29.89
C ILE BA 32 -4.05 -15.93 -30.08
N HIS BA 33 -4.66 -16.85 -29.32
CA HIS BA 33 -6.10 -17.04 -29.43
C HIS BA 33 -6.86 -15.79 -29.02
N MET BA 34 -6.42 -15.12 -27.94
CA MET BA 34 -7.02 -13.83 -27.57
C MET BA 34 -6.83 -12.76 -28.65
N ILE BA 35 -5.65 -12.69 -29.25
CA ILE BA 35 -5.44 -11.69 -30.31
C ILE BA 35 -6.36 -11.96 -31.48
N LEU BA 36 -6.51 -13.22 -31.88
CA LEU BA 36 -7.39 -13.55 -32.98
C LEU BA 36 -8.86 -13.28 -32.63
N LEU BA 37 -9.26 -13.55 -31.39
CA LEU BA 37 -10.64 -13.30 -30.99
C LEU BA 37 -10.92 -11.81 -30.87
N SER BA 38 -9.90 -11.00 -30.59
CA SER BA 38 -10.10 -9.56 -30.52
C SER BA 38 -10.33 -8.94 -31.89
N THR BA 39 -9.91 -9.61 -32.95
CA THR BA 39 -10.16 -9.14 -34.30
C THR BA 39 -11.56 -9.55 -34.76
N THR BA 40 -12.00 -8.93 -35.86
CA THR BA 40 -13.25 -9.33 -36.49
C THR BA 40 -13.03 -10.37 -37.58
N GLU BA 41 -11.90 -10.29 -38.28
CA GLU BA 41 -11.64 -11.19 -39.39
C GLU BA 41 -11.38 -12.62 -38.93
N PHE BA 42 -10.88 -12.81 -37.71
CA PHE BA 42 -10.47 -14.12 -37.26
C PHE BA 42 -11.11 -14.56 -35.95
N ASN BA 43 -12.11 -13.85 -35.44
CA ASN BA 43 -12.92 -14.37 -34.31
C ASN BA 43 -13.90 -15.35 -34.93
N TRP BA 44 -13.61 -16.65 -34.90
CA TRP BA 44 -14.35 -17.70 -35.47
C TRP BA 44 -15.57 -18.06 -34.73
N LEU BA 45 -15.76 -17.42 -33.68
CA LEU BA 45 -16.87 -17.61 -32.89
C LEU BA 45 -17.92 -16.56 -33.10
N GLU BA 46 -17.50 -15.36 -33.40
CA GLU BA 46 -18.42 -14.27 -33.62
C GLU BA 46 -18.44 -13.93 -35.07
N ASP BA 47 -17.92 -14.82 -35.92
CA ASP BA 47 -17.82 -14.55 -37.38
C ASP BA 47 -19.12 -14.57 -38.20
N GLY BA 48 -20.05 -15.44 -37.89
CA GLY BA 48 -21.26 -15.58 -38.63
C GLY BA 48 -21.15 -16.85 -39.38
N ILE BA 49 -20.05 -17.58 -39.27
CA ILE BA 49 -19.83 -18.81 -40.05
C ILE BA 49 -19.57 -20.02 -39.15
N PRO BA 50 -20.38 -21.08 -39.30
CA PRO BA 50 -21.57 -21.14 -40.20
C PRO BA 50 -22.72 -20.26 -39.74
N ALA BA 51 -23.68 -20.03 -40.60
CA ALA BA 51 -24.87 -19.17 -40.28
C ALA BA 51 -25.53 -19.23 -38.90
N ALA BA 52 -25.73 -18.07 -38.30
CA ALA BA 52 -26.26 -18.02 -36.93
C ALA BA 52 -27.67 -18.53 -36.56
N LYS BA 53 -27.90 -18.74 -35.28
CA LYS BA 53 -29.15 -19.30 -34.78
C LYS BA 53 -29.66 -18.29 -33.82
N VAL BA 54 -28.76 -17.48 -33.29
CA VAL BA 54 -29.11 -16.44 -32.37
C VAL BA 54 -28.81 -15.13 -33.10
#